data_5SJR
#
_entry.id   5SJR
#
_cell.length_a   135.360
_cell.length_b   135.360
_cell.length_c   235.790
_cell.angle_alpha   90.000
_cell.angle_beta   90.000
_cell.angle_gamma   120.000
#
_symmetry.space_group_name_H-M   'H 3'
#
loop_
_entity.id
_entity.type
_entity.pdbx_description
1 polymer "cAMP and cAMP-inhibited cGMP 3',5'-cyclic phosphodiesterase 10A"
2 non-polymer "N-[3-cyano-2-(2'-ethoxy[1,1'-biphenyl]-4-yl)-6-fluoroquinolin-4-yl]-D-alanine"
3 non-polymer 'ZINC ION'
4 non-polymer 'MAGNESIUM ION'
5 non-polymer 'CHLORIDE ION'
6 non-polymer GLYCEROL
7 water water
#
_entity_poly.entity_id   1
_entity_poly.type   'polypeptide(L)'
_entity_poly.pdbx_seq_one_letter_code
;GSSICTSEEWQGLMQFTLPVRLCKEIELFHFDIGPFENMWPGIFVYMVHRSCGTSCFELEKL(CME)RFIMSVKKNYRRV
PYHNWKHAVTVAHCMYAILQNNHTLFTDLERKGLLIACLCHDLDHRGFSNSYLQKFDHPLAALYSTSTMEQHHFSQTVSI
LQLEGHNIFSTLSSSEYEQVLEIIRKAIIATDLALYFGNRKQLEEMYQTGSLNLNNQSHRDRVIGLMMTACDLCSVTKLW
PVTKLTANDIYAEFWAEGDEMKKLGIQPIPMMDRDKKDEVPQGQLGFYNAVAIPCYTTLTQILPPTEPLLKACRDNLSQW
EKVIRGEETATWISSPSVAQKAAASED
;
_entity_poly.pdbx_strand_id   A,B,C,D
#
loop_
_chem_comp.id
_chem_comp.type
_chem_comp.name
_chem_comp.formula
CL non-polymer 'CHLORIDE ION' 'Cl -1'
GOL non-polymer GLYCEROL 'C3 H8 O3'
K63 non-polymer N-[3-cyano-2-(2'-ethoxy[1,1'-biphenyl]-4-yl)-6-fluoroquinolin-4-yl]-D-alanine 'C27 H22 F N3 O3'
MG non-polymer 'MAGNESIUM ION' 'Mg 2'
ZN non-polymer 'ZINC ION' 'Zn 2'
#
# COMPACT_ATOMS: atom_id res chain seq x y z
N GLY A 12 41.25 -21.53 -8.84
CA GLY A 12 41.72 -21.87 -7.46
C GLY A 12 42.67 -20.82 -6.89
N LEU A 13 43.42 -20.11 -7.76
CA LEU A 13 44.19 -18.87 -7.42
C LEU A 13 43.21 -17.71 -7.23
N MET A 14 42.05 -18.01 -6.62
CA MET A 14 40.89 -17.12 -6.44
C MET A 14 40.63 -16.97 -4.94
N GLN A 15 41.61 -16.35 -4.26
CA GLN A 15 41.52 -15.96 -2.82
C GLN A 15 40.38 -14.95 -2.66
N PHE A 16 39.25 -15.42 -2.11
CA PHE A 16 38.21 -14.57 -1.47
C PHE A 16 38.86 -13.57 -0.51
N THR A 17 38.49 -12.28 -0.62
CA THR A 17 38.85 -11.22 0.37
C THR A 17 37.60 -10.45 0.83
N LEU A 18 37.77 -9.71 1.92
CA LEU A 18 36.73 -8.85 2.52
C LEU A 18 37.30 -7.45 2.53
N PRO A 19 36.44 -6.42 2.61
CA PRO A 19 36.91 -5.08 2.94
C PRO A 19 37.72 -5.11 4.23
N VAL A 20 38.66 -4.17 4.34
CA VAL A 20 39.63 -4.04 5.46
C VAL A 20 38.93 -4.18 6.82
N ARG A 21 37.91 -3.38 7.14
CA ARG A 21 37.32 -3.43 8.51
C ARG A 21 36.89 -4.86 8.85
N LEU A 22 36.28 -5.58 7.88
CA LEU A 22 35.80 -6.97 8.04
C LEU A 22 37.01 -7.88 8.11
N CYS A 23 37.95 -7.73 7.18
CA CYS A 23 39.14 -8.62 7.14
CA CYS A 23 39.19 -8.57 7.12
C CYS A 23 39.76 -8.67 8.54
N LYS A 24 39.83 -7.54 9.25
CA LYS A 24 40.40 -7.50 10.62
C LYS A 24 39.42 -8.01 11.69
N GLU A 25 38.22 -7.47 11.73
CA GLU A 25 37.26 -7.76 12.83
CA GLU A 25 37.23 -7.76 12.79
C GLU A 25 36.77 -9.22 12.71
N ILE A 26 36.79 -9.82 11.53
CA ILE A 26 36.24 -11.20 11.39
C ILE A 26 37.08 -12.17 12.25
N GLU A 27 38.31 -11.79 12.58
CA GLU A 27 39.25 -12.67 13.31
C GLU A 27 38.88 -12.70 14.78
N LEU A 28 38.12 -11.72 15.25
CA LEU A 28 37.80 -11.56 16.71
C LEU A 28 36.48 -12.23 17.03
N PHE A 29 36.37 -12.71 18.26
CA PHE A 29 35.24 -13.55 18.72
C PHE A 29 33.93 -12.76 18.62
N HIS A 30 33.96 -11.43 18.73
CA HIS A 30 32.73 -10.61 18.90
C HIS A 30 32.29 -9.99 17.57
N PHE A 31 32.94 -10.35 16.46
CA PHE A 31 32.50 -9.91 15.13
C PHE A 31 31.01 -10.17 14.93
N ASP A 32 30.29 -9.15 14.46
CA ASP A 32 28.90 -9.23 13.98
C ASP A 32 28.91 -9.25 12.44
N ILE A 33 28.24 -10.23 11.80
CA ILE A 33 28.34 -10.46 10.32
C ILE A 33 27.56 -9.38 9.56
N GLY A 34 26.80 -8.55 10.29
CA GLY A 34 26.21 -7.33 9.72
C GLY A 34 24.90 -7.65 9.00
N PRO A 35 24.14 -6.61 8.56
CA PRO A 35 22.84 -6.77 7.97
C PRO A 35 22.75 -7.00 6.45
N PHE A 36 23.87 -7.12 5.73
CA PHE A 36 23.88 -7.35 4.25
C PHE A 36 23.90 -8.86 3.95
N GLU A 37 22.70 -9.41 3.89
CA GLU A 37 22.39 -10.83 3.64
C GLU A 37 23.30 -11.41 2.57
N ASN A 38 23.48 -10.71 1.45
CA ASN A 38 24.23 -11.20 0.27
C ASN A 38 25.73 -11.33 0.55
N MET A 39 26.24 -10.82 1.67
CA MET A 39 27.68 -10.89 1.97
C MET A 39 27.99 -12.11 2.84
N TRP A 40 26.95 -12.80 3.34
CA TRP A 40 27.11 -13.90 4.33
C TRP A 40 27.71 -15.16 3.69
N PRO A 41 27.33 -15.58 2.46
CA PRO A 41 28.06 -16.63 1.75
C PRO A 41 29.53 -16.33 1.54
N GLY A 42 29.86 -15.11 1.13
CA GLY A 42 31.26 -14.71 0.92
C GLY A 42 32.03 -14.82 2.22
N ILE A 43 31.44 -14.34 3.31
CA ILE A 43 32.06 -14.38 4.67
C ILE A 43 32.33 -15.85 5.06
N PHE A 44 31.36 -16.73 4.87
CA PHE A 44 31.52 -18.18 5.13
C PHE A 44 32.64 -18.78 4.26
N VAL A 45 32.72 -18.45 2.98
CA VAL A 45 33.73 -19.03 2.05
C VAL A 45 35.12 -18.54 2.51
N TYR A 46 35.23 -17.24 2.80
CA TYR A 46 36.43 -16.63 3.40
C TYR A 46 36.88 -17.47 4.60
N MET A 47 35.94 -17.80 5.49
CA MET A 47 36.25 -18.47 6.77
C MET A 47 36.73 -19.91 6.50
N VAL A 48 36.05 -20.64 5.62
CA VAL A 48 36.43 -22.03 5.18
C VAL A 48 37.84 -22.00 4.60
N HIS A 49 38.12 -21.06 3.68
CA HIS A 49 39.42 -20.95 2.96
C HIS A 49 40.54 -20.70 3.98
N ARG A 50 40.31 -19.82 4.95
CA ARG A 50 41.32 -19.48 6.00
C ARG A 50 41.48 -20.61 7.02
N SER A 51 40.38 -21.27 7.39
CA SER A 51 40.31 -22.26 8.50
C SER A 51 40.88 -23.61 8.04
N CYS A 52 40.70 -23.90 6.75
CA CYS A 52 40.72 -25.25 6.18
C CYS A 52 41.63 -25.29 4.94
N GLY A 53 41.57 -24.25 4.10
CA GLY A 53 42.39 -24.08 2.90
C GLY A 53 41.50 -23.83 1.71
N THR A 54 42.06 -23.29 0.62
CA THR A 54 41.31 -23.09 -0.64
C THR A 54 41.05 -24.44 -1.32
N SER A 55 41.69 -25.50 -0.84
CA SER A 55 41.76 -26.85 -1.43
C SER A 55 40.75 -27.83 -0.82
N CYS A 56 40.18 -27.53 0.35
CA CYS A 56 39.38 -28.51 1.14
CA CYS A 56 39.34 -28.45 1.16
C CYS A 56 38.05 -28.82 0.42
N PHE A 57 37.50 -27.86 -0.34
CA PHE A 57 36.20 -27.98 -1.03
C PHE A 57 36.34 -27.46 -2.45
N GLU A 58 35.66 -28.13 -3.39
CA GLU A 58 35.52 -27.66 -4.79
C GLU A 58 34.61 -26.43 -4.72
N LEU A 59 35.12 -25.28 -5.13
CA LEU A 59 34.40 -23.99 -4.96
C LEU A 59 32.97 -24.14 -5.48
N GLU A 60 32.83 -24.55 -6.75
CA GLU A 60 31.53 -24.66 -7.47
C GLU A 60 30.53 -25.49 -6.64
N LYS A 61 30.99 -26.56 -5.99
CA LYS A 61 30.15 -27.46 -5.17
C LYS A 61 29.82 -26.81 -3.83
N LEU A 62 30.78 -26.10 -3.24
CA LEU A 62 30.63 -25.48 -1.91
C LEU A 62 29.59 -24.38 -2.02
N CME A 63 29.69 -23.55 -3.06
CA CME A 63 28.78 -22.40 -3.31
CB CME A 63 29.27 -21.54 -4.46
SG CME A 63 30.65 -20.43 -4.06
SD CME A 63 29.85 -19.14 -2.66
CE CME A 63 29.54 -17.57 -3.51
CZ CME A 63 29.91 -16.39 -2.65
OH CME A 63 29.75 -15.16 -3.34
C CME A 63 27.38 -22.94 -3.51
O CME A 63 26.42 -22.32 -3.01
N ARG A 64 27.26 -24.07 -4.20
CA ARG A 64 25.94 -24.68 -4.55
C ARG A 64 25.33 -25.26 -3.28
N PHE A 65 26.16 -25.86 -2.43
CA PHE A 65 25.78 -26.39 -1.10
C PHE A 65 25.26 -25.26 -0.23
N ILE A 66 26.07 -24.23 -0.03
CA ILE A 66 25.76 -22.98 0.73
C ILE A 66 24.38 -22.50 0.29
N MET A 67 24.16 -22.39 -1.01
CA MET A 67 22.90 -21.80 -1.52
C MET A 67 21.70 -22.72 -1.27
N SER A 68 21.91 -24.04 -1.18
CA SER A 68 20.82 -24.99 -0.84
C SER A 68 20.58 -24.99 0.68
N VAL A 69 21.63 -24.84 1.45
CA VAL A 69 21.50 -24.62 2.93
C VAL A 69 20.69 -23.33 3.15
N LYS A 70 21.08 -22.25 2.51
CA LYS A 70 20.41 -20.96 2.71
C LYS A 70 18.93 -21.16 2.41
N LYS A 71 18.61 -21.69 1.24
CA LYS A 71 17.22 -21.90 0.78
C LYS A 71 16.40 -22.67 1.83
N ASN A 72 17.05 -23.47 2.67
CA ASN A 72 16.38 -24.47 3.52
C ASN A 72 16.25 -23.94 4.95
N TYR A 73 16.80 -22.76 5.26
CA TYR A 73 16.54 -21.98 6.50
C TYR A 73 15.27 -21.19 6.28
N ARG A 74 14.39 -21.15 7.26
CA ARG A 74 13.13 -20.39 7.12
C ARG A 74 13.31 -18.92 7.55
N ARG A 75 12.34 -18.08 7.23
CA ARG A 75 12.39 -16.62 7.58
C ARG A 75 11.71 -16.44 8.94
N VAL A 76 12.26 -17.07 9.97
CA VAL A 76 11.80 -16.92 11.36
C VAL A 76 12.63 -15.81 12.00
N PRO A 77 12.16 -15.23 13.13
CA PRO A 77 12.86 -14.10 13.75
C PRO A 77 14.31 -14.35 14.23
N TYR A 78 14.64 -15.58 14.60
CA TYR A 78 15.96 -15.89 15.21
C TYR A 78 16.62 -17.10 14.54
N HIS A 79 15.90 -18.22 14.40
CA HIS A 79 16.51 -19.50 13.96
C HIS A 79 16.55 -19.56 12.43
N ASN A 80 17.27 -18.64 11.87
CA ASN A 80 17.31 -18.29 10.43
C ASN A 80 18.78 -18.35 9.98
N TRP A 81 19.00 -17.94 8.76
CA TRP A 81 20.28 -18.07 8.04
C TRP A 81 21.34 -17.20 8.71
N LYS A 82 20.93 -16.04 9.21
CA LYS A 82 21.85 -15.14 9.93
C LYS A 82 22.40 -15.87 11.17
N HIS A 83 21.56 -16.55 11.93
CA HIS A 83 22.00 -17.37 13.08
C HIS A 83 23.00 -18.44 12.61
N ALA A 84 22.67 -19.20 11.54
CA ALA A 84 23.54 -20.25 10.98
C ALA A 84 24.97 -19.70 10.82
N VAL A 85 25.07 -18.54 10.17
CA VAL A 85 26.36 -17.98 9.68
C VAL A 85 27.10 -17.39 10.91
N THR A 86 26.34 -16.84 11.84
CA THR A 86 26.83 -16.30 13.14
C THR A 86 27.48 -17.42 13.94
N VAL A 87 26.79 -18.56 14.04
CA VAL A 87 27.28 -19.73 14.82
C VAL A 87 28.54 -20.31 14.16
N ALA A 88 28.60 -20.28 12.82
CA ALA A 88 29.76 -20.72 12.04
C ALA A 88 30.94 -19.76 12.27
N HIS A 89 30.70 -18.46 12.33
CA HIS A 89 31.75 -17.47 12.63
C HIS A 89 32.37 -17.77 13.99
N CYS A 90 31.57 -17.95 15.04
CA CYS A 90 32.09 -18.28 16.38
C CYS A 90 33.01 -19.51 16.30
N MET A 91 32.61 -20.55 15.55
CA MET A 91 33.42 -21.80 15.45
C MET A 91 34.74 -21.48 14.75
N TYR A 92 34.67 -20.66 13.71
CA TYR A 92 35.86 -20.21 12.96
C TYR A 92 36.87 -19.59 13.95
N ALA A 93 36.42 -18.65 14.79
CA ALA A 93 37.28 -17.92 15.75
C ALA A 93 37.92 -18.93 16.71
N ILE A 94 37.18 -19.95 17.13
CA ILE A 94 37.77 -20.97 18.02
C ILE A 94 38.84 -21.72 17.22
N LEU A 95 38.45 -22.21 16.05
CA LEU A 95 39.32 -23.09 15.24
C LEU A 95 40.60 -22.32 14.86
N GLN A 96 40.49 -21.00 14.70
CA GLN A 96 41.63 -20.14 14.27
C GLN A 96 42.51 -19.76 15.47
N ASN A 97 41.99 -19.80 16.70
CA ASN A 97 42.76 -19.51 17.93
C ASN A 97 43.32 -20.80 18.53
N ASN A 98 42.97 -21.98 17.99
CA ASN A 98 43.46 -23.30 18.50
C ASN A 98 43.80 -24.19 17.30
N HIS A 99 44.48 -23.63 16.30
CA HIS A 99 44.71 -24.24 14.97
C HIS A 99 45.26 -25.67 15.13
N THR A 100 46.25 -25.85 16.00
CA THR A 100 47.07 -27.09 16.12
C THR A 100 46.32 -28.21 16.85
N LEU A 101 45.20 -27.92 17.52
CA LEU A 101 44.48 -28.94 18.34
C LEU A 101 43.54 -29.78 17.47
N PHE A 102 43.28 -29.38 16.22
CA PHE A 102 42.15 -29.95 15.45
C PHE A 102 42.62 -30.61 14.16
N THR A 103 42.01 -31.76 13.90
CA THR A 103 42.29 -32.57 12.69
C THR A 103 41.73 -31.82 11.47
N ASP A 104 42.26 -32.14 10.30
CA ASP A 104 41.81 -31.63 8.98
C ASP A 104 40.32 -31.98 8.79
N LEU A 105 39.87 -33.13 9.29
CA LEU A 105 38.48 -33.63 9.11
C LEU A 105 37.53 -32.84 10.03
N GLU A 106 38.02 -32.51 11.23
CA GLU A 106 37.28 -31.70 12.25
C GLU A 106 37.08 -30.27 11.74
N ARG A 107 38.13 -29.65 11.18
CA ARG A 107 38.06 -28.24 10.71
C ARG A 107 37.05 -28.15 9.56
N LYS A 108 37.07 -29.14 8.67
CA LYS A 108 36.14 -29.32 7.53
C LYS A 108 34.71 -29.46 8.07
N GLY A 109 34.48 -30.49 8.88
CA GLY A 109 33.15 -30.90 9.35
C GLY A 109 32.47 -29.88 10.23
N LEU A 110 33.21 -29.24 11.13
CA LEU A 110 32.60 -28.40 12.20
C LEU A 110 32.03 -27.11 11.61
N LEU A 111 32.72 -26.50 10.66
CA LEU A 111 32.25 -25.26 10.03
C LEU A 111 30.93 -25.56 9.32
N ILE A 112 30.86 -26.73 8.66
CA ILE A 112 29.64 -27.21 7.95
C ILE A 112 28.59 -27.58 9.01
N ALA A 113 29.01 -28.20 10.11
CA ALA A 113 28.09 -28.60 11.19
C ALA A 113 27.30 -27.37 11.64
N CYS A 114 28.02 -26.26 11.82
CA CYS A 114 27.51 -25.01 12.40
C CYS A 114 26.53 -24.36 11.44
N LEU A 115 26.94 -24.20 10.19
CA LEU A 115 26.08 -23.69 9.10
C LEU A 115 24.77 -24.49 8.99
N CYS A 116 24.80 -25.81 9.20
CA CYS A 116 23.62 -26.71 8.99
C CYS A 116 22.85 -26.98 10.30
N HIS A 117 23.35 -26.54 11.47
CA HIS A 117 22.94 -27.09 12.81
C HIS A 117 21.48 -26.73 13.13
N ASP A 118 20.87 -25.79 12.44
CA ASP A 118 19.42 -25.47 12.68
C ASP A 118 18.61 -25.52 11.37
N LEU A 119 19.08 -26.25 10.35
CA LEU A 119 18.41 -26.42 9.02
C LEU A 119 16.92 -26.68 9.20
N ASP A 120 16.10 -25.86 8.53
CA ASP A 120 14.63 -26.02 8.41
C ASP A 120 14.00 -25.96 9.79
N HIS A 121 14.60 -25.21 10.71
CA HIS A 121 14.02 -24.88 12.03
C HIS A 121 12.69 -24.17 11.80
N ARG A 122 11.70 -24.36 12.68
CA ARG A 122 10.37 -23.73 12.47
C ARG A 122 10.07 -22.60 13.46
N GLY A 123 11.01 -22.23 14.33
CA GLY A 123 10.78 -21.23 15.38
C GLY A 123 10.03 -21.80 16.59
N PHE A 124 10.06 -23.12 16.74
CA PHE A 124 9.41 -23.84 17.85
C PHE A 124 10.38 -24.83 18.47
N SER A 125 10.28 -24.95 19.79
CA SER A 125 11.10 -25.86 20.63
C SER A 125 10.68 -27.32 20.42
N ASN A 126 11.61 -28.22 20.77
CA ASN A 126 11.36 -29.68 20.88
C ASN A 126 10.09 -29.86 21.73
N SER A 127 9.94 -29.13 22.84
CA SER A 127 8.72 -29.23 23.72
C SER A 127 7.45 -29.04 22.89
N TYR A 128 7.42 -28.01 22.04
CA TYR A 128 6.14 -27.59 21.41
C TYR A 128 5.77 -28.63 20.34
N LEU A 129 6.74 -29.09 19.57
CA LEU A 129 6.59 -30.22 18.62
C LEU A 129 5.92 -31.43 19.32
N GLN A 130 6.39 -31.79 20.51
CA GLN A 130 5.91 -32.97 21.27
C GLN A 130 4.50 -32.67 21.77
N LYS A 131 4.23 -31.47 22.27
CA LYS A 131 2.88 -31.10 22.77
C LYS A 131 1.88 -30.93 21.62
N PHE A 132 2.30 -30.39 20.48
CA PHE A 132 1.47 -30.32 19.26
C PHE A 132 1.22 -31.73 18.69
N ASP A 133 2.16 -32.66 18.88
CA ASP A 133 2.10 -34.05 18.34
C ASP A 133 2.54 -33.99 16.87
N HIS A 134 3.58 -33.22 16.58
CA HIS A 134 4.08 -33.05 15.20
C HIS A 134 4.71 -34.36 14.71
N PRO A 135 4.53 -34.73 13.42
CA PRO A 135 5.12 -35.96 12.89
C PRO A 135 6.62 -36.10 13.18
N LEU A 136 7.35 -35.01 13.22
CA LEU A 136 8.81 -35.08 13.58
C LEU A 136 8.98 -35.63 15.01
N ALA A 137 8.05 -35.36 15.94
CA ALA A 137 8.16 -35.84 17.33
C ALA A 137 7.85 -37.33 17.40
N ALA A 138 7.18 -37.87 16.39
CA ALA A 138 6.90 -39.32 16.27
C ALA A 138 8.07 -40.00 15.59
N LEU A 139 8.74 -39.33 14.68
CA LEU A 139 9.94 -39.88 13.98
C LEU A 139 11.17 -39.83 14.88
N TYR A 140 11.29 -38.80 15.73
CA TYR A 140 12.47 -38.50 16.57
C TYR A 140 12.00 -38.15 18.00
N SER A 141 12.07 -39.09 18.94
CA SER A 141 11.47 -38.97 20.30
C SER A 141 12.24 -37.98 21.18
N THR A 142 13.58 -37.97 21.10
CA THR A 142 14.42 -36.94 21.76
C THR A 142 15.26 -36.21 20.71
N SER A 143 15.81 -35.06 21.12
CA SER A 143 16.56 -34.12 20.25
C SER A 143 15.86 -34.03 18.89
N THR A 144 14.54 -33.81 18.93
CA THR A 144 13.61 -33.90 17.77
C THR A 144 14.10 -33.02 16.62
N MET A 145 14.24 -31.71 16.85
CA MET A 145 14.64 -30.79 15.76
C MET A 145 16.10 -31.12 15.38
N GLU A 146 16.94 -31.40 16.36
CA GLU A 146 18.39 -31.66 16.10
C GLU A 146 18.56 -32.86 15.18
N GLN A 147 17.77 -33.92 15.35
CA GLN A 147 17.87 -35.10 14.45
C GLN A 147 17.39 -34.70 13.05
N HIS A 148 16.37 -33.85 12.97
CA HIS A 148 15.82 -33.33 11.70
C HIS A 148 16.84 -32.47 10.96
N HIS A 149 17.55 -31.58 11.67
CA HIS A 149 18.62 -30.74 11.07
C HIS A 149 19.71 -31.64 10.47
N PHE A 150 20.12 -32.67 11.19
CA PHE A 150 21.14 -33.61 10.67
C PHE A 150 20.59 -34.31 9.42
N SER A 151 19.31 -34.73 9.50
CA SER A 151 18.63 -35.41 8.37
C SER A 151 18.67 -34.49 7.15
N GLN A 152 18.29 -33.22 7.34
CA GLN A 152 18.22 -32.18 6.30
C GLN A 152 19.60 -31.96 5.65
N THR A 153 20.68 -31.94 6.44
CA THR A 153 22.08 -31.78 5.96
C THR A 153 22.50 -32.93 5.02
N VAL A 154 22.23 -34.17 5.42
CA VAL A 154 22.57 -35.36 4.60
C VAL A 154 21.82 -35.29 3.25
N SER A 155 20.51 -35.06 3.30
CA SER A 155 19.66 -34.81 2.12
C SER A 155 20.28 -33.79 1.17
N ILE A 156 20.88 -32.71 1.69
CA ILE A 156 21.37 -31.60 0.83
C ILE A 156 22.73 -31.99 0.24
N LEU A 157 23.51 -32.76 1.00
CA LEU A 157 24.76 -33.40 0.51
C LEU A 157 24.46 -34.44 -0.60
N GLN A 158 23.23 -34.95 -0.68
CA GLN A 158 22.85 -36.04 -1.62
C GLN A 158 22.29 -35.46 -2.92
N LEU A 159 21.85 -34.21 -2.92
CA LEU A 159 21.55 -33.45 -4.16
C LEU A 159 22.76 -33.52 -5.11
N GLU A 160 22.49 -33.68 -6.41
CA GLU A 160 23.49 -33.59 -7.51
C GLU A 160 24.30 -32.31 -7.40
N GLY A 161 25.63 -32.43 -7.50
CA GLY A 161 26.60 -31.31 -7.54
C GLY A 161 26.78 -30.66 -6.18
N HIS A 162 26.26 -31.26 -5.11
CA HIS A 162 26.22 -30.67 -3.75
C HIS A 162 27.19 -31.37 -2.82
N ASN A 163 27.77 -32.51 -3.20
CA ASN A 163 28.54 -33.30 -2.23
C ASN A 163 29.94 -32.70 -2.10
N ILE A 164 30.09 -31.73 -1.20
CA ILE A 164 31.39 -31.04 -0.96
C ILE A 164 32.41 -32.06 -0.42
N PHE A 165 31.97 -33.22 0.09
CA PHE A 165 32.86 -34.26 0.69
C PHE A 165 33.30 -35.29 -0.38
N SER A 166 33.02 -35.03 -1.67
CA SER A 166 33.28 -35.93 -2.85
C SER A 166 34.64 -36.62 -2.76
N THR A 167 35.69 -35.87 -2.47
CA THR A 167 37.09 -36.33 -2.58
C THR A 167 37.54 -37.16 -1.38
N LEU A 168 36.74 -37.25 -0.30
CA LEU A 168 37.08 -38.01 0.93
C LEU A 168 36.98 -39.51 0.64
N SER A 169 37.82 -40.34 1.25
CA SER A 169 37.69 -41.82 1.16
C SER A 169 36.42 -42.26 1.88
N SER A 170 36.01 -43.51 1.65
CA SER A 170 34.82 -44.12 2.30
C SER A 170 34.94 -43.92 3.82
N SER A 171 36.17 -43.93 4.34
CA SER A 171 36.51 -43.80 5.79
C SER A 171 36.28 -42.38 6.28
N GLU A 172 36.99 -41.46 5.63
CA GLU A 172 36.99 -40.01 5.94
C GLU A 172 35.54 -39.50 5.86
N TYR A 173 34.79 -39.98 4.86
CA TYR A 173 33.40 -39.55 4.60
C TYR A 173 32.52 -39.96 5.77
N GLU A 174 32.61 -41.20 6.26
CA GLU A 174 31.80 -41.70 7.40
C GLU A 174 32.26 -40.97 8.67
N GLN A 175 33.56 -40.71 8.80
CA GLN A 175 34.11 -39.96 9.96
C GLN A 175 33.51 -38.55 10.02
N VAL A 176 33.55 -37.82 8.90
CA VAL A 176 33.10 -36.40 8.88
C VAL A 176 31.59 -36.32 9.18
N LEU A 177 30.80 -37.24 8.59
CA LEU A 177 29.32 -37.26 8.76
C LEU A 177 29.02 -37.57 10.21
N GLU A 178 29.87 -38.37 10.85
CA GLU A 178 29.73 -38.73 12.28
C GLU A 178 30.14 -37.54 13.18
N ILE A 179 31.22 -36.86 12.87
CA ILE A 179 31.58 -35.59 13.57
C ILE A 179 30.35 -34.66 13.48
N ILE A 180 29.85 -34.41 12.28
CA ILE A 180 28.72 -33.42 12.03
C ILE A 180 27.47 -33.86 12.81
N ARG A 181 27.22 -35.16 12.91
CA ARG A 181 25.98 -35.70 13.51
C ARG A 181 26.02 -35.47 15.01
N LYS A 182 27.15 -35.82 15.62
CA LYS A 182 27.38 -35.59 17.06
C LYS A 182 27.36 -34.08 17.33
N ALA A 183 28.01 -33.30 16.46
CA ALA A 183 28.11 -31.82 16.53
C ALA A 183 26.70 -31.25 16.71
N ILE A 184 25.82 -31.62 15.78
CA ILE A 184 24.44 -31.05 15.63
C ILE A 184 23.58 -31.49 16.82
N ILE A 185 23.72 -32.75 17.23
CA ILE A 185 22.97 -33.31 18.40
C ILE A 185 23.36 -32.50 19.64
N ALA A 186 24.62 -32.08 19.74
CA ALA A 186 25.14 -31.44 20.97
C ALA A 186 24.48 -30.07 21.15
N THR A 187 23.97 -29.47 20.07
CA THR A 187 23.26 -28.17 20.09
C THR A 187 21.93 -28.32 20.84
N ASP A 188 21.51 -29.53 21.19
CA ASP A 188 20.28 -29.73 22.03
C ASP A 188 20.66 -29.38 23.46
N LEU A 189 20.30 -28.18 23.90
CA LEU A 189 20.78 -27.62 25.19
C LEU A 189 20.42 -28.59 26.35
N ALA A 190 19.42 -29.46 26.18
CA ALA A 190 18.98 -30.40 27.22
C ALA A 190 20.13 -31.39 27.50
N LEU A 191 21.02 -31.56 26.53
CA LEU A 191 22.17 -32.50 26.62
C LEU A 191 23.42 -31.76 27.13
N TYR A 192 23.39 -30.43 27.12
CA TYR A 192 24.54 -29.56 27.46
C TYR A 192 24.98 -29.81 28.92
N PHE A 193 24.00 -29.79 29.82
CA PHE A 193 24.19 -29.82 31.28
C PHE A 193 25.04 -31.04 31.65
N GLY A 194 24.60 -32.21 31.22
CA GLY A 194 25.32 -33.46 31.46
C GLY A 194 26.73 -33.37 30.92
N ASN A 195 26.90 -32.78 29.74
CA ASN A 195 28.18 -32.86 28.98
C ASN A 195 29.21 -31.99 29.71
N ARG A 196 28.81 -30.81 30.14
CA ARG A 196 29.72 -29.85 30.81
C ARG A 196 30.05 -30.36 32.20
N LYS A 197 29.08 -30.90 32.95
CA LYS A 197 29.39 -31.54 34.26
C LYS A 197 30.55 -32.53 34.04
N GLN A 198 30.42 -33.41 33.04
CA GLN A 198 31.36 -34.53 32.77
C GLN A 198 32.73 -33.97 32.38
N LEU A 199 32.74 -32.86 31.65
CA LEU A 199 33.99 -32.25 31.14
C LEU A 199 34.70 -31.56 32.30
N GLU A 200 33.92 -30.93 33.18
CA GLU A 200 34.40 -30.24 34.40
C GLU A 200 35.12 -31.28 35.27
N GLU A 201 34.41 -32.36 35.66
CA GLU A 201 34.94 -33.42 36.56
C GLU A 201 36.22 -34.01 35.93
N MET A 202 36.16 -34.38 34.65
CA MET A 202 37.30 -34.97 33.89
C MET A 202 38.51 -34.04 33.86
N TYR A 203 38.27 -32.74 33.74
CA TYR A 203 39.33 -31.71 33.71
C TYR A 203 39.96 -31.62 35.10
N GLN A 204 39.12 -31.62 36.15
CA GLN A 204 39.53 -31.37 37.56
C GLN A 204 40.26 -32.58 38.14
N THR A 205 39.81 -33.78 37.79
CA THR A 205 40.44 -35.07 38.17
C THR A 205 41.63 -35.36 37.24
N GLY A 206 41.91 -34.51 36.25
CA GLY A 206 43.08 -34.58 35.38
C GLY A 206 42.98 -35.71 34.38
N SER A 207 41.81 -36.35 34.27
CA SER A 207 41.52 -37.54 33.43
C SER A 207 41.22 -37.13 31.98
N LEU A 208 40.95 -35.86 31.69
CA LEU A 208 40.64 -35.40 30.31
C LEU A 208 41.80 -35.80 29.40
N ASN A 209 41.49 -36.36 28.23
CA ASN A 209 42.45 -36.96 27.28
C ASN A 209 41.97 -36.76 25.84
N LEU A 210 42.54 -35.78 25.12
CA LEU A 210 42.11 -35.36 23.75
C LEU A 210 42.49 -36.46 22.74
N ASN A 211 43.11 -37.54 23.21
CA ASN A 211 43.41 -38.73 22.39
C ASN A 211 42.27 -39.74 22.51
N ASN A 212 41.44 -39.57 23.53
CA ASN A 212 40.22 -40.39 23.70
C ASN A 212 39.10 -39.75 22.86
N GLN A 213 38.70 -40.42 21.77
CA GLN A 213 37.62 -39.96 20.84
C GLN A 213 36.36 -39.54 21.62
N SER A 214 35.95 -40.30 22.61
CA SER A 214 34.78 -40.01 23.48
C SER A 214 34.93 -38.64 24.14
N HIS A 215 36.17 -38.21 24.40
CA HIS A 215 36.53 -36.96 25.11
C HIS A 215 36.48 -35.82 24.11
N ARG A 216 37.19 -35.96 22.99
CA ARG A 216 37.08 -35.04 21.83
C ARG A 216 35.62 -34.74 21.52
N ASP A 217 34.80 -35.78 21.45
CA ASP A 217 33.35 -35.64 21.18
C ASP A 217 32.74 -34.65 22.17
N ARG A 218 32.94 -34.85 23.48
CA ARG A 218 32.38 -33.99 24.55
C ARG A 218 32.83 -32.53 24.39
N VAL A 219 34.13 -32.33 24.14
CA VAL A 219 34.77 -31.00 23.91
C VAL A 219 34.13 -30.33 22.69
N ILE A 220 34.02 -31.06 21.57
CA ILE A 220 33.32 -30.55 20.37
C ILE A 220 31.88 -30.20 20.79
N GLY A 221 31.26 -31.02 21.64
CA GLY A 221 29.89 -30.73 22.11
C GLY A 221 29.82 -29.38 22.82
N LEU A 222 30.86 -29.02 23.57
CA LEU A 222 30.84 -27.78 24.38
C LEU A 222 31.07 -26.58 23.47
N MET A 223 32.02 -26.72 22.54
CA MET A 223 32.26 -25.75 21.43
C MET A 223 30.92 -25.48 20.74
N MET A 224 30.17 -26.53 20.39
CA MET A 224 28.89 -26.36 19.66
C MET A 224 27.92 -25.50 20.48
N THR A 225 27.69 -25.83 21.77
CA THR A 225 26.93 -24.99 22.73
C THR A 225 27.52 -23.57 22.72
N ALA A 226 28.84 -23.43 22.86
CA ALA A 226 29.48 -22.08 22.97
C ALA A 226 29.24 -21.24 21.70
N CYS A 227 29.34 -21.82 20.50
CA CYS A 227 29.04 -21.11 19.24
C CYS A 227 27.53 -20.81 19.18
N ASP A 228 26.71 -21.78 19.54
CA ASP A 228 25.24 -21.60 19.43
C ASP A 228 24.73 -20.44 20.29
N LEU A 229 25.40 -20.19 21.41
CA LEU A 229 24.91 -19.24 22.43
C LEU A 229 25.64 -17.93 22.27
N CYS A 230 26.42 -17.76 21.21
CA CYS A 230 27.43 -16.69 21.09
C CYS A 230 26.77 -15.31 20.98
N SER A 231 25.45 -15.18 20.86
CA SER A 231 24.82 -13.82 20.94
C SER A 231 25.20 -13.16 22.29
N VAL A 232 25.49 -13.95 23.35
CA VAL A 232 25.75 -13.44 24.74
C VAL A 232 27.21 -12.96 24.85
N THR A 233 28.03 -13.08 23.81
CA THR A 233 29.46 -12.67 23.87
C THR A 233 29.68 -11.51 22.91
N LYS A 234 28.61 -10.96 22.37
CA LYS A 234 28.72 -9.84 21.41
C LYS A 234 28.69 -8.52 22.15
N LEU A 235 28.97 -7.45 21.42
CA LEU A 235 28.72 -6.05 21.85
C LEU A 235 27.31 -5.96 22.39
N TRP A 236 27.16 -5.23 23.48
CA TRP A 236 25.85 -5.10 24.19
C TRP A 236 24.70 -4.80 23.22
N PRO A 237 24.79 -3.85 22.26
CA PRO A 237 23.67 -3.56 21.37
C PRO A 237 23.30 -4.77 20.49
N VAL A 238 24.27 -5.61 20.13
CA VAL A 238 24.01 -6.86 19.35
C VAL A 238 23.28 -7.82 20.28
N THR A 239 23.81 -8.01 21.48
CA THR A 239 23.29 -8.94 22.52
C THR A 239 21.80 -8.64 22.80
N LYS A 240 21.54 -7.39 23.10
CA LYS A 240 20.21 -6.83 23.37
C LYS A 240 19.28 -6.98 22.15
N LEU A 241 19.73 -6.62 20.95
CA LEU A 241 18.84 -6.63 19.76
C LEU A 241 18.59 -8.07 19.30
N THR A 242 19.56 -9.00 19.49
CA THR A 242 19.33 -10.45 19.28
C THR A 242 18.30 -10.97 20.29
N ALA A 243 18.38 -10.54 21.54
CA ALA A 243 17.43 -11.04 22.57
C ALA A 243 15.98 -10.72 22.14
N ASN A 244 15.73 -9.57 21.49
CA ASN A 244 14.39 -9.19 20.98
C ASN A 244 13.89 -10.23 19.95
N ASP A 245 14.80 -10.68 19.07
CA ASP A 245 14.50 -11.71 18.04
C ASP A 245 14.20 -13.03 18.74
N ILE A 246 14.99 -13.34 19.76
CA ILE A 246 14.81 -14.59 20.56
C ILE A 246 13.40 -14.59 21.20
N TYR A 247 12.98 -13.49 21.84
CA TYR A 247 11.64 -13.42 22.49
C TYR A 247 10.50 -13.37 21.47
N ALA A 248 10.78 -12.93 20.25
CA ALA A 248 9.82 -12.94 19.12
C ALA A 248 9.42 -14.37 18.85
N GLU A 249 10.37 -15.32 18.85
CA GLU A 249 10.07 -16.75 18.68
C GLU A 249 9.44 -17.26 19.97
N PHE A 250 10.02 -16.96 21.12
CA PHE A 250 9.60 -17.66 22.35
C PHE A 250 8.14 -17.31 22.63
N TRP A 251 7.76 -16.04 22.47
CA TRP A 251 6.40 -15.56 22.85
C TRP A 251 5.34 -16.10 21.88
N ALA A 252 5.65 -16.21 20.59
CA ALA A 252 4.76 -16.78 19.57
C ALA A 252 4.51 -18.24 19.96
N GLU A 253 5.55 -18.95 20.38
CA GLU A 253 5.44 -20.35 20.85
C GLU A 253 4.53 -20.40 22.10
N GLY A 254 4.73 -19.48 23.04
CA GLY A 254 3.85 -19.39 24.24
C GLY A 254 2.41 -19.17 23.83
N ASP A 255 2.18 -18.29 22.86
CA ASP A 255 0.83 -18.05 22.25
C ASP A 255 0.26 -19.39 21.74
N GLU A 256 1.09 -20.20 21.08
CA GLU A 256 0.66 -21.48 20.47
C GLU A 256 0.37 -22.51 21.56
N MET A 257 1.19 -22.53 22.60
CA MET A 257 0.96 -23.36 23.80
C MET A 257 -0.46 -23.04 24.34
N LYS A 258 -0.77 -21.74 24.49
CA LYS A 258 -2.04 -21.26 25.08
C LYS A 258 -3.22 -21.74 24.23
N LYS A 259 -3.03 -21.76 22.91
CA LYS A 259 -4.04 -22.24 21.93
C LYS A 259 -4.26 -23.74 22.09
N LEU A 260 -3.24 -24.50 22.51
CA LEU A 260 -3.36 -25.94 22.85
C LEU A 260 -3.97 -26.11 24.26
N GLY A 261 -4.28 -25.02 24.96
CA GLY A 261 -4.85 -25.06 26.33
C GLY A 261 -3.79 -25.15 27.42
N ILE A 262 -2.55 -24.74 27.15
CA ILE A 262 -1.42 -25.02 28.09
C ILE A 262 -0.79 -23.68 28.48
N GLN A 263 -0.68 -23.42 29.80
CA GLN A 263 0.13 -22.30 30.31
C GLN A 263 1.56 -22.55 29.86
N PRO A 264 2.18 -21.63 29.09
CA PRO A 264 3.60 -21.74 28.81
C PRO A 264 4.44 -21.34 30.03
N ILE A 265 5.67 -21.84 30.08
CA ILE A 265 6.73 -21.37 31.01
C ILE A 265 6.93 -19.88 30.82
N PRO A 266 7.34 -19.15 31.88
CA PRO A 266 7.42 -17.69 31.86
C PRO A 266 8.30 -17.17 30.72
N MET A 267 9.35 -17.92 30.43
CA MET A 267 10.34 -17.57 29.38
C MET A 267 9.64 -17.36 28.02
N MET A 268 8.45 -17.91 27.83
CA MET A 268 7.72 -17.96 26.54
C MET A 268 6.36 -17.30 26.67
N ASP A 269 6.08 -16.73 27.85
CA ASP A 269 4.81 -16.02 28.12
C ASP A 269 5.11 -14.53 27.99
N ARG A 270 4.59 -13.91 26.93
CA ARG A 270 4.80 -12.47 26.64
C ARG A 270 4.23 -11.65 27.81
N ASP A 271 3.31 -12.20 28.58
CA ASP A 271 2.72 -11.52 29.76
C ASP A 271 3.78 -11.37 30.86
N LYS A 272 4.91 -12.07 30.74
CA LYS A 272 6.01 -12.01 31.73
C LYS A 272 7.25 -11.34 31.14
N LYS A 273 7.04 -10.45 30.14
CA LYS A 273 8.03 -9.46 29.61
C LYS A 273 8.86 -8.84 30.76
N ASP A 274 8.15 -8.32 31.77
CA ASP A 274 8.68 -7.51 32.89
C ASP A 274 9.90 -8.21 33.51
N GLU A 275 9.89 -9.56 33.51
CA GLU A 275 10.92 -10.41 34.15
C GLU A 275 12.07 -10.81 33.19
N VAL A 276 12.21 -10.18 32.02
CA VAL A 276 13.20 -10.62 30.99
C VAL A 276 14.61 -10.48 31.59
N PRO A 277 14.95 -9.29 32.15
CA PRO A 277 16.28 -9.09 32.72
C PRO A 277 16.74 -10.19 33.68
N GLN A 278 15.86 -10.57 34.63
CA GLN A 278 16.10 -11.63 35.64
C GLN A 278 16.30 -13.00 34.98
N GLY A 279 15.48 -13.37 33.99
CA GLY A 279 15.60 -14.64 33.24
C GLY A 279 16.91 -14.73 32.46
N GLN A 280 17.36 -13.64 31.86
CA GLN A 280 18.71 -13.58 31.21
C GLN A 280 19.78 -13.84 32.28
N LEU A 281 19.61 -13.27 33.48
CA LEU A 281 20.61 -13.39 34.59
C LEU A 281 20.76 -14.87 34.93
N GLY A 282 19.62 -15.55 35.07
CA GLY A 282 19.55 -16.98 35.44
C GLY A 282 20.23 -17.84 34.42
N PHE A 283 19.99 -17.52 33.15
CA PHE A 283 20.57 -18.21 31.98
C PHE A 283 22.08 -18.01 31.95
N TYR A 284 22.52 -16.75 32.05
CA TYR A 284 23.98 -16.44 32.05
C TYR A 284 24.66 -17.25 33.17
N ASN A 285 24.03 -17.33 34.35
CA ASN A 285 24.55 -18.04 35.55
C ASN A 285 24.44 -19.57 35.37
N ALA A 286 23.25 -20.05 34.95
CA ALA A 286 22.95 -21.49 34.79
C ALA A 286 23.64 -22.09 33.56
N VAL A 287 23.96 -21.34 32.50
CA VAL A 287 24.36 -22.00 31.22
C VAL A 287 25.60 -21.36 30.63
N ALA A 288 25.44 -20.08 30.30
CA ALA A 288 26.37 -19.33 29.46
C ALA A 288 27.70 -19.29 30.20
N ILE A 289 27.71 -18.80 31.46
CA ILE A 289 28.99 -18.52 32.21
C ILE A 289 29.70 -19.85 32.44
N PRO A 290 29.04 -20.87 33.02
CA PRO A 290 29.64 -22.20 33.14
C PRO A 290 30.15 -22.79 31.82
N CYS A 291 29.42 -22.58 30.71
CA CYS A 291 29.77 -23.13 29.38
C CYS A 291 31.13 -22.55 28.97
N TYR A 292 31.24 -21.23 28.93
CA TYR A 292 32.46 -20.52 28.51
C TYR A 292 33.58 -20.64 29.55
N THR A 293 33.24 -20.80 30.83
CA THR A 293 34.25 -21.04 31.91
C THR A 293 34.98 -22.35 31.59
N THR A 294 34.22 -23.44 31.46
CA THR A 294 34.73 -24.80 31.16
C THR A 294 35.45 -24.78 29.81
N LEU A 295 34.97 -24.01 28.84
CA LEU A 295 35.59 -23.99 27.49
C LEU A 295 36.95 -23.31 27.61
N THR A 296 37.02 -22.22 28.38
CA THR A 296 38.26 -21.44 28.61
C THR A 296 39.30 -22.36 29.26
N GLN A 297 38.86 -23.17 30.21
CA GLN A 297 39.73 -24.12 30.97
C GLN A 297 40.39 -25.06 29.97
N ILE A 298 39.59 -25.68 29.12
CA ILE A 298 40.06 -26.75 28.19
C ILE A 298 40.80 -26.10 27.03
N LEU A 299 40.35 -24.91 26.59
CA LEU A 299 40.89 -24.16 25.43
C LEU A 299 41.16 -22.72 25.85
N PRO A 300 42.30 -22.48 26.54
CA PRO A 300 42.62 -21.17 27.07
C PRO A 300 42.44 -20.01 26.09
N PRO A 301 42.85 -20.10 24.82
CA PRO A 301 42.64 -19.00 23.89
C PRO A 301 41.19 -18.54 23.60
N THR A 302 40.18 -19.27 24.09
CA THR A 302 38.74 -18.88 23.99
C THR A 302 38.29 -18.02 25.17
N GLU A 303 39.26 -17.51 25.97
CA GLU A 303 39.01 -16.64 27.16
C GLU A 303 38.16 -15.43 26.77
N PRO A 304 38.35 -14.80 25.58
CA PRO A 304 37.57 -13.62 25.22
C PRO A 304 36.04 -13.87 25.18
N LEU A 305 35.59 -15.11 24.94
CA LEU A 305 34.14 -15.48 25.00
C LEU A 305 33.65 -15.31 26.45
N LEU A 306 34.39 -15.86 27.41
CA LEU A 306 34.01 -15.82 28.86
C LEU A 306 33.90 -14.36 29.33
N LYS A 307 34.90 -13.55 29.00
CA LYS A 307 35.03 -12.13 29.45
C LYS A 307 33.87 -11.31 28.84
N ALA A 308 33.57 -11.58 27.57
CA ALA A 308 32.53 -10.86 26.83
C ALA A 308 31.19 -11.18 27.49
N CYS A 309 30.97 -12.45 27.82
CA CYS A 309 29.75 -12.99 28.49
C CYS A 309 29.56 -12.32 29.85
N ARG A 310 30.61 -12.31 30.65
CA ARG A 310 30.63 -11.62 31.97
C ARG A 310 30.25 -10.15 31.77
N ASP A 311 30.80 -9.48 30.75
CA ASP A 311 30.47 -8.05 30.47
C ASP A 311 28.96 -7.91 30.22
N ASN A 312 28.34 -8.84 29.48
CA ASN A 312 26.92 -8.71 29.08
C ASN A 312 26.06 -9.12 30.28
N LEU A 313 26.48 -10.10 31.10
CA LEU A 313 25.84 -10.34 32.42
C LEU A 313 25.74 -8.98 33.14
N SER A 314 26.84 -8.22 33.18
CA SER A 314 26.88 -6.95 33.93
C SER A 314 25.91 -5.93 33.32
N GLN A 315 25.82 -5.84 31.99
CA GLN A 315 24.81 -4.98 31.31
C GLN A 315 23.39 -5.42 31.72
N TRP A 316 23.12 -6.73 31.81
CA TRP A 316 21.78 -7.21 32.25
C TRP A 316 21.53 -6.73 33.69
N GLU A 317 22.55 -6.78 34.55
CA GLU A 317 22.37 -6.29 35.94
C GLU A 317 21.97 -4.81 35.92
N LYS A 318 22.60 -4.03 35.04
CA LYS A 318 22.35 -2.57 34.92
C LYS A 318 20.92 -2.32 34.51
N VAL A 319 20.38 -3.16 33.63
CA VAL A 319 18.98 -3.03 33.18
C VAL A 319 18.12 -3.06 34.45
N ILE A 320 18.37 -4.05 35.32
CA ILE A 320 17.48 -4.34 36.49
C ILE A 320 17.53 -3.16 37.44
N ARG A 321 18.73 -2.62 37.65
CA ARG A 321 18.99 -1.45 38.53
C ARG A 321 18.47 -0.17 37.87
N GLY A 322 17.74 -0.28 36.75
CA GLY A 322 17.22 0.88 35.99
C GLY A 322 18.29 1.88 35.57
N GLU A 323 19.58 1.50 35.55
CA GLU A 323 20.70 2.34 35.01
C GLU A 323 20.73 2.23 33.47
N GLU A 324 19.68 1.64 32.88
CA GLU A 324 19.43 1.51 31.42
C GLU A 324 18.36 0.43 31.19
N GLN B 11 -1.06 -3.31 -33.66
CA GLN B 11 -1.19 -3.40 -32.17
C GLN B 11 -0.26 -2.36 -31.50
N GLY B 12 -0.56 -1.08 -31.70
CA GLY B 12 0.10 0.07 -31.03
C GLY B 12 -0.88 1.23 -30.87
N LEU B 13 -2.13 1.04 -31.29
CA LEU B 13 -3.29 1.91 -30.97
C LEU B 13 -4.00 1.32 -29.74
N MET B 14 -3.19 1.08 -28.70
CA MET B 14 -3.63 0.60 -27.37
C MET B 14 -3.31 1.67 -26.33
N GLN B 15 -4.13 2.72 -26.20
CA GLN B 15 -4.03 3.65 -25.06
C GLN B 15 -4.17 2.82 -23.78
N PHE B 16 -3.25 2.97 -22.82
CA PHE B 16 -3.50 2.51 -21.43
C PHE B 16 -4.57 3.40 -20.82
N THR B 17 -5.39 2.82 -19.95
CA THR B 17 -6.51 3.53 -19.27
C THR B 17 -6.44 3.22 -17.79
N LEU B 18 -6.91 4.14 -16.99
CA LEU B 18 -7.06 3.87 -15.55
C LEU B 18 -8.54 3.94 -15.24
N PRO B 19 -8.96 3.35 -14.10
CA PRO B 19 -10.28 3.63 -13.54
C PRO B 19 -10.51 5.14 -13.39
N VAL B 20 -11.77 5.57 -13.40
CA VAL B 20 -12.19 6.99 -13.53
C VAL B 20 -11.47 7.85 -12.49
N ARG B 21 -11.52 7.44 -11.21
CA ARG B 21 -11.02 8.27 -10.10
C ARG B 21 -9.52 8.45 -10.28
N LEU B 22 -8.80 7.41 -10.74
CA LEU B 22 -7.34 7.48 -10.94
C LEU B 22 -7.04 8.39 -12.13
N CYS B 23 -7.74 8.21 -13.24
CA CYS B 23 -7.55 9.02 -14.47
CA CYS B 23 -7.54 9.02 -14.46
C CYS B 23 -7.55 10.51 -14.08
N LYS B 24 -8.54 10.95 -13.30
CA LYS B 24 -8.68 12.37 -12.92
C LYS B 24 -7.63 12.76 -11.87
N GLU B 25 -7.35 11.90 -10.88
CA GLU B 25 -6.57 12.24 -9.65
C GLU B 25 -5.07 12.22 -9.98
N ILE B 26 -4.66 11.34 -10.89
CA ILE B 26 -3.22 11.14 -11.24
C ILE B 26 -2.63 12.47 -11.69
N GLU B 27 -3.50 13.39 -12.11
CA GLU B 27 -3.07 14.64 -12.78
C GLU B 27 -2.66 15.61 -11.69
N LEU B 28 -3.08 15.34 -10.44
CA LEU B 28 -2.83 16.19 -9.24
C LEU B 28 -1.52 15.81 -8.56
N PHE B 29 -0.84 16.80 -8.00
CA PHE B 29 0.49 16.63 -7.38
C PHE B 29 0.39 15.72 -6.16
N HIS B 30 -0.69 15.81 -5.38
CA HIS B 30 -0.84 15.03 -4.12
C HIS B 30 -1.38 13.61 -4.34
N PHE B 31 -1.46 13.14 -5.58
CA PHE B 31 -1.95 11.78 -5.89
C PHE B 31 -1.12 10.74 -5.11
N ASP B 32 -1.83 9.77 -4.54
CA ASP B 32 -1.25 8.58 -3.89
C ASP B 32 -1.54 7.37 -4.78
N ILE B 33 -0.52 6.59 -5.14
CA ILE B 33 -0.64 5.51 -6.16
C ILE B 33 -1.35 4.28 -5.60
N GLY B 34 -1.75 4.31 -4.33
CA GLY B 34 -2.61 3.29 -3.70
C GLY B 34 -1.82 2.06 -3.27
N PRO B 35 -2.50 1.17 -2.51
CA PRO B 35 -1.88 -0.01 -1.95
C PRO B 35 -1.82 -1.23 -2.89
N PHE B 36 -2.45 -1.16 -4.05
CA PHE B 36 -2.47 -2.28 -5.03
C PHE B 36 -1.16 -2.31 -5.86
N GLU B 37 -0.18 -3.15 -5.49
CA GLU B 37 1.15 -3.23 -6.14
C GLU B 37 1.04 -3.58 -7.63
N ASN B 38 0.06 -4.44 -7.95
CA ASN B 38 -0.17 -4.95 -9.32
C ASN B 38 -0.66 -3.85 -10.26
N MET B 39 -1.22 -2.76 -9.72
CA MET B 39 -1.64 -1.59 -10.50
C MET B 39 -0.50 -0.59 -10.79
N TRP B 40 0.65 -0.68 -10.14
CA TRP B 40 1.68 0.40 -10.26
C TRP B 40 2.33 0.39 -11.64
N PRO B 41 2.74 -0.78 -12.18
CA PRO B 41 3.34 -0.86 -13.51
C PRO B 41 2.42 -0.20 -14.55
N GLY B 42 1.11 -0.44 -14.46
CA GLY B 42 0.12 0.11 -15.41
C GLY B 42 0.05 1.62 -15.30
N ILE B 43 0.06 2.13 -14.08
CA ILE B 43 0.09 3.60 -13.76
C ILE B 43 1.34 4.23 -14.41
N PHE B 44 2.49 3.58 -14.31
CA PHE B 44 3.74 4.12 -14.88
C PHE B 44 3.63 4.19 -16.41
N VAL B 45 3.23 3.09 -17.07
CA VAL B 45 3.10 3.00 -18.56
C VAL B 45 2.16 4.11 -19.04
N TYR B 46 1.05 4.31 -18.35
CA TYR B 46 0.04 5.36 -18.62
C TYR B 46 0.73 6.72 -18.57
N MET B 47 1.50 6.96 -17.49
CA MET B 47 2.23 8.24 -17.33
C MET B 47 3.18 8.41 -18.52
N VAL B 48 3.88 7.36 -18.92
CA VAL B 48 4.85 7.43 -20.04
C VAL B 48 4.11 7.79 -21.35
N HIS B 49 2.87 7.33 -21.50
CA HIS B 49 2.09 7.48 -22.77
C HIS B 49 1.57 8.91 -22.88
N ARG B 50 0.99 9.40 -21.78
CA ARG B 50 0.45 10.78 -21.68
C ARG B 50 1.59 11.79 -21.60
N SER B 51 2.79 11.36 -21.20
CA SER B 51 3.92 12.30 -20.91
C SER B 51 4.68 12.58 -22.18
N CYS B 52 5.05 11.54 -22.91
CA CYS B 52 5.94 11.68 -24.08
C CYS B 52 5.42 10.86 -25.27
N GLY B 53 4.46 9.95 -25.09
CA GLY B 53 3.80 9.25 -26.23
C GLY B 53 3.74 7.73 -26.12
N THR B 54 2.77 7.15 -26.86
CA THR B 54 2.54 5.69 -27.04
C THR B 54 3.72 5.09 -27.81
N SER B 55 4.40 5.96 -28.54
CA SER B 55 5.45 5.63 -29.53
C SER B 55 6.83 5.87 -28.92
N CYS B 56 6.92 6.52 -27.75
CA CYS B 56 8.21 6.76 -27.06
C CYS B 56 8.96 5.44 -26.95
N PHE B 57 8.24 4.37 -26.65
CA PHE B 57 8.83 3.04 -26.29
C PHE B 57 8.03 1.93 -26.98
N GLU B 58 8.73 0.86 -27.36
CA GLU B 58 8.09 -0.41 -27.80
C GLU B 58 7.52 -1.07 -26.54
N LEU B 59 6.20 -1.23 -26.46
CA LEU B 59 5.48 -1.53 -25.21
C LEU B 59 6.05 -2.81 -24.60
N GLU B 60 6.41 -3.75 -25.45
CA GLU B 60 6.94 -5.08 -25.07
C GLU B 60 8.23 -4.86 -24.26
N LYS B 61 9.18 -4.09 -24.79
CA LYS B 61 10.49 -3.81 -24.13
C LYS B 61 10.27 -3.01 -22.85
N LEU B 62 9.45 -1.96 -22.91
CA LEU B 62 9.11 -1.13 -21.73
C LEU B 62 8.63 -2.06 -20.63
N CME B 63 7.68 -2.94 -20.94
CA CME B 63 7.01 -3.82 -19.95
CB CME B 63 5.73 -4.44 -20.51
SG CME B 63 4.15 -3.58 -20.18
SD CME B 63 4.09 -3.43 -18.12
CE CME B 63 2.73 -4.46 -17.48
CZ CME B 63 1.42 -3.76 -17.40
OH CME B 63 0.39 -4.71 -17.48
C CME B 63 8.03 -4.82 -19.39
O CME B 63 7.95 -5.23 -18.23
N ARG B 64 9.04 -5.18 -20.18
CA ARG B 64 10.09 -6.12 -19.74
C ARG B 64 11.08 -5.40 -18.81
N PHE B 65 11.40 -4.16 -19.15
CA PHE B 65 12.28 -3.25 -18.38
C PHE B 65 11.67 -2.99 -16.99
N ILE B 66 10.44 -2.50 -16.98
CA ILE B 66 9.61 -2.20 -15.79
C ILE B 66 9.63 -3.38 -14.82
N MET B 67 9.43 -4.59 -15.31
CA MET B 67 9.28 -5.79 -14.46
C MET B 67 10.63 -6.14 -13.82
N SER B 68 11.71 -6.01 -14.58
CA SER B 68 13.09 -6.25 -14.11
C SER B 68 13.48 -5.16 -13.11
N VAL B 69 12.99 -3.94 -13.29
CA VAL B 69 13.32 -2.82 -12.38
C VAL B 69 12.67 -3.20 -11.04
N LYS B 70 11.39 -3.56 -11.09
CA LYS B 70 10.58 -3.94 -9.91
C LYS B 70 11.31 -5.04 -9.18
N LYS B 71 11.80 -6.01 -9.95
CA LYS B 71 12.44 -7.23 -9.40
C LYS B 71 13.72 -6.83 -8.66
N ASN B 72 14.30 -5.68 -8.97
CA ASN B 72 15.62 -5.30 -8.41
C ASN B 72 15.45 -4.20 -7.34
N TYR B 73 14.21 -3.90 -6.95
CA TYR B 73 13.88 -3.17 -5.70
C TYR B 73 13.71 -4.21 -4.61
N ARG B 74 14.16 -3.90 -3.40
CA ARG B 74 14.03 -4.81 -2.23
C ARG B 74 12.83 -4.41 -1.40
N ARG B 75 12.41 -5.33 -0.53
CA ARG B 75 11.18 -5.18 0.28
C ARG B 75 11.58 -4.56 1.62
N VAL B 76 12.19 -3.39 1.53
CA VAL B 76 12.54 -2.53 2.67
C VAL B 76 11.33 -1.66 2.94
N PRO B 77 11.22 -1.11 4.16
CA PRO B 77 10.07 -0.31 4.55
C PRO B 77 9.80 0.97 3.77
N TYR B 78 10.80 1.60 3.17
CA TYR B 78 10.59 2.91 2.52
C TYR B 78 11.17 2.93 1.11
N HIS B 79 12.46 2.56 0.91
CA HIS B 79 13.19 2.65 -0.38
C HIS B 79 12.83 1.45 -1.26
N ASN B 80 11.54 1.27 -1.49
CA ASN B 80 10.99 0.11 -2.21
C ASN B 80 10.34 0.56 -3.51
N TRP B 81 9.80 -0.42 -4.24
CA TRP B 81 9.08 -0.26 -5.52
C TRP B 81 8.04 0.85 -5.41
N LYS B 82 7.36 0.97 -4.29
CA LYS B 82 6.26 1.96 -4.18
C LYS B 82 6.80 3.39 -4.19
N HIS B 83 7.97 3.60 -3.59
CA HIS B 83 8.68 4.90 -3.59
C HIS B 83 9.07 5.21 -5.03
N ALA B 84 9.64 4.26 -5.75
CA ALA B 84 10.10 4.51 -7.14
C ALA B 84 8.96 5.14 -7.95
N VAL B 85 7.79 4.50 -7.93
CA VAL B 85 6.65 4.87 -8.80
C VAL B 85 6.10 6.21 -8.31
N THR B 86 5.95 6.35 -7.00
CA THR B 86 5.58 7.61 -6.33
C THR B 86 6.47 8.77 -6.83
N VAL B 87 7.78 8.58 -6.83
CA VAL B 87 8.74 9.62 -7.27
C VAL B 87 8.51 9.88 -8.77
N ALA B 88 8.33 8.81 -9.59
CA ALA B 88 7.99 8.97 -11.02
C ALA B 88 6.72 9.80 -11.16
N HIS B 89 5.69 9.54 -10.36
CA HIS B 89 4.37 10.19 -10.51
C HIS B 89 4.51 11.70 -10.28
N CYS B 90 5.24 12.12 -9.24
CA CYS B 90 5.59 13.53 -9.00
C CYS B 90 6.30 14.08 -10.23
N MET B 91 7.28 13.36 -10.76
CA MET B 91 7.98 13.84 -11.97
C MET B 91 6.97 13.97 -13.09
N TYR B 92 6.00 13.06 -13.19
CA TYR B 92 4.96 13.08 -14.25
C TYR B 92 4.22 14.41 -14.14
N ALA B 93 3.92 14.84 -12.91
CA ALA B 93 3.02 15.98 -12.62
C ALA B 93 3.71 17.29 -12.98
N ILE B 94 5.02 17.36 -12.73
CA ILE B 94 5.84 18.57 -13.03
C ILE B 94 5.88 18.69 -14.56
N LEU B 95 6.27 17.61 -15.21
CA LEU B 95 6.41 17.53 -16.69
C LEU B 95 5.07 17.92 -17.32
N GLN B 96 3.96 17.39 -16.83
CA GLN B 96 2.65 17.63 -17.47
C GLN B 96 2.25 19.10 -17.28
N ASN B 97 2.75 19.80 -16.25
CA ASN B 97 2.39 21.21 -15.96
C ASN B 97 3.41 22.16 -16.56
N ASN B 98 4.47 21.67 -17.18
CA ASN B 98 5.52 22.53 -17.78
C ASN B 98 5.98 21.90 -19.11
N HIS B 99 5.04 21.36 -19.90
CA HIS B 99 5.38 20.35 -20.95
C HIS B 99 6.33 20.96 -21.99
N THR B 100 6.16 22.25 -22.28
CA THR B 100 6.87 22.99 -23.35
C THR B 100 8.34 23.23 -22.97
N LEU B 101 8.66 23.34 -21.68
CA LEU B 101 10.05 23.61 -21.20
C LEU B 101 11.02 22.49 -21.58
N PHE B 102 10.55 21.26 -21.77
CA PHE B 102 11.42 20.05 -21.74
C PHE B 102 11.49 19.36 -23.11
N THR B 103 12.68 18.86 -23.46
CA THR B 103 12.87 18.12 -24.73
C THR B 103 12.19 16.75 -24.60
N ASP B 104 11.85 16.15 -25.75
CA ASP B 104 11.36 14.76 -25.86
C ASP B 104 12.25 13.85 -25.01
N LEU B 105 13.56 13.93 -25.24
CA LEU B 105 14.61 13.11 -24.59
C LEU B 105 14.53 13.22 -23.07
N GLU B 106 14.24 14.43 -22.58
CA GLU B 106 14.20 14.76 -21.15
C GLU B 106 12.92 14.16 -20.56
N ARG B 107 11.83 14.22 -21.30
CA ARG B 107 10.54 13.61 -20.86
C ARG B 107 10.72 12.08 -20.70
N LYS B 108 11.49 11.47 -21.61
CA LYS B 108 11.78 10.01 -21.63
C LYS B 108 12.75 9.63 -20.50
N GLY B 109 13.90 10.32 -20.40
CA GLY B 109 14.97 10.02 -19.43
C GLY B 109 14.52 10.21 -17.99
N LEU B 110 13.66 11.18 -17.73
CA LEU B 110 13.38 11.65 -16.36
C LEU B 110 12.40 10.71 -15.67
N LEU B 111 11.41 10.15 -16.37
CA LEU B 111 10.42 9.27 -15.74
C LEU B 111 11.12 7.93 -15.49
N ILE B 112 12.04 7.59 -16.37
CA ILE B 112 12.91 6.37 -16.23
C ILE B 112 13.91 6.59 -15.10
N ALA B 113 14.50 7.79 -15.03
CA ALA B 113 15.42 8.19 -13.95
C ALA B 113 14.72 7.97 -12.61
N CYS B 114 13.54 8.54 -12.43
CA CYS B 114 12.76 8.46 -11.17
C CYS B 114 12.48 7.02 -10.80
N LEU B 115 12.07 6.20 -11.75
CA LEU B 115 11.66 4.80 -11.50
C LEU B 115 12.86 3.99 -11.04
N CYS B 116 14.05 4.32 -11.53
CA CYS B 116 15.33 3.60 -11.32
C CYS B 116 16.20 4.23 -10.22
N HIS B 117 15.84 5.41 -9.71
CA HIS B 117 16.72 6.30 -8.89
C HIS B 117 17.08 5.68 -7.53
N ASP B 118 16.35 4.68 -7.02
CA ASP B 118 16.75 4.01 -5.75
C ASP B 118 17.08 2.51 -5.98
N LEU B 119 17.37 2.08 -7.21
CA LEU B 119 17.45 0.64 -7.57
C LEU B 119 18.40 -0.08 -6.62
N ASP B 120 17.91 -1.17 -6.02
CA ASP B 120 18.70 -2.16 -5.23
C ASP B 120 19.15 -1.45 -3.94
N HIS B 121 18.42 -0.40 -3.54
CA HIS B 121 18.53 0.21 -2.20
C HIS B 121 18.44 -0.89 -1.16
N ARG B 122 19.27 -0.82 -0.10
CA ARG B 122 19.34 -1.84 0.96
C ARG B 122 18.66 -1.33 2.22
N GLY B 123 18.17 -0.10 2.24
CA GLY B 123 17.48 0.53 3.39
C GLY B 123 18.51 1.17 4.31
N PHE B 124 19.70 1.49 3.78
CA PHE B 124 20.79 2.11 4.57
C PHE B 124 21.39 3.28 3.81
N SER B 125 21.84 4.28 4.57
CA SER B 125 22.41 5.55 4.07
C SER B 125 23.81 5.29 3.54
N ASN B 126 24.32 6.27 2.79
CA ASN B 126 25.72 6.27 2.30
C ASN B 126 26.69 6.20 3.49
N SER B 127 26.38 6.92 4.57
CA SER B 127 27.22 6.97 5.79
C SER B 127 27.37 5.55 6.35
N TYR B 128 26.29 4.79 6.41
CA TYR B 128 26.28 3.47 7.07
C TYR B 128 27.13 2.50 6.25
N LEU B 129 26.96 2.46 4.93
CA LEU B 129 27.80 1.65 3.99
C LEU B 129 29.27 2.03 4.22
N GLN B 130 29.54 3.32 4.29
CA GLN B 130 30.92 3.84 4.50
C GLN B 130 31.42 3.36 5.87
N LYS B 131 30.66 3.53 6.96
CA LYS B 131 31.12 3.05 8.29
C LYS B 131 31.16 1.51 8.37
N PHE B 132 30.27 0.78 7.69
CA PHE B 132 30.28 -0.71 7.71
C PHE B 132 31.47 -1.20 6.90
N ASP B 133 31.89 -0.38 5.92
CA ASP B 133 32.97 -0.70 4.98
C ASP B 133 32.39 -1.72 4.01
N HIS B 134 31.15 -1.51 3.57
CA HIS B 134 30.54 -2.28 2.47
C HIS B 134 31.36 -2.12 1.18
N PRO B 135 31.56 -3.21 0.40
CA PRO B 135 32.26 -3.14 -0.89
C PRO B 135 31.88 -1.99 -1.82
N LEU B 136 30.60 -1.65 -1.89
CA LEU B 136 30.10 -0.49 -2.66
C LEU B 136 30.80 0.79 -2.17
N ALA B 137 31.20 0.90 -0.90
CA ALA B 137 31.89 2.10 -0.39
C ALA B 137 33.29 2.23 -1.03
N ALA B 138 33.92 1.13 -1.44
CA ALA B 138 35.29 1.14 -2.03
C ALA B 138 35.18 1.47 -3.52
N LEU B 139 34.13 0.98 -4.14
CA LEU B 139 33.87 1.17 -5.56
C LEU B 139 33.45 2.63 -5.81
N TYR B 140 32.66 3.23 -4.94
CA TYR B 140 32.10 4.59 -5.12
C TYR B 140 32.29 5.38 -3.84
N SER B 141 33.34 6.20 -3.77
CA SER B 141 33.79 6.79 -2.48
C SER B 141 32.77 7.84 -2.02
N THR B 142 32.14 8.58 -2.95
CA THR B 142 31.03 9.52 -2.62
C THR B 142 29.77 9.14 -3.39
N SER B 143 28.65 9.72 -2.98
CA SER B 143 27.30 9.40 -3.51
C SER B 143 27.24 7.88 -3.80
N THR B 144 27.61 7.05 -2.82
CA THR B 144 27.90 5.60 -2.99
C THR B 144 26.66 4.89 -3.57
N MET B 145 25.48 5.10 -2.97
CA MET B 145 24.29 4.31 -3.38
C MET B 145 23.83 4.84 -4.74
N GLU B 146 23.98 6.14 -4.98
CA GLU B 146 23.42 6.81 -6.17
C GLU B 146 24.18 6.33 -7.41
N GLN B 147 25.50 6.26 -7.33
CA GLN B 147 26.31 5.66 -8.42
C GLN B 147 25.88 4.19 -8.64
N HIS B 148 25.55 3.48 -7.56
CA HIS B 148 25.12 2.06 -7.63
C HIS B 148 23.77 1.98 -8.35
N HIS B 149 22.87 2.92 -8.04
CA HIS B 149 21.49 2.91 -8.61
C HIS B 149 21.64 3.13 -10.12
N PHE B 150 22.59 3.97 -10.51
CA PHE B 150 22.82 4.25 -11.95
C PHE B 150 23.36 2.96 -12.62
N SER B 151 24.39 2.35 -12.03
CA SER B 151 25.04 1.12 -12.55
C SER B 151 23.99 0.02 -12.74
N GLN B 152 23.08 -0.16 -11.80
CA GLN B 152 21.95 -1.12 -11.87
C GLN B 152 21.07 -0.80 -13.08
N THR B 153 20.75 0.49 -13.29
CA THR B 153 19.89 0.98 -14.39
C THR B 153 20.47 0.54 -15.75
N VAL B 154 21.76 0.82 -15.93
CA VAL B 154 22.52 0.47 -17.15
C VAL B 154 22.55 -1.06 -17.33
N SER B 155 22.78 -1.81 -16.26
CA SER B 155 22.80 -3.30 -16.26
C SER B 155 21.47 -3.81 -16.81
N ILE B 156 20.38 -3.25 -16.34
CA ILE B 156 19.04 -3.76 -16.71
C ILE B 156 18.77 -3.38 -18.17
N LEU B 157 19.25 -2.20 -18.61
CA LEU B 157 19.05 -1.72 -20.00
C LEU B 157 19.74 -2.67 -20.98
N GLN B 158 20.81 -3.34 -20.54
CA GLN B 158 21.69 -4.22 -21.35
C GLN B 158 21.23 -5.68 -21.32
N LEU B 159 20.15 -5.99 -20.62
CA LEU B 159 19.55 -7.34 -20.57
C LEU B 159 18.86 -7.59 -21.93
N GLU B 160 19.02 -8.78 -22.54
CA GLU B 160 18.43 -9.07 -23.87
C GLU B 160 16.96 -8.66 -23.83
N GLY B 161 16.53 -7.83 -24.78
CA GLY B 161 15.12 -7.43 -24.94
C GLY B 161 14.67 -6.40 -23.94
N HIS B 162 15.60 -5.71 -23.27
CA HIS B 162 15.24 -4.72 -22.21
C HIS B 162 15.49 -3.29 -22.64
N ASN B 163 16.27 -3.07 -23.70
CA ASN B 163 16.74 -1.73 -24.07
C ASN B 163 15.63 -0.94 -24.76
N ILE B 164 14.86 -0.23 -23.94
CA ILE B 164 13.76 0.71 -24.32
C ILE B 164 14.26 1.90 -25.15
N PHE B 165 15.57 2.15 -25.20
CA PHE B 165 16.16 3.28 -25.96
C PHE B 165 16.77 2.78 -27.28
N SER B 166 16.35 1.59 -27.74
CA SER B 166 16.86 0.92 -28.96
C SER B 166 16.76 1.88 -30.14
N THR B 167 15.65 2.61 -30.23
CA THR B 167 15.26 3.44 -31.40
C THR B 167 16.06 4.75 -31.48
N LEU B 168 16.83 5.12 -30.45
CA LEU B 168 17.63 6.37 -30.41
C LEU B 168 18.91 6.15 -31.20
N SER B 169 19.57 7.23 -31.65
CA SER B 169 20.90 7.24 -32.33
C SER B 169 22.01 7.06 -31.29
N SER B 170 23.24 6.69 -31.71
CA SER B 170 24.46 6.68 -30.85
C SER B 170 24.47 7.95 -29.98
N SER B 171 24.15 9.09 -30.60
CA SER B 171 24.13 10.45 -30.03
C SER B 171 23.08 10.57 -28.93
N GLU B 172 21.81 10.40 -29.30
CA GLU B 172 20.67 10.58 -28.37
C GLU B 172 20.78 9.57 -27.23
N TYR B 173 21.21 8.34 -27.48
CA TYR B 173 21.30 7.26 -26.45
C TYR B 173 22.27 7.73 -25.36
N GLU B 174 23.44 8.23 -25.77
CA GLU B 174 24.50 8.76 -24.87
C GLU B 174 23.93 9.96 -24.08
N GLN B 175 23.16 10.76 -24.78
CA GLN B 175 22.49 11.97 -24.24
C GLN B 175 21.51 11.56 -23.13
N VAL B 176 20.54 10.68 -23.44
CA VAL B 176 19.48 10.22 -22.48
C VAL B 176 20.16 9.54 -21.28
N LEU B 177 21.24 8.79 -21.48
CA LEU B 177 21.96 8.11 -20.37
C LEU B 177 22.64 9.15 -19.48
N GLU B 178 23.08 10.27 -20.06
CA GLU B 178 23.70 11.39 -19.32
C GLU B 178 22.66 12.20 -18.52
N ILE B 179 21.45 12.30 -19.05
CA ILE B 179 20.33 12.91 -18.30
C ILE B 179 20.09 12.01 -17.08
N ILE B 180 20.06 10.69 -17.30
CA ILE B 180 19.65 9.70 -16.25
C ILE B 180 20.77 9.65 -15.22
N ARG B 181 22.03 9.64 -15.65
CA ARG B 181 23.14 9.66 -14.68
C ARG B 181 23.03 10.88 -13.75
N LYS B 182 22.94 12.08 -14.30
CA LYS B 182 22.89 13.33 -13.51
C LYS B 182 21.63 13.37 -12.62
N ALA B 183 20.49 12.89 -13.09
CA ALA B 183 19.23 12.95 -12.32
C ALA B 183 19.42 12.15 -11.04
N ILE B 184 20.03 10.98 -11.19
CA ILE B 184 20.09 9.92 -10.14
C ILE B 184 21.12 10.35 -9.10
N ILE B 185 22.28 10.78 -9.56
CA ILE B 185 23.32 11.40 -8.68
C ILE B 185 22.71 12.55 -7.87
N ALA B 186 21.83 13.36 -8.47
CA ALA B 186 21.25 14.57 -7.82
C ALA B 186 20.33 14.18 -6.65
N THR B 187 20.00 12.90 -6.51
CA THR B 187 19.08 12.41 -5.45
C THR B 187 19.88 12.16 -4.19
N ASP B 188 21.21 12.20 -4.29
CA ASP B 188 22.10 12.36 -3.12
C ASP B 188 21.79 13.71 -2.47
N LEU B 189 21.10 13.71 -1.32
CA LEU B 189 20.61 14.96 -0.65
C LEU B 189 21.79 15.82 -0.17
N ALA B 190 22.97 15.25 0.00
CA ALA B 190 24.22 15.97 0.30
C ALA B 190 24.50 16.95 -0.83
N LEU B 191 24.04 16.68 -2.06
CA LEU B 191 24.40 17.56 -3.19
C LEU B 191 23.31 18.59 -3.39
N TYR B 192 22.18 18.44 -2.69
CA TYR B 192 21.00 19.31 -2.93
C TYR B 192 21.28 20.73 -2.42
N PHE B 193 21.83 20.83 -1.21
CA PHE B 193 22.07 22.12 -0.50
C PHE B 193 22.74 23.10 -1.46
N GLY B 194 23.90 22.71 -1.98
CA GLY B 194 24.66 23.49 -2.99
C GLY B 194 23.83 23.77 -4.22
N ASN B 195 23.24 22.72 -4.80
CA ASN B 195 22.51 22.85 -6.08
C ASN B 195 21.41 23.90 -5.91
N ARG B 196 20.63 23.81 -4.83
CA ARG B 196 19.53 24.75 -4.56
C ARG B 196 20.06 26.18 -4.34
N LYS B 197 21.17 26.32 -3.62
CA LYS B 197 21.72 27.66 -3.27
C LYS B 197 22.08 28.37 -4.58
N GLN B 198 22.85 27.73 -5.46
CA GLN B 198 23.24 28.25 -6.80
C GLN B 198 22.01 28.62 -7.65
N LEU B 199 20.92 27.88 -7.53
CA LEU B 199 19.72 28.11 -8.37
C LEU B 199 18.95 29.32 -7.86
N GLU B 200 18.85 29.44 -6.53
CA GLU B 200 18.19 30.53 -5.77
C GLU B 200 18.88 31.85 -6.16
N GLU B 201 20.21 31.83 -6.16
CA GLU B 201 21.07 32.97 -6.57
C GLU B 201 20.78 33.29 -8.03
N MET B 202 21.03 32.35 -8.94
CA MET B 202 20.85 32.54 -10.41
C MET B 202 19.42 33.05 -10.67
N TYR B 203 18.40 32.49 -10.03
CA TYR B 203 17.01 32.91 -10.28
C TYR B 203 16.82 34.37 -9.89
N GLN B 204 17.29 34.75 -8.70
CA GLN B 204 16.91 36.05 -8.09
C GLN B 204 17.74 37.21 -8.67
N THR B 205 18.91 36.93 -9.25
CA THR B 205 19.73 37.90 -10.01
C THR B 205 19.36 37.85 -11.49
N GLY B 206 18.41 37.00 -11.89
CA GLY B 206 17.93 36.84 -13.28
C GLY B 206 19.02 36.36 -14.21
N SER B 207 20.04 35.65 -13.72
CA SER B 207 21.14 35.07 -14.54
C SER B 207 20.81 33.63 -15.01
N LEU B 208 19.76 33.02 -14.44
CA LEU B 208 19.31 31.64 -14.77
C LEU B 208 18.89 31.61 -16.24
N ASN B 209 19.41 30.66 -17.00
CA ASN B 209 19.19 30.52 -18.47
C ASN B 209 18.93 29.05 -18.76
N LEU B 210 17.71 28.69 -19.14
CA LEU B 210 17.36 27.26 -19.41
C LEU B 210 17.96 26.80 -20.75
N ASN B 211 18.54 27.71 -21.57
CA ASN B 211 19.28 27.36 -22.81
C ASN B 211 20.75 27.12 -22.49
N ASN B 212 21.13 27.27 -21.22
CA ASN B 212 22.43 26.84 -20.69
C ASN B 212 22.27 25.42 -20.10
N GLN B 213 23.01 24.44 -20.64
CA GLN B 213 22.94 22.99 -20.28
C GLN B 213 23.18 22.82 -18.78
N SER B 214 24.21 23.50 -18.29
CA SER B 214 24.61 23.57 -16.88
C SER B 214 23.43 24.02 -16.02
N HIS B 215 22.71 25.05 -16.45
CA HIS B 215 21.52 25.57 -15.73
C HIS B 215 20.40 24.53 -15.77
N ARG B 216 20.13 23.99 -16.95
CA ARG B 216 19.13 22.91 -17.17
C ARG B 216 19.43 21.74 -16.22
N ASP B 217 20.68 21.24 -16.23
CA ASP B 217 21.13 20.15 -15.33
C ASP B 217 20.76 20.46 -13.87
N ARG B 218 21.01 21.70 -13.45
CA ARG B 218 20.78 22.11 -12.05
C ARG B 218 19.29 22.10 -11.74
N VAL B 219 18.47 22.61 -12.66
CA VAL B 219 16.99 22.66 -12.44
C VAL B 219 16.47 21.22 -12.45
N ILE B 220 17.11 20.35 -13.23
CA ILE B 220 16.66 18.92 -13.28
C ILE B 220 17.01 18.28 -11.92
N GLY B 221 18.18 18.63 -11.37
CA GLY B 221 18.62 18.21 -10.03
C GLY B 221 17.59 18.56 -8.99
N LEU B 222 17.06 19.78 -9.04
CA LEU B 222 16.16 20.26 -7.97
C LEU B 222 14.83 19.55 -8.14
N MET B 223 14.42 19.33 -9.39
CA MET B 223 13.18 18.55 -9.74
C MET B 223 13.29 17.14 -9.15
N MET B 224 14.46 16.51 -9.28
CA MET B 224 14.73 15.16 -8.70
C MET B 224 14.56 15.20 -7.17
N THR B 225 15.22 16.15 -6.45
CA THR B 225 15.07 16.27 -4.99
C THR B 225 13.58 16.41 -4.65
N ALA B 226 12.89 17.35 -5.28
CA ALA B 226 11.47 17.67 -5.03
C ALA B 226 10.60 16.41 -5.23
N CYS B 227 10.86 15.60 -6.26
CA CYS B 227 10.12 14.33 -6.51
C CYS B 227 10.47 13.34 -5.38
N ASP B 228 11.77 13.25 -5.05
CA ASP B 228 12.28 12.34 -4.00
C ASP B 228 11.66 12.66 -2.62
N LEU B 229 11.29 13.92 -2.35
CA LEU B 229 10.79 14.31 -1.02
C LEU B 229 9.28 14.48 -1.04
N CYS B 230 8.61 14.03 -2.09
CA CYS B 230 7.22 14.45 -2.37
C CYS B 230 6.28 13.87 -1.34
N SER B 231 6.74 13.05 -0.40
CA SER B 231 5.85 12.54 0.68
C SER B 231 5.32 13.72 1.50
N VAL B 232 6.15 14.76 1.70
CA VAL B 232 5.80 16.00 2.48
C VAL B 232 4.78 16.85 1.72
N THR B 233 4.38 16.49 0.50
CA THR B 233 3.47 17.30 -0.35
C THR B 233 2.13 16.58 -0.53
N LYS B 234 1.96 15.49 0.20
CA LYS B 234 0.73 14.67 0.14
C LYS B 234 -0.24 15.19 1.19
N LEU B 235 -1.49 14.77 1.08
CA LEU B 235 -2.53 14.86 2.13
C LEU B 235 -1.92 14.33 3.43
N TRP B 236 -2.17 15.02 4.55
CA TRP B 236 -1.53 14.77 5.87
C TRP B 236 -1.44 13.29 6.25
N PRO B 237 -2.54 12.51 6.12
CA PRO B 237 -2.54 11.08 6.42
C PRO B 237 -1.47 10.26 5.69
N VAL B 238 -1.26 10.55 4.41
CA VAL B 238 -0.19 9.93 3.57
C VAL B 238 1.16 10.34 4.17
N THR B 239 1.35 11.65 4.34
CA THR B 239 2.54 12.27 4.94
C THR B 239 2.87 11.56 6.26
N LYS B 240 1.89 11.43 7.16
CA LYS B 240 2.10 10.93 8.56
C LYS B 240 2.49 9.46 8.49
N LEU B 241 1.78 8.68 7.67
CA LEU B 241 1.97 7.21 7.59
C LEU B 241 3.26 6.88 6.82
N THR B 242 3.60 7.68 5.80
CA THR B 242 4.90 7.56 5.12
C THR B 242 6.04 7.82 6.12
N ALA B 243 5.91 8.81 7.01
CA ALA B 243 6.96 9.10 8.02
C ALA B 243 7.22 7.86 8.90
N ASN B 244 6.20 7.02 9.19
CA ASN B 244 6.41 5.73 9.88
C ASN B 244 7.39 4.84 9.12
N ASP B 245 7.26 4.77 7.80
CA ASP B 245 8.07 3.89 6.91
C ASP B 245 9.52 4.40 6.92
N ILE B 246 9.67 5.71 6.90
CA ILE B 246 11.03 6.32 6.86
C ILE B 246 11.72 5.98 8.17
N TYR B 247 11.05 6.18 9.30
CA TYR B 247 11.66 5.95 10.62
C TYR B 247 11.92 4.46 10.79
N ALA B 248 11.09 3.56 10.26
CA ALA B 248 11.36 2.11 10.38
C ALA B 248 12.74 1.81 9.78
N GLU B 249 13.09 2.41 8.64
CA GLU B 249 14.43 2.23 8.06
C GLU B 249 15.45 2.97 8.94
N PHE B 250 15.24 4.25 9.16
CA PHE B 250 16.26 5.08 9.85
C PHE B 250 16.59 4.45 11.19
N TRP B 251 15.59 4.04 11.98
CA TRP B 251 15.82 3.50 13.35
C TRP B 251 16.58 2.17 13.25
N ALA B 252 16.26 1.30 12.27
CA ALA B 252 17.01 0.01 12.12
C ALA B 252 18.45 0.33 11.72
N GLU B 253 18.67 1.42 10.99
CA GLU B 253 20.03 1.87 10.63
C GLU B 253 20.75 2.32 11.90
N GLY B 254 20.10 3.17 12.70
CA GLY B 254 20.54 3.52 14.07
C GLY B 254 21.00 2.31 14.86
N ASP B 255 20.24 1.22 14.82
CA ASP B 255 20.54 -0.05 15.55
C ASP B 255 21.85 -0.65 15.05
N GLU B 256 22.04 -0.70 13.74
CA GLU B 256 23.27 -1.22 13.09
C GLU B 256 24.46 -0.29 13.41
N MET B 257 24.27 1.03 13.47
CA MET B 257 25.36 1.94 13.92
C MET B 257 25.83 1.50 15.31
N LYS B 258 24.87 1.36 16.24
CA LYS B 258 25.11 0.96 17.66
C LYS B 258 25.87 -0.37 17.68
N LYS B 259 25.43 -1.35 16.89
CA LYS B 259 26.11 -2.66 16.80
C LYS B 259 27.55 -2.50 16.33
N LEU B 260 27.87 -1.45 15.56
CA LEU B 260 29.26 -1.15 15.15
C LEU B 260 29.98 -0.43 16.28
N GLY B 261 29.32 -0.17 17.39
CA GLY B 261 29.84 0.66 18.49
C GLY B 261 29.81 2.15 18.16
N ILE B 262 28.88 2.65 17.34
CA ILE B 262 28.84 4.08 16.98
C ILE B 262 27.52 4.69 17.47
N GLN B 263 27.55 5.86 18.11
CA GLN B 263 26.28 6.51 18.51
C GLN B 263 25.69 7.12 17.25
N PRO B 264 24.47 6.71 16.86
CA PRO B 264 23.90 7.28 15.65
C PRO B 264 23.50 8.73 15.92
N ILE B 265 23.40 9.51 14.86
CA ILE B 265 22.72 10.82 14.93
C ILE B 265 21.29 10.56 15.39
N PRO B 266 20.66 11.57 16.03
CA PRO B 266 19.35 11.39 16.65
C PRO B 266 18.21 10.95 15.71
N MET B 267 18.28 11.44 14.47
CA MET B 267 17.28 11.19 13.41
C MET B 267 17.09 9.67 13.24
N MET B 268 18.13 8.93 13.58
CA MET B 268 18.29 7.49 13.35
C MET B 268 18.25 6.72 14.65
N ASP B 269 18.02 7.42 15.77
CA ASP B 269 18.06 6.78 17.11
C ASP B 269 16.62 6.63 17.60
N ARG B 270 16.12 5.40 17.73
CA ARG B 270 14.71 5.10 18.12
C ARG B 270 14.50 5.61 19.55
N ASP B 271 15.57 5.70 20.32
CA ASP B 271 15.52 6.26 21.69
C ASP B 271 15.12 7.74 21.62
N LYS B 272 15.15 8.38 20.45
CA LYS B 272 14.81 9.83 20.32
C LYS B 272 13.46 10.00 19.67
N LYS B 273 12.63 8.97 19.73
CA LYS B 273 11.27 8.92 19.18
C LYS B 273 10.49 10.21 19.49
N ASP B 274 10.68 10.74 20.71
CA ASP B 274 9.85 11.84 21.26
C ASP B 274 10.11 13.10 20.42
N GLU B 275 11.32 13.25 19.88
CA GLU B 275 11.77 14.47 19.16
C GLU B 275 11.42 14.43 17.67
N VAL B 276 10.64 13.45 17.22
CA VAL B 276 10.24 13.28 15.80
C VAL B 276 9.54 14.54 15.31
N PRO B 277 8.49 15.07 15.98
CA PRO B 277 7.82 16.28 15.50
C PRO B 277 8.77 17.47 15.32
N GLN B 278 9.65 17.71 16.29
CA GLN B 278 10.66 18.80 16.22
C GLN B 278 11.62 18.54 15.06
N GLY B 279 12.08 17.28 14.86
CA GLY B 279 12.98 16.96 13.75
C GLY B 279 12.31 17.17 12.39
N GLN B 280 11.02 16.82 12.28
CA GLN B 280 10.22 17.00 11.04
C GLN B 280 10.13 18.51 10.75
N LEU B 281 9.75 19.30 11.76
CA LEU B 281 9.76 20.79 11.71
C LEU B 281 11.12 21.28 11.19
N GLY B 282 12.23 20.78 11.75
CA GLY B 282 13.59 21.14 11.35
C GLY B 282 13.83 20.90 9.87
N PHE B 283 13.39 19.75 9.35
CA PHE B 283 13.68 19.30 7.97
C PHE B 283 12.86 20.18 7.00
N TYR B 284 11.59 20.39 7.32
CA TYR B 284 10.72 21.29 6.52
C TYR B 284 11.34 22.68 6.41
N ASN B 285 11.79 23.24 7.53
CA ASN B 285 12.38 24.62 7.54
C ASN B 285 13.69 24.63 6.77
N ALA B 286 14.51 23.59 6.88
CA ALA B 286 15.90 23.58 6.38
C ALA B 286 15.98 23.03 4.95
N VAL B 287 15.08 22.15 4.54
CA VAL B 287 15.25 21.39 3.25
C VAL B 287 13.98 21.51 2.39
N ALA B 288 12.85 21.03 2.90
CA ALA B 288 11.64 20.86 2.09
C ALA B 288 11.12 22.23 1.62
N ILE B 289 10.95 23.20 2.53
CA ILE B 289 10.28 24.46 2.11
C ILE B 289 11.21 25.20 1.17
N PRO B 290 12.53 25.36 1.46
CA PRO B 290 13.48 25.95 0.52
C PRO B 290 13.50 25.28 -0.85
N CYS B 291 13.42 23.94 -0.87
CA CYS B 291 13.39 23.12 -2.10
C CYS B 291 12.19 23.57 -2.95
N TYR B 292 11.00 23.47 -2.40
CA TYR B 292 9.74 23.72 -3.14
C TYR B 292 9.54 25.22 -3.40
N THR B 293 10.10 26.08 -2.54
CA THR B 293 10.03 27.54 -2.71
C THR B 293 10.79 27.84 -4.01
N THR B 294 12.02 27.32 -4.13
CA THR B 294 12.92 27.61 -5.29
C THR B 294 12.28 26.99 -6.55
N LEU B 295 11.73 25.78 -6.43
CA LEU B 295 11.18 25.09 -7.61
C LEU B 295 10.00 25.91 -8.14
N THR B 296 9.13 26.39 -7.24
CA THR B 296 7.94 27.22 -7.60
C THR B 296 8.38 28.53 -8.25
N GLN B 297 9.49 29.11 -7.80
CA GLN B 297 10.05 30.33 -8.43
C GLN B 297 10.43 30.01 -9.89
N ILE B 298 11.06 28.88 -10.11
CA ILE B 298 11.66 28.56 -11.44
C ILE B 298 10.60 27.92 -12.33
N LEU B 299 9.65 27.17 -11.75
CA LEU B 299 8.52 26.49 -12.44
C LEU B 299 7.25 26.80 -11.66
N PRO B 300 6.70 28.02 -11.82
CA PRO B 300 5.51 28.44 -11.09
C PRO B 300 4.35 27.45 -11.03
N PRO B 301 4.05 26.67 -12.08
CA PRO B 301 2.96 25.68 -11.97
C PRO B 301 3.26 24.52 -10.98
N THR B 302 4.46 24.44 -10.37
CA THR B 302 4.78 23.44 -9.31
C THR B 302 4.28 23.91 -7.94
N GLU B 303 3.74 25.12 -7.88
CA GLU B 303 3.21 25.86 -6.69
C GLU B 303 2.43 24.95 -5.75
N PRO B 304 1.53 24.08 -6.24
CA PRO B 304 0.76 23.20 -5.36
C PRO B 304 1.63 22.31 -4.45
N LEU B 305 2.87 21.98 -4.85
CA LEU B 305 3.82 21.20 -3.99
C LEU B 305 4.15 22.04 -2.75
N LEU B 306 4.46 23.32 -2.97
CA LEU B 306 4.82 24.30 -1.91
C LEU B 306 3.63 24.48 -0.98
N LYS B 307 2.45 24.63 -1.56
CA LYS B 307 1.23 24.85 -0.76
C LYS B 307 1.06 23.66 0.18
N ALA B 308 1.07 22.42 -0.34
CA ALA B 308 0.90 21.18 0.45
C ALA B 308 2.03 21.06 1.48
N CYS B 309 3.24 21.42 1.09
CA CYS B 309 4.38 21.38 2.01
C CYS B 309 4.11 22.30 3.22
N ARG B 310 3.65 23.52 2.96
CA ARG B 310 3.35 24.50 4.02
C ARG B 310 2.23 23.96 4.91
N ASP B 311 1.24 23.28 4.33
CA ASP B 311 0.09 22.72 5.09
C ASP B 311 0.58 21.59 6.00
N ASN B 312 1.56 20.79 5.55
CA ASN B 312 2.09 19.67 6.36
C ASN B 312 3.07 20.20 7.41
N LEU B 313 3.82 21.26 7.12
CA LEU B 313 4.66 21.98 8.14
C LEU B 313 3.78 22.39 9.32
N SER B 314 2.58 22.90 9.02
CA SER B 314 1.59 23.39 10.01
C SER B 314 1.03 22.23 10.85
N GLN B 315 0.69 21.12 10.21
CA GLN B 315 0.21 19.88 10.86
C GLN B 315 1.25 19.39 11.87
N TRP B 316 2.54 19.50 11.54
CA TRP B 316 3.64 19.10 12.47
C TRP B 316 3.70 20.06 13.66
N GLU B 317 3.59 21.36 13.39
CA GLU B 317 3.48 22.42 14.43
C GLU B 317 2.30 22.07 15.34
N LYS B 318 1.16 21.70 14.77
CA LYS B 318 -0.03 21.27 15.56
C LYS B 318 0.36 20.11 16.48
N VAL B 319 1.07 19.10 15.95
CA VAL B 319 1.46 17.88 16.70
C VAL B 319 2.39 18.30 17.85
N ILE B 320 3.40 19.10 17.57
CA ILE B 320 4.40 19.56 18.59
C ILE B 320 3.65 20.15 19.79
N ARG B 321 2.74 21.07 19.52
CA ARG B 321 1.94 21.80 20.54
C ARG B 321 1.03 20.82 21.29
N GLY B 322 0.43 19.85 20.61
CA GLY B 322 -0.59 18.94 21.18
C GLY B 322 -1.99 19.28 20.70
N GLU B 323 -2.13 20.30 19.83
CA GLU B 323 -3.39 20.66 19.11
C GLU B 323 -3.82 19.48 18.21
N GLU B 324 -2.88 18.59 17.82
CA GLU B 324 -3.16 17.36 17.03
C GLU B 324 -2.42 16.15 17.64
N THR B 325 -2.95 14.95 17.42
CA THR B 325 -2.34 13.63 17.76
C THR B 325 -2.34 12.75 16.50
N GLY C 12 -6.56 -44.17 -4.20
CA GLY C 12 -7.45 -44.43 -3.01
C GLY C 12 -6.83 -45.45 -2.07
N LEU C 13 -5.91 -46.23 -2.60
CA LEU C 13 -5.00 -47.18 -1.89
C LEU C 13 -4.26 -46.45 -0.74
N MET C 14 -3.78 -45.23 -0.99
CA MET C 14 -3.15 -44.37 0.03
C MET C 14 -4.23 -43.56 0.73
N GLN C 15 -4.25 -43.61 2.06
CA GLN C 15 -5.07 -42.73 2.91
C GLN C 15 -4.15 -41.81 3.69
N PHE C 16 -4.64 -40.60 3.95
CA PHE C 16 -3.97 -39.63 4.85
C PHE C 16 -4.30 -40.02 6.27
N THR C 17 -3.30 -40.02 7.12
CA THR C 17 -3.45 -40.13 8.58
C THR C 17 -2.91 -38.84 9.19
N LEU C 18 -3.22 -38.66 10.46
CA LEU C 18 -2.76 -37.51 11.27
C LEU C 18 -2.11 -38.10 12.51
N PRO C 19 -1.14 -37.41 13.14
CA PRO C 19 -0.78 -37.74 14.51
C PRO C 19 -2.05 -37.96 15.34
N VAL C 20 -1.96 -38.84 16.33
CA VAL C 20 -3.10 -39.23 17.20
C VAL C 20 -3.83 -37.98 17.71
N ARG C 21 -3.13 -36.99 18.27
CA ARG C 21 -3.82 -35.81 18.86
C ARG C 21 -4.66 -35.11 17.78
N LEU C 22 -4.11 -34.91 16.56
CA LEU C 22 -4.83 -34.23 15.44
C LEU C 22 -6.00 -35.11 14.97
N CYS C 23 -5.78 -36.43 14.84
CA CYS C 23 -6.77 -37.45 14.43
CA CYS C 23 -6.77 -37.47 14.44
C CYS C 23 -8.03 -37.34 15.30
N LYS C 24 -7.84 -37.08 16.59
CA LYS C 24 -8.90 -37.05 17.63
C LYS C 24 -9.53 -35.66 17.73
N GLU C 25 -8.69 -34.64 17.70
CA GLU C 25 -9.07 -33.23 17.94
C GLU C 25 -9.81 -32.71 16.70
N ILE C 26 -9.48 -33.23 15.51
CA ILE C 26 -9.94 -32.61 14.23
C ILE C 26 -11.46 -32.81 14.08
N GLU C 27 -12.03 -33.73 14.85
CA GLU C 27 -13.48 -34.03 14.76
C GLU C 27 -14.25 -32.99 15.55
N LEU C 28 -13.57 -32.21 16.39
CA LEU C 28 -14.21 -31.18 17.27
C LEU C 28 -14.37 -29.88 16.50
N PHE C 29 -15.48 -29.18 16.76
CA PHE C 29 -15.79 -27.90 16.12
C PHE C 29 -14.65 -26.89 16.36
N HIS C 30 -14.06 -26.86 17.56
CA HIS C 30 -13.14 -25.79 17.99
C HIS C 30 -11.66 -26.14 17.72
N PHE C 31 -11.36 -27.30 17.15
CA PHE C 31 -10.00 -27.64 16.63
C PHE C 31 -9.34 -26.42 15.95
N ASP C 32 -8.08 -26.19 16.27
CA ASP C 32 -7.21 -25.19 15.61
C ASP C 32 -6.20 -25.95 14.75
N ILE C 33 -5.95 -25.50 13.51
CA ILE C 33 -5.14 -26.27 12.52
C ILE C 33 -3.65 -26.10 12.86
N GLY C 34 -3.29 -25.15 13.72
CA GLY C 34 -1.93 -25.01 14.29
C GLY C 34 -0.99 -24.27 13.35
N PRO C 35 0.27 -23.96 13.77
CA PRO C 35 1.07 -22.96 13.09
C PRO C 35 1.92 -23.51 11.92
N PHE C 36 1.99 -24.84 11.74
CA PHE C 36 2.81 -25.54 10.71
C PHE C 36 2.10 -25.59 9.35
N GLU C 37 2.44 -24.65 8.48
CA GLU C 37 1.87 -24.53 7.11
C GLU C 37 1.95 -25.83 6.32
N ASN C 38 3.08 -26.49 6.37
CA ASN C 38 3.28 -27.70 5.52
C ASN C 38 2.29 -28.79 5.87
N MET C 39 1.63 -28.73 7.03
CA MET C 39 0.66 -29.75 7.48
C MET C 39 -0.76 -29.47 6.99
N TRP C 40 -1.06 -28.22 6.65
CA TRP C 40 -2.45 -27.82 6.28
C TRP C 40 -2.97 -28.55 5.04
N PRO C 41 -2.20 -28.65 3.92
CA PRO C 41 -2.64 -29.40 2.74
C PRO C 41 -3.03 -30.84 3.10
N GLY C 42 -2.13 -31.51 3.82
CA GLY C 42 -2.33 -32.87 4.34
C GLY C 42 -3.60 -32.96 5.15
N ILE C 43 -3.87 -31.95 5.98
CA ILE C 43 -5.04 -31.93 6.90
C ILE C 43 -6.30 -31.80 6.06
N PHE C 44 -6.22 -31.05 4.96
CA PHE C 44 -7.36 -30.79 4.04
C PHE C 44 -7.67 -32.06 3.25
N VAL C 45 -6.63 -32.77 2.82
CA VAL C 45 -6.81 -34.06 2.10
C VAL C 45 -7.44 -35.07 3.08
N TYR C 46 -6.94 -35.12 4.31
CA TYR C 46 -7.54 -36.00 5.36
C TYR C 46 -9.04 -35.75 5.41
N MET C 47 -9.44 -34.48 5.60
CA MET C 47 -10.86 -34.09 5.74
C MET C 47 -11.64 -34.50 4.49
N VAL C 48 -11.09 -34.30 3.30
CA VAL C 48 -11.74 -34.70 2.01
C VAL C 48 -11.90 -36.23 2.01
N HIS C 49 -10.87 -37.02 2.35
CA HIS C 49 -10.97 -38.49 2.36
C HIS C 49 -12.07 -38.93 3.33
N ARG C 50 -12.12 -38.37 4.53
CA ARG C 50 -13.10 -38.80 5.56
C ARG C 50 -14.51 -38.26 5.28
N SER C 51 -14.63 -37.14 4.57
CA SER C 51 -15.88 -36.35 4.42
C SER C 51 -16.61 -36.74 3.14
N CYS C 52 -15.85 -37.08 2.12
CA CYS C 52 -16.31 -37.28 0.73
C CYS C 52 -16.02 -38.73 0.38
N GLY C 53 -14.76 -39.13 0.55
CA GLY C 53 -14.25 -40.48 0.28
C GLY C 53 -12.87 -40.39 -0.36
N THR C 54 -12.09 -41.47 -0.30
CA THR C 54 -10.74 -41.60 -0.95
C THR C 54 -10.92 -41.60 -2.47
N SER C 55 -12.14 -41.76 -2.97
CA SER C 55 -12.45 -41.92 -4.41
C SER C 55 -12.82 -40.59 -5.08
N CYS C 56 -13.49 -39.64 -4.40
CA CYS C 56 -14.16 -38.49 -5.09
C CYS C 56 -13.23 -37.70 -6.00
N PHE C 57 -11.93 -37.64 -5.69
CA PHE C 57 -10.94 -36.88 -6.49
C PHE C 57 -9.72 -37.75 -6.76
N GLU C 58 -9.10 -37.57 -7.92
CA GLU C 58 -7.80 -38.19 -8.27
C GLU C 58 -6.73 -37.47 -7.42
N LEU C 59 -5.97 -38.18 -6.60
CA LEU C 59 -5.07 -37.56 -5.58
C LEU C 59 -4.09 -36.59 -6.26
N GLU C 60 -3.43 -37.01 -7.34
CA GLU C 60 -2.41 -36.20 -8.08
C GLU C 60 -3.01 -34.84 -8.45
N LYS C 61 -4.22 -34.86 -9.01
CA LYS C 61 -4.95 -33.65 -9.45
C LYS C 61 -5.27 -32.77 -8.25
N LEU C 62 -5.77 -33.40 -7.19
CA LEU C 62 -6.19 -32.73 -5.95
C LEU C 62 -4.95 -31.98 -5.43
N CME C 63 -3.84 -32.68 -5.30
CA CME C 63 -2.59 -32.12 -4.73
CB CME C 63 -1.51 -33.17 -4.50
SG CME C 63 -1.78 -34.17 -3.00
SD CME C 63 -1.45 -32.86 -1.44
CE CME C 63 -0.42 -33.74 -0.24
CZ CME C 63 0.53 -32.79 0.40
OH CME C 63 1.54 -33.49 1.08
C CME C 63 -2.19 -30.90 -5.56
O CME C 63 -1.87 -29.88 -4.95
N ARG C 64 -2.26 -30.93 -6.89
CA ARG C 64 -1.82 -29.73 -7.65
C ARG C 64 -2.92 -28.66 -7.65
N PHE C 65 -4.20 -29.00 -7.69
CA PHE C 65 -5.29 -28.02 -7.38
C PHE C 65 -4.93 -27.25 -6.08
N ILE C 66 -4.63 -27.95 -5.00
CA ILE C 66 -4.45 -27.39 -3.64
C ILE C 66 -3.22 -26.48 -3.66
N MET C 67 -2.11 -26.92 -4.25
CA MET C 67 -0.86 -26.12 -4.28
C MET C 67 -1.05 -24.86 -5.13
N SER C 68 -1.87 -24.90 -6.18
CA SER C 68 -2.20 -23.71 -7.01
C SER C 68 -3.12 -22.76 -6.22
N VAL C 69 -4.01 -23.33 -5.41
CA VAL C 69 -4.90 -22.51 -4.55
C VAL C 69 -4.01 -21.76 -3.55
N LYS C 70 -3.20 -22.48 -2.82
CA LYS C 70 -2.29 -21.92 -1.78
C LYS C 70 -1.46 -20.78 -2.39
N LYS C 71 -0.92 -21.00 -3.59
CA LYS C 71 -0.01 -20.08 -4.32
C LYS C 71 -0.76 -18.78 -4.63
N ASN C 72 -2.09 -18.83 -4.70
CA ASN C 72 -2.92 -17.67 -5.12
C ASN C 72 -3.62 -17.02 -3.92
N TYR C 73 -3.37 -17.53 -2.69
CA TYR C 73 -3.60 -16.76 -1.45
C TYR C 73 -2.38 -15.86 -1.22
N ARG C 74 -2.61 -14.61 -0.82
CA ARG C 74 -1.52 -13.66 -0.47
C ARG C 74 -1.25 -13.67 1.02
N ARG C 75 -0.05 -13.19 1.39
CA ARG C 75 0.49 -13.22 2.77
C ARG C 75 0.01 -11.97 3.48
N VAL C 76 -1.31 -11.79 3.54
CA VAL C 76 -1.98 -10.75 4.36
C VAL C 76 -2.13 -11.28 5.79
N PRO C 77 -2.45 -10.42 6.77
CA PRO C 77 -2.56 -10.84 8.17
C PRO C 77 -3.65 -11.89 8.51
N TYR C 78 -4.82 -11.77 7.91
CA TYR C 78 -6.00 -12.59 8.28
C TYR C 78 -6.47 -13.46 7.11
N HIS C 79 -6.69 -12.83 5.94
CA HIS C 79 -7.36 -13.42 4.75
C HIS C 79 -6.38 -14.16 3.87
N ASN C 80 -5.83 -15.20 4.46
CA ASN C 80 -4.63 -15.91 3.96
C ASN C 80 -4.93 -17.40 3.92
N TRP C 81 -3.96 -18.15 3.48
CA TRP C 81 -4.02 -19.63 3.39
C TRP C 81 -4.56 -20.25 4.68
N LYS C 82 -4.12 -19.78 5.83
CA LYS C 82 -4.50 -20.38 7.13
C LYS C 82 -5.99 -20.23 7.34
N HIS C 83 -6.55 -19.05 7.01
CA HIS C 83 -8.00 -18.74 7.06
C HIS C 83 -8.77 -19.72 6.17
N ALA C 84 -8.28 -19.94 4.97
CA ALA C 84 -8.93 -20.82 3.99
C ALA C 84 -9.09 -22.21 4.61
N VAL C 85 -8.00 -22.80 5.10
CA VAL C 85 -8.04 -24.19 5.62
C VAL C 85 -8.91 -24.24 6.89
N THR C 86 -8.87 -23.20 7.73
CA THR C 86 -9.65 -23.15 9.00
C THR C 86 -11.15 -23.16 8.67
N VAL C 87 -11.52 -22.45 7.61
CA VAL C 87 -12.93 -22.36 7.17
C VAL C 87 -13.33 -23.72 6.62
N ALA C 88 -12.47 -24.37 5.86
CA ALA C 88 -12.66 -25.74 5.34
C ALA C 88 -12.88 -26.70 6.51
N HIS C 89 -12.10 -26.56 7.57
CA HIS C 89 -12.21 -27.44 8.76
C HIS C 89 -13.58 -27.24 9.43
N CYS C 90 -14.09 -26.02 9.50
CA CYS C 90 -15.41 -25.78 10.14
C CYS C 90 -16.49 -26.50 9.30
N MET C 91 -16.43 -26.37 7.97
CA MET C 91 -17.29 -27.10 7.03
C MET C 91 -17.16 -28.61 7.29
N TYR C 92 -15.93 -29.13 7.36
CA TYR C 92 -15.66 -30.56 7.66
C TYR C 92 -16.51 -31.00 8.84
N ALA C 93 -16.40 -30.26 9.95
CA ALA C 93 -17.05 -30.62 11.23
C ALA C 93 -18.58 -30.54 11.09
N ILE C 94 -19.12 -29.57 10.34
CA ILE C 94 -20.59 -29.41 10.12
C ILE C 94 -21.05 -30.63 9.32
N LEU C 95 -20.34 -30.99 8.27
CA LEU C 95 -20.78 -32.10 7.39
C LEU C 95 -20.76 -33.42 8.15
N GLN C 96 -19.74 -33.67 8.98
CA GLN C 96 -19.52 -34.99 9.63
C GLN C 96 -20.55 -35.17 10.77
N ASN C 97 -21.14 -34.09 11.28
CA ASN C 97 -22.12 -34.16 12.40
C ASN C 97 -23.54 -34.12 11.84
N ASN C 98 -23.66 -34.05 10.51
CA ASN C 98 -24.94 -33.84 9.80
C ASN C 98 -24.86 -34.62 8.50
N HIS C 99 -24.26 -35.81 8.54
CA HIS C 99 -23.67 -36.46 7.33
C HIS C 99 -24.79 -36.97 6.41
N THR C 100 -25.98 -37.25 6.96
CA THR C 100 -27.11 -37.85 6.21
C THR C 100 -27.85 -36.78 5.39
N LEU C 101 -27.65 -35.48 5.64
CA LEU C 101 -28.47 -34.37 5.04
C LEU C 101 -27.91 -33.90 3.68
N PHE C 102 -26.67 -34.21 3.32
CA PHE C 102 -26.01 -33.60 2.13
C PHE C 102 -25.66 -34.66 1.09
N THR C 103 -25.80 -34.23 -0.15
CA THR C 103 -25.56 -35.06 -1.35
C THR C 103 -24.05 -35.34 -1.49
N ASP C 104 -23.73 -36.25 -2.39
CA ASP C 104 -22.34 -36.49 -2.85
C ASP C 104 -21.73 -35.16 -3.30
N LEU C 105 -22.41 -34.50 -4.25
CA LEU C 105 -21.89 -33.33 -4.99
C LEU C 105 -21.64 -32.22 -3.98
N GLU C 106 -22.54 -32.11 -2.99
CA GLU C 106 -22.51 -31.07 -1.93
C GLU C 106 -21.26 -31.29 -1.10
N ARG C 107 -20.94 -32.54 -0.75
CA ARG C 107 -19.77 -32.84 0.11
C ARG C 107 -18.50 -32.42 -0.63
N LYS C 108 -18.34 -32.85 -1.89
CA LYS C 108 -17.25 -32.44 -2.82
C LYS C 108 -17.14 -30.91 -2.88
N GLY C 109 -18.23 -30.26 -3.28
CA GLY C 109 -18.27 -28.83 -3.62
C GLY C 109 -17.95 -27.91 -2.46
N LEU C 110 -18.42 -28.26 -1.25
CA LEU C 110 -18.50 -27.31 -0.12
C LEU C 110 -17.10 -27.21 0.49
N LEU C 111 -16.37 -28.31 0.55
CA LEU C 111 -15.00 -28.29 1.13
C LEU C 111 -14.08 -27.50 0.22
N ILE C 112 -14.20 -27.72 -1.09
CA ILE C 112 -13.47 -26.94 -2.14
C ILE C 112 -13.89 -25.45 -2.07
N ALA C 113 -15.17 -25.17 -1.89
CA ALA C 113 -15.65 -23.77 -1.90
C ALA C 113 -15.03 -22.99 -0.72
N CYS C 114 -14.92 -23.64 0.43
CA CYS C 114 -14.35 -23.09 1.68
C CYS C 114 -12.85 -22.84 1.49
N LEU C 115 -12.12 -23.84 0.99
CA LEU C 115 -10.70 -23.66 0.59
C LEU C 115 -10.54 -22.44 -0.31
N CYS C 116 -11.36 -22.28 -1.33
CA CYS C 116 -11.16 -21.24 -2.39
C CYS C 116 -11.89 -19.93 -2.13
N HIS C 117 -12.63 -19.80 -1.03
CA HIS C 117 -13.69 -18.77 -0.88
C HIS C 117 -13.10 -17.39 -0.68
N ASP C 118 -11.82 -17.26 -0.31
CA ASP C 118 -11.14 -15.96 -0.29
C ASP C 118 -9.96 -15.94 -1.27
N LEU C 119 -10.03 -16.66 -2.39
CA LEU C 119 -8.86 -16.71 -3.31
C LEU C 119 -8.45 -15.29 -3.72
N ASP C 120 -7.19 -14.96 -3.51
CA ASP C 120 -6.55 -13.74 -4.07
C ASP C 120 -7.09 -12.49 -3.37
N HIS C 121 -7.53 -12.64 -2.14
CA HIS C 121 -8.01 -11.55 -1.27
C HIS C 121 -6.84 -10.58 -1.07
N ARG C 122 -7.08 -9.26 -1.13
CA ARG C 122 -5.99 -8.25 -1.02
C ARG C 122 -5.87 -7.69 0.41
N GLY C 123 -6.69 -8.15 1.34
CA GLY C 123 -6.71 -7.59 2.70
C GLY C 123 -7.53 -6.31 2.76
N PHE C 124 -8.38 -6.09 1.77
CA PHE C 124 -9.32 -4.92 1.71
C PHE C 124 -10.73 -5.45 1.40
N SER C 125 -11.71 -4.90 2.12
CA SER C 125 -13.16 -5.08 1.93
C SER C 125 -13.61 -4.54 0.57
N ASN C 126 -14.87 -4.88 0.23
CA ASN C 126 -15.59 -4.44 -1.00
C ASN C 126 -15.67 -2.91 -1.00
N SER C 127 -16.05 -2.38 0.15
CA SER C 127 -16.16 -0.91 0.38
CA SER C 127 -16.13 -0.92 0.44
C SER C 127 -14.86 -0.21 -0.02
N TYR C 128 -13.70 -0.73 0.36
CA TYR C 128 -12.43 -0.02 0.05
C TYR C 128 -12.19 -0.07 -1.47
N LEU C 129 -12.31 -1.25 -2.11
CA LEU C 129 -12.18 -1.43 -3.59
C LEU C 129 -13.08 -0.39 -4.29
N GLN C 130 -14.32 -0.28 -3.81
CA GLN C 130 -15.32 0.59 -4.48
C GLN C 130 -14.86 2.04 -4.35
N LYS C 131 -14.52 2.45 -3.14
CA LYS C 131 -14.01 3.83 -2.88
C LYS C 131 -12.77 4.12 -3.74
N PHE C 132 -11.84 3.16 -3.84
CA PHE C 132 -10.54 3.32 -4.51
C PHE C 132 -10.76 3.38 -6.02
N ASP C 133 -11.84 2.74 -6.47
CA ASP C 133 -12.21 2.60 -7.89
C ASP C 133 -11.26 1.59 -8.51
N HIS C 134 -11.00 0.51 -7.78
CA HIS C 134 -10.19 -0.62 -8.28
C HIS C 134 -10.91 -1.26 -9.45
N PRO C 135 -10.19 -1.70 -10.51
CA PRO C 135 -10.78 -2.33 -11.67
C PRO C 135 -11.81 -3.44 -11.40
N LEU C 136 -11.55 -4.31 -10.42
CA LEU C 136 -12.47 -5.42 -10.02
C LEU C 136 -13.84 -4.83 -9.66
N ALA C 137 -13.89 -3.65 -9.07
CA ALA C 137 -15.15 -3.00 -8.65
C ALA C 137 -15.95 -2.57 -9.89
N ALA C 138 -15.26 -2.36 -11.02
CA ALA C 138 -15.84 -2.04 -12.34
C ALA C 138 -16.47 -3.27 -12.97
N LEU C 139 -15.75 -4.39 -12.93
CA LEU C 139 -16.10 -5.76 -13.41
C LEU C 139 -17.20 -6.39 -12.54
N TYR C 140 -17.16 -6.17 -11.23
CA TYR C 140 -18.09 -6.79 -10.27
C TYR C 140 -18.68 -5.69 -9.40
N SER C 141 -19.89 -5.33 -9.74
CA SER C 141 -20.52 -4.11 -9.20
C SER C 141 -20.86 -4.37 -7.72
N THR C 142 -21.25 -5.59 -7.36
CA THR C 142 -21.61 -5.98 -5.95
C THR C 142 -20.91 -7.28 -5.63
N SER C 143 -20.85 -7.69 -4.36
CA SER C 143 -20.08 -8.86 -3.91
C SER C 143 -18.77 -8.93 -4.73
N THR C 144 -18.13 -7.77 -4.86
CA THR C 144 -16.93 -7.55 -5.70
C THR C 144 -15.91 -8.68 -5.50
N MET C 145 -15.43 -8.86 -4.27
CA MET C 145 -14.25 -9.74 -4.03
C MET C 145 -14.73 -11.17 -4.14
N GLU C 146 -15.98 -11.40 -3.77
CA GLU C 146 -16.63 -12.75 -3.84
C GLU C 146 -16.77 -13.19 -5.29
N GLN C 147 -17.15 -12.31 -6.19
CA GLN C 147 -17.19 -12.71 -7.62
C GLN C 147 -15.76 -13.01 -8.09
N HIS C 148 -14.76 -12.29 -7.59
CA HIS C 148 -13.34 -12.56 -7.94
C HIS C 148 -12.96 -13.96 -7.48
N HIS C 149 -13.35 -14.30 -6.24
CA HIS C 149 -12.87 -15.52 -5.56
C HIS C 149 -13.35 -16.71 -6.39
N PHE C 150 -14.59 -16.63 -6.85
CA PHE C 150 -15.19 -17.69 -7.71
C PHE C 150 -14.47 -17.70 -9.07
N SER C 151 -14.32 -16.54 -9.68
CA SER C 151 -13.61 -16.42 -10.98
C SER C 151 -12.20 -17.05 -10.85
N GLN C 152 -11.48 -16.81 -9.74
CA GLN C 152 -10.11 -17.33 -9.49
C GLN C 152 -10.18 -18.86 -9.36
N THR C 153 -11.27 -19.36 -8.77
CA THR C 153 -11.48 -20.80 -8.51
C THR C 153 -11.60 -21.55 -9.85
N VAL C 154 -12.42 -21.03 -10.76
CA VAL C 154 -12.64 -21.56 -12.15
C VAL C 154 -11.30 -21.53 -12.92
N SER C 155 -10.54 -20.45 -12.83
CA SER C 155 -9.23 -20.26 -13.51
C SER C 155 -8.29 -21.42 -13.18
N ILE C 156 -8.29 -21.83 -11.91
CA ILE C 156 -7.36 -22.85 -11.37
C ILE C 156 -7.83 -24.25 -11.80
N LEU C 157 -9.14 -24.47 -11.85
CA LEU C 157 -9.72 -25.75 -12.36
C LEU C 157 -9.36 -25.91 -13.83
N GLN C 158 -9.25 -24.82 -14.57
CA GLN C 158 -9.03 -24.81 -16.04
C GLN C 158 -7.54 -24.96 -16.36
N LEU C 159 -6.70 -25.06 -15.34
CA LEU C 159 -5.24 -25.27 -15.55
C LEU C 159 -5.06 -26.73 -15.93
N GLU C 160 -4.07 -27.01 -16.77
CA GLU C 160 -3.76 -28.40 -17.20
C GLU C 160 -3.47 -29.22 -15.95
N GLY C 161 -4.12 -30.36 -15.81
CA GLY C 161 -3.88 -31.30 -14.69
C GLY C 161 -4.53 -30.88 -13.37
N HIS C 162 -5.39 -29.85 -13.35
CA HIS C 162 -6.01 -29.33 -12.09
C HIS C 162 -7.51 -29.64 -12.01
N ASN C 163 -8.13 -30.24 -13.03
CA ASN C 163 -9.62 -30.36 -13.00
C ASN C 163 -9.97 -31.55 -12.12
N ILE C 164 -10.05 -31.32 -10.81
CA ILE C 164 -10.38 -32.39 -9.83
C ILE C 164 -11.75 -32.97 -10.16
N PHE C 165 -12.63 -32.22 -10.84
CA PHE C 165 -14.02 -32.63 -11.18
C PHE C 165 -14.07 -33.31 -12.57
N SER C 166 -12.94 -33.82 -13.06
CA SER C 166 -12.79 -34.31 -14.45
C SER C 166 -13.64 -35.56 -14.65
N THR C 167 -14.01 -36.25 -13.56
CA THR C 167 -14.71 -37.56 -13.56
C THR C 167 -16.23 -37.38 -13.66
N LEU C 168 -16.74 -36.15 -13.45
CA LEU C 168 -18.19 -35.88 -13.32
C LEU C 168 -18.84 -35.86 -14.71
N SER C 169 -20.12 -36.21 -14.81
CA SER C 169 -20.98 -35.95 -15.99
C SER C 169 -21.08 -34.44 -16.24
N SER C 170 -21.25 -34.01 -17.50
CA SER C 170 -21.42 -32.58 -17.86
C SER C 170 -22.41 -31.91 -16.89
N SER C 171 -23.51 -32.58 -16.57
CA SER C 171 -24.60 -32.12 -15.67
C SER C 171 -24.10 -31.89 -14.24
N GLU C 172 -23.45 -32.91 -13.65
CA GLU C 172 -22.94 -32.91 -12.27
C GLU C 172 -21.92 -31.78 -12.14
N TYR C 173 -21.08 -31.62 -13.17
CA TYR C 173 -20.01 -30.61 -13.22
C TYR C 173 -20.66 -29.23 -13.17
N GLU C 174 -21.68 -28.97 -13.98
CA GLU C 174 -22.42 -27.68 -13.97
C GLU C 174 -23.12 -27.49 -12.59
N GLN C 175 -23.47 -28.59 -11.94
CA GLN C 175 -24.18 -28.58 -10.64
C GLN C 175 -23.20 -28.12 -9.55
N VAL C 176 -22.07 -28.79 -9.49
CA VAL C 176 -21.07 -28.62 -8.40
C VAL C 176 -20.49 -27.20 -8.51
N LEU C 177 -20.30 -26.72 -9.73
CA LEU C 177 -19.79 -25.35 -9.99
C LEU C 177 -20.86 -24.34 -9.56
N GLU C 178 -22.11 -24.66 -9.77
CA GLU C 178 -23.21 -23.86 -9.22
C GLU C 178 -23.20 -23.86 -7.68
N ILE C 179 -23.00 -25.02 -7.05
CA ILE C 179 -22.99 -25.12 -5.57
C ILE C 179 -21.85 -24.24 -5.03
N ILE C 180 -20.72 -24.24 -5.72
CA ILE C 180 -19.49 -23.51 -5.29
C ILE C 180 -19.73 -22.01 -5.47
N ARG C 181 -20.25 -21.60 -6.63
CA ARG C 181 -20.53 -20.17 -6.92
C ARG C 181 -21.42 -19.62 -5.81
N LYS C 182 -22.57 -20.23 -5.59
CA LYS C 182 -23.54 -19.79 -4.55
C LYS C 182 -22.88 -19.71 -3.16
N ALA C 183 -22.07 -20.70 -2.79
CA ALA C 183 -21.47 -20.85 -1.46
C ALA C 183 -20.45 -19.73 -1.22
N ILE C 184 -19.60 -19.43 -2.21
CA ILE C 184 -18.55 -18.37 -2.16
C ILE C 184 -19.20 -16.97 -2.18
N ILE C 185 -20.27 -16.78 -2.93
CA ILE C 185 -21.03 -15.50 -2.91
C ILE C 185 -21.73 -15.33 -1.54
N ALA C 186 -22.09 -16.42 -0.88
CA ALA C 186 -22.77 -16.34 0.45
C ALA C 186 -21.82 -15.75 1.50
N THR C 187 -20.48 -15.79 1.25
CA THR C 187 -19.47 -15.28 2.19
C THR C 187 -19.48 -13.75 2.22
N ASP C 188 -20.18 -13.11 1.29
CA ASP C 188 -20.41 -11.64 1.34
C ASP C 188 -21.31 -11.38 2.54
N LEU C 189 -20.75 -10.87 3.62
CA LEU C 189 -21.47 -10.70 4.90
C LEU C 189 -22.66 -9.74 4.67
N ALA C 190 -22.63 -8.91 3.61
CA ALA C 190 -23.72 -7.94 3.34
C ALA C 190 -24.96 -8.73 2.91
N LEU C 191 -24.78 -9.97 2.47
CA LEU C 191 -25.91 -10.76 1.95
C LEU C 191 -26.47 -11.60 3.09
N TYR C 192 -25.63 -11.91 4.08
CA TYR C 192 -25.96 -12.79 5.23
C TYR C 192 -27.27 -12.33 5.91
N PHE C 193 -27.43 -11.05 6.16
CA PHE C 193 -28.54 -10.49 6.98
C PHE C 193 -29.87 -10.89 6.35
N GLY C 194 -29.98 -10.67 5.03
CA GLY C 194 -31.16 -11.03 4.21
C GLY C 194 -31.41 -12.52 4.24
N ASN C 195 -30.34 -13.30 3.98
CA ASN C 195 -30.38 -14.78 3.93
C ASN C 195 -30.89 -15.29 5.28
N ARG C 196 -30.30 -14.83 6.38
CA ARG C 196 -30.52 -15.40 7.72
C ARG C 196 -31.95 -15.12 8.15
N LYS C 197 -32.41 -13.90 7.88
CA LYS C 197 -33.76 -13.41 8.22
C LYS C 197 -34.73 -14.29 7.46
N GLN C 198 -34.54 -14.44 6.15
CA GLN C 198 -35.42 -15.29 5.32
C GLN C 198 -35.44 -16.69 5.90
N LEU C 199 -34.26 -17.26 6.17
CA LEU C 199 -34.15 -18.66 6.66
C LEU C 199 -34.92 -18.79 8.00
N GLU C 200 -34.75 -17.83 8.89
CA GLU C 200 -35.37 -17.85 10.24
C GLU C 200 -36.90 -17.92 10.06
N GLU C 201 -37.43 -17.10 9.17
CA GLU C 201 -38.88 -17.08 8.82
C GLU C 201 -39.30 -18.48 8.37
N MET C 202 -38.57 -19.05 7.41
CA MET C 202 -38.92 -20.36 6.80
C MET C 202 -38.95 -21.42 7.89
N TYR C 203 -38.02 -21.31 8.83
CA TYR C 203 -37.86 -22.27 9.94
C TYR C 203 -39.06 -22.13 10.89
N GLN C 204 -39.31 -20.92 11.36
CA GLN C 204 -40.31 -20.60 12.40
C GLN C 204 -41.71 -20.93 11.89
N THR C 205 -41.96 -20.74 10.60
CA THR C 205 -43.29 -20.95 9.96
C THR C 205 -43.40 -22.42 9.54
N GLY C 206 -42.35 -23.22 9.68
CA GLY C 206 -42.36 -24.63 9.28
C GLY C 206 -42.36 -24.83 7.77
N SER C 207 -42.20 -23.78 6.95
CA SER C 207 -42.10 -23.87 5.47
C SER C 207 -40.71 -24.32 4.99
N LEU C 208 -39.71 -24.45 5.87
CA LEU C 208 -38.34 -24.86 5.45
C LEU C 208 -38.35 -26.30 4.90
N ASN C 209 -37.92 -26.49 3.65
CA ASN C 209 -38.00 -27.78 2.93
C ASN C 209 -36.69 -28.03 2.17
N LEU C 210 -35.91 -29.02 2.62
CA LEU C 210 -34.57 -29.35 2.06
C LEU C 210 -34.70 -30.05 0.69
N ASN C 211 -35.90 -30.47 0.28
CA ASN C 211 -36.13 -30.99 -1.09
C ASN C 211 -36.22 -29.80 -2.06
N ASN C 212 -36.45 -28.61 -1.54
CA ASN C 212 -36.47 -27.36 -2.33
C ASN C 212 -35.03 -26.85 -2.47
N GLN C 213 -34.54 -26.78 -3.72
CA GLN C 213 -33.15 -26.36 -4.07
C GLN C 213 -32.88 -24.97 -3.51
N SER C 214 -33.79 -24.01 -3.71
CA SER C 214 -33.64 -22.61 -3.24
C SER C 214 -33.50 -22.56 -1.71
N HIS C 215 -34.26 -23.39 -0.98
CA HIS C 215 -34.11 -23.55 0.49
C HIS C 215 -32.74 -24.18 0.84
N ARG C 216 -32.33 -25.21 0.13
CA ARG C 216 -31.01 -25.84 0.43
C ARG C 216 -29.90 -24.81 0.18
N ASP C 217 -30.03 -23.97 -0.86
CA ASP C 217 -29.02 -22.93 -1.21
C ASP C 217 -28.89 -21.98 -0.03
N ARG C 218 -30.01 -21.67 0.63
CA ARG C 218 -30.06 -20.65 1.70
C ARG C 218 -29.34 -21.22 2.92
N VAL C 219 -29.48 -22.50 3.16
CA VAL C 219 -28.89 -23.18 4.35
C VAL C 219 -27.37 -23.30 4.14
N ILE C 220 -26.94 -23.69 2.94
CA ILE C 220 -25.50 -23.70 2.55
C ILE C 220 -24.95 -22.28 2.73
N GLY C 221 -25.74 -21.27 2.37
CA GLY C 221 -25.33 -19.87 2.57
C GLY C 221 -25.03 -19.55 4.01
N LEU C 222 -25.90 -19.98 4.93
CA LEU C 222 -25.71 -19.72 6.37
C LEU C 222 -24.56 -20.56 6.90
N MET C 223 -24.51 -21.85 6.52
CA MET C 223 -23.35 -22.72 6.84
C MET C 223 -22.04 -22.02 6.43
N MET C 224 -21.98 -21.37 5.25
CA MET C 224 -20.77 -20.64 4.77
C MET C 224 -20.44 -19.46 5.68
N THR C 225 -21.43 -18.67 6.13
CA THR C 225 -21.18 -17.56 7.08
C THR C 225 -20.66 -18.15 8.40
N ALA C 226 -21.35 -19.15 8.96
CA ALA C 226 -20.94 -19.87 10.20
C ALA C 226 -19.46 -20.27 10.09
N CYS C 227 -19.06 -20.81 8.95
CA CYS C 227 -17.67 -21.30 8.75
C CYS C 227 -16.71 -20.11 8.63
N ASP C 228 -17.17 -19.01 8.02
CA ASP C 228 -16.36 -17.80 7.75
C ASP C 228 -16.01 -17.12 9.08
N LEU C 229 -16.95 -17.13 10.03
CA LEU C 229 -16.82 -16.46 11.35
C LEU C 229 -16.29 -17.42 12.43
N CYS C 230 -15.85 -18.62 12.10
CA CYS C 230 -15.58 -19.66 13.14
C CYS C 230 -14.46 -19.26 14.11
N SER C 231 -13.71 -18.18 13.87
CA SER C 231 -12.74 -17.66 14.89
C SER C 231 -13.44 -17.40 16.23
N VAL C 232 -14.71 -16.94 16.19
CA VAL C 232 -15.54 -16.61 17.37
C VAL C 232 -15.97 -17.88 18.11
N THR C 233 -15.60 -19.07 17.66
CA THR C 233 -16.08 -20.35 18.25
C THR C 233 -14.92 -21.20 18.76
N LYS C 234 -13.72 -20.66 18.71
CA LYS C 234 -12.50 -21.37 19.16
C LYS C 234 -12.29 -21.05 20.64
N LEU C 235 -11.39 -21.82 21.28
CA LEU C 235 -10.84 -21.51 22.62
C LEU C 235 -10.37 -20.06 22.64
N TRP C 236 -10.59 -19.41 23.78
CA TRP C 236 -10.45 -17.95 23.96
C TRP C 236 -9.09 -17.41 23.49
N PRO C 237 -7.97 -18.12 23.75
CA PRO C 237 -6.66 -17.65 23.31
C PRO C 237 -6.58 -17.57 21.77
N VAL C 238 -7.13 -18.57 21.09
CA VAL C 238 -7.25 -18.61 19.61
C VAL C 238 -8.11 -17.43 19.18
N THR C 239 -9.29 -17.26 19.75
CA THR C 239 -10.25 -16.19 19.37
C THR C 239 -9.59 -14.80 19.53
N LYS C 240 -8.87 -14.59 20.63
CA LYS C 240 -8.21 -13.31 20.96
C LYS C 240 -7.07 -13.05 19.96
N LEU C 241 -6.18 -14.01 19.78
CA LEU C 241 -5.03 -13.86 18.85
C LEU C 241 -5.52 -13.67 17.41
N THR C 242 -6.54 -14.40 16.95
CA THR C 242 -7.13 -14.19 15.60
C THR C 242 -7.60 -12.75 15.46
N ALA C 243 -8.12 -12.15 16.53
CA ALA C 243 -8.70 -10.79 16.48
C ALA C 243 -7.59 -9.77 16.23
N ASN C 244 -6.36 -10.10 16.63
CA ASN C 244 -5.16 -9.28 16.34
C ASN C 244 -4.94 -9.21 14.82
N ASP C 245 -4.97 -10.38 14.17
CA ASP C 245 -4.79 -10.57 12.71
C ASP C 245 -5.86 -9.77 11.94
N ILE C 246 -7.14 -9.85 12.37
CA ILE C 246 -8.30 -9.14 11.77
C ILE C 246 -8.12 -7.62 11.86
N TYR C 247 -7.68 -7.11 13.00
CA TYR C 247 -7.49 -5.65 13.24
C TYR C 247 -6.26 -5.14 12.46
N ALA C 248 -5.20 -5.93 12.39
CA ALA C 248 -4.00 -5.65 11.56
C ALA C 248 -4.47 -5.32 10.13
N GLU C 249 -5.39 -6.12 9.58
CA GLU C 249 -5.90 -5.86 8.20
C GLU C 249 -6.81 -4.64 8.25
N PHE C 250 -7.71 -4.58 9.22
CA PHE C 250 -8.76 -3.55 9.22
C PHE C 250 -8.12 -2.19 9.38
N TRP C 251 -7.24 -2.06 10.36
CA TRP C 251 -6.62 -0.75 10.64
C TRP C 251 -5.82 -0.34 9.40
N ALA C 252 -5.16 -1.27 8.73
CA ALA C 252 -4.46 -0.93 7.45
C ALA C 252 -5.45 -0.34 6.45
N GLU C 253 -6.67 -0.90 6.36
CA GLU C 253 -7.68 -0.44 5.37
C GLU C 253 -8.13 0.97 5.74
N GLY C 254 -8.35 1.19 7.02
CA GLY C 254 -8.70 2.51 7.61
C GLY C 254 -7.64 3.58 7.37
N ASP C 255 -6.36 3.20 7.44
CA ASP C 255 -5.22 4.07 7.02
C ASP C 255 -5.43 4.44 5.55
N GLU C 256 -5.67 3.45 4.70
CA GLU C 256 -5.84 3.66 3.23
C GLU C 256 -7.11 4.50 2.98
N MET C 257 -8.13 4.42 3.85
CA MET C 257 -9.36 5.24 3.70
C MET C 257 -8.95 6.68 4.00
N LYS C 258 -8.13 6.85 5.04
CA LYS C 258 -7.68 8.19 5.50
C LYS C 258 -6.87 8.82 4.38
N LYS C 259 -6.06 8.03 3.70
CA LYS C 259 -5.22 8.48 2.55
C LYS C 259 -6.11 8.95 1.40
N LEU C 260 -7.28 8.33 1.22
CA LEU C 260 -8.26 8.73 0.17
C LEU C 260 -9.00 9.99 0.62
N GLY C 261 -8.85 10.43 1.87
CA GLY C 261 -9.58 11.60 2.40
C GLY C 261 -10.93 11.21 2.95
N ILE C 262 -11.12 9.93 3.29
CA ILE C 262 -12.37 9.41 3.92
C ILE C 262 -12.08 8.96 5.37
N GLN C 263 -12.82 9.49 6.35
CA GLN C 263 -12.76 9.02 7.76
C GLN C 263 -13.29 7.58 7.75
N PRO C 264 -12.51 6.55 8.15
CA PRO C 264 -13.03 5.19 8.10
C PRO C 264 -14.15 5.05 9.15
N ILE C 265 -14.91 3.98 9.05
CA ILE C 265 -15.80 3.53 10.17
C ILE C 265 -14.89 3.17 11.35
N PRO C 266 -15.38 3.28 12.61
CA PRO C 266 -14.54 3.07 13.79
C PRO C 266 -13.79 1.74 13.88
N MET C 267 -14.45 0.66 13.43
CA MET C 267 -13.90 -0.73 13.52
C MET C 267 -12.62 -0.82 12.70
N MET C 268 -12.40 0.09 11.74
CA MET C 268 -11.21 0.14 10.85
C MET C 268 -10.29 1.32 11.20
N ASP C 269 -10.55 2.03 12.28
CA ASP C 269 -9.73 3.20 12.74
C ASP C 269 -8.87 2.75 13.92
N ARG C 270 -7.56 2.69 13.74
CA ARG C 270 -6.61 2.27 14.81
C ARG C 270 -6.67 3.27 15.98
N ASP C 271 -7.19 4.48 15.73
CA ASP C 271 -7.37 5.54 16.76
C ASP C 271 -8.44 5.10 17.77
N LYS C 272 -9.34 4.18 17.38
CA LYS C 272 -10.46 3.71 18.26
C LYS C 272 -10.18 2.30 18.79
N LYS C 273 -8.91 1.94 18.92
CA LYS C 273 -8.40 0.66 19.51
C LYS C 273 -9.08 0.37 20.86
N ASP C 274 -9.30 1.41 21.66
CA ASP C 274 -9.79 1.32 23.06
C ASP C 274 -11.25 0.84 23.09
N GLU C 275 -12.00 1.05 22.00
CA GLU C 275 -13.43 0.68 21.87
C GLU C 275 -13.58 -0.75 21.34
N VAL C 276 -12.48 -1.51 21.25
CA VAL C 276 -12.42 -2.83 20.55
C VAL C 276 -13.33 -3.83 21.26
N PRO C 277 -13.19 -4.01 22.60
CA PRO C 277 -14.04 -4.95 23.33
C PRO C 277 -15.54 -4.66 23.19
N GLN C 278 -15.90 -3.39 23.15
CA GLN C 278 -17.30 -2.93 22.95
C GLN C 278 -17.75 -3.41 21.57
N GLY C 279 -16.85 -3.21 20.60
CA GLY C 279 -17.09 -3.46 19.18
C GLY C 279 -17.24 -4.94 18.92
N GLN C 280 -16.42 -5.77 19.54
CA GLN C 280 -16.63 -7.24 19.54
C GLN C 280 -18.03 -7.57 20.08
N LEU C 281 -18.46 -6.98 21.22
CA LEU C 281 -19.81 -7.26 21.83
C LEU C 281 -20.91 -6.97 20.81
N GLY C 282 -20.81 -5.79 20.20
CA GLY C 282 -21.71 -5.33 19.13
C GLY C 282 -21.81 -6.38 18.04
N PHE C 283 -20.66 -6.96 17.65
CA PHE C 283 -20.59 -7.93 16.53
C PHE C 283 -21.22 -9.24 16.98
N TYR C 284 -20.87 -9.72 18.18
CA TYR C 284 -21.40 -11.01 18.68
C TYR C 284 -22.93 -10.92 18.83
N ASN C 285 -23.44 -9.77 19.29
CA ASN C 285 -24.89 -9.63 19.55
C ASN C 285 -25.66 -9.57 18.24
N ALA C 286 -25.17 -8.74 17.32
CA ALA C 286 -25.86 -8.36 16.07
C ALA C 286 -25.53 -9.31 14.90
N VAL C 287 -24.47 -10.13 14.93
CA VAL C 287 -24.06 -10.97 13.75
C VAL C 287 -23.84 -12.41 14.18
N ALA C 288 -22.83 -12.65 15.02
CA ALA C 288 -22.33 -14.01 15.34
C ALA C 288 -23.42 -14.84 16.04
N ILE C 289 -23.96 -14.39 17.18
CA ILE C 289 -24.94 -15.19 17.97
C ILE C 289 -26.17 -15.49 17.11
N PRO C 290 -26.86 -14.51 16.48
CA PRO C 290 -27.99 -14.82 15.62
C PRO C 290 -27.65 -15.84 14.52
N CYS C 291 -26.41 -15.79 14.02
CA CYS C 291 -25.95 -16.66 12.91
C CYS C 291 -25.94 -18.12 13.37
N TYR C 292 -25.20 -18.38 14.44
CA TYR C 292 -25.08 -19.68 15.14
C TYR C 292 -26.40 -20.12 15.82
N THR C 293 -27.32 -19.21 16.13
CA THR C 293 -28.61 -19.60 16.79
C THR C 293 -29.52 -20.21 15.71
N THR C 294 -29.62 -19.54 14.56
CA THR C 294 -30.37 -20.00 13.37
C THR C 294 -29.76 -21.31 12.83
N LEU C 295 -28.43 -21.41 12.74
CA LEU C 295 -27.76 -22.66 12.28
C LEU C 295 -28.08 -23.81 13.23
N THR C 296 -27.97 -23.60 14.55
CA THR C 296 -28.33 -24.66 15.52
C THR C 296 -29.82 -25.04 15.35
N GLN C 297 -30.75 -24.11 15.14
CA GLN C 297 -32.19 -24.43 14.96
C GLN C 297 -32.37 -25.34 13.74
N ILE C 298 -31.64 -25.09 12.66
CA ILE C 298 -31.76 -25.87 11.40
C ILE C 298 -30.90 -27.14 11.48
N LEU C 299 -29.68 -27.04 12.01
CA LEU C 299 -28.83 -28.25 12.18
C LEU C 299 -28.43 -28.33 13.66
N PRO C 300 -29.26 -28.97 14.53
CA PRO C 300 -28.95 -29.04 15.95
C PRO C 300 -27.57 -29.55 16.33
N PRO C 301 -26.98 -30.57 15.66
CA PRO C 301 -25.62 -31.01 15.99
C PRO C 301 -24.50 -29.95 15.81
N THR C 302 -24.86 -28.72 15.39
CA THR C 302 -23.93 -27.57 15.22
C THR C 302 -23.90 -26.76 16.50
N GLU C 303 -24.71 -27.17 17.50
CA GLU C 303 -24.84 -26.48 18.81
C GLU C 303 -23.49 -26.03 19.35
N PRO C 304 -22.45 -26.88 19.48
CA PRO C 304 -21.17 -26.45 20.06
C PRO C 304 -20.61 -25.10 19.55
N LEU C 305 -20.83 -24.78 18.28
CA LEU C 305 -20.42 -23.47 17.69
C LEU C 305 -21.15 -22.37 18.44
N LEU C 306 -22.46 -22.55 18.60
CA LEU C 306 -23.30 -21.55 19.29
C LEU C 306 -22.77 -21.40 20.73
N LYS C 307 -22.48 -22.51 21.39
CA LYS C 307 -22.04 -22.54 22.81
C LYS C 307 -20.66 -21.87 22.92
N ALA C 308 -19.77 -22.15 21.95
CA ALA C 308 -18.40 -21.61 21.95
C ALA C 308 -18.50 -20.11 21.75
N CYS C 309 -19.39 -19.68 20.85
CA CYS C 309 -19.64 -18.24 20.56
C CYS C 309 -20.09 -17.53 21.85
N ARG C 310 -21.10 -18.08 22.56
CA ARG C 310 -21.56 -17.52 23.86
CA ARG C 310 -21.56 -17.52 23.86
C ARG C 310 -20.37 -17.46 24.85
N ASP C 311 -19.58 -18.52 24.99
CA ASP C 311 -18.41 -18.47 25.91
C ASP C 311 -17.53 -17.26 25.59
N ASN C 312 -17.28 -17.02 24.31
CA ASN C 312 -16.37 -15.95 23.83
C ASN C 312 -17.03 -14.59 24.01
N LEU C 313 -18.35 -14.49 23.88
CA LEU C 313 -19.12 -13.25 24.18
C LEU C 313 -18.83 -12.83 25.62
N SER C 314 -18.88 -13.78 26.55
CA SER C 314 -18.76 -13.49 28.00
C SER C 314 -17.30 -13.16 28.31
N GLN C 315 -16.34 -13.74 27.61
CA GLN C 315 -14.91 -13.36 27.76
C GLN C 315 -14.71 -11.90 27.38
N TRP C 316 -15.39 -11.42 26.33
CA TRP C 316 -15.34 -10.00 25.87
C TRP C 316 -15.99 -9.08 26.90
N GLU C 317 -17.08 -9.53 27.52
CA GLU C 317 -17.78 -8.79 28.61
C GLU C 317 -16.79 -8.58 29.77
N LYS C 318 -16.12 -9.64 30.18
CA LYS C 318 -15.12 -9.63 31.27
C LYS C 318 -14.01 -8.61 30.97
N VAL C 319 -13.53 -8.61 29.72
CA VAL C 319 -12.48 -7.67 29.24
C VAL C 319 -13.05 -6.24 29.28
N ILE C 320 -14.32 -6.04 28.92
CA ILE C 320 -15.00 -4.70 28.96
C ILE C 320 -15.05 -4.21 30.40
N ARG C 321 -15.12 -5.10 31.38
CA ARG C 321 -15.26 -4.72 32.80
C ARG C 321 -13.86 -4.59 33.44
N GLY C 322 -12.81 -4.33 32.65
CA GLY C 322 -11.44 -4.19 33.16
C GLY C 322 -11.02 -5.40 34.00
N GLU C 323 -11.80 -6.49 33.97
CA GLU C 323 -11.49 -7.80 34.63
C GLU C 323 -10.51 -8.58 33.74
N GLU C 324 -10.05 -7.93 32.66
CA GLU C 324 -8.97 -8.34 31.72
C GLU C 324 -9.01 -7.39 30.51
N TRP D 10 -52.60 15.68 -23.21
CA TRP D 10 -53.32 15.37 -24.49
C TRP D 10 -52.86 16.30 -25.63
N GLN D 11 -52.35 17.51 -25.30
CA GLN D 11 -51.87 18.58 -26.22
C GLN D 11 -50.44 19.04 -25.83
N GLY D 12 -49.84 18.43 -24.80
CA GLY D 12 -48.44 18.60 -24.40
C GLY D 12 -47.64 17.36 -24.76
N LEU D 13 -48.16 16.56 -25.70
CA LEU D 13 -47.41 15.58 -26.54
C LEU D 13 -46.66 16.38 -27.61
N MET D 14 -45.94 17.40 -27.16
CA MET D 14 -45.15 18.35 -27.97
C MET D 14 -43.76 18.39 -27.37
N GLN D 15 -42.78 17.81 -28.06
CA GLN D 15 -41.37 17.78 -27.57
C GLN D 15 -40.51 18.59 -28.53
N PHE D 16 -39.39 19.09 -28.00
CA PHE D 16 -38.39 19.85 -28.78
C PHE D 16 -37.33 18.88 -29.28
N THR D 17 -36.95 19.05 -30.55
CA THR D 17 -35.86 18.29 -31.21
C THR D 17 -34.84 19.28 -31.77
N LEU D 18 -33.58 18.87 -31.74
CA LEU D 18 -32.47 19.58 -32.43
C LEU D 18 -32.12 18.76 -33.67
N PRO D 19 -31.54 19.40 -34.70
CA PRO D 19 -30.83 18.65 -35.73
C PRO D 19 -29.87 17.64 -35.09
N VAL D 20 -29.60 16.54 -35.78
CA VAL D 20 -28.83 15.37 -35.28
C VAL D 20 -27.51 15.86 -34.65
N ARG D 21 -26.74 16.67 -35.37
CA ARG D 21 -25.40 17.13 -34.91
C ARG D 21 -25.55 17.83 -33.56
N LEU D 22 -26.57 18.70 -33.42
CA LEU D 22 -26.81 19.49 -32.18
C LEU D 22 -27.31 18.55 -31.08
N CYS D 23 -28.19 17.63 -31.46
CA CYS D 23 -28.76 16.58 -30.57
C CYS D 23 -27.61 15.79 -29.94
N LYS D 24 -26.66 15.37 -30.78
CA LYS D 24 -25.45 14.62 -30.35
C LYS D 24 -24.55 15.56 -29.52
N GLU D 25 -24.22 16.74 -30.05
CA GLU D 25 -23.07 17.56 -29.57
C GLU D 25 -23.43 18.34 -28.30
N ILE D 26 -24.71 18.63 -28.08
CA ILE D 26 -25.21 19.47 -26.94
C ILE D 26 -24.88 18.77 -25.63
N GLU D 27 -24.63 17.46 -25.67
CA GLU D 27 -24.28 16.66 -24.47
C GLU D 27 -22.83 16.93 -24.09
N LEU D 28 -21.99 17.33 -25.04
CA LEU D 28 -20.54 17.57 -24.82
C LEU D 28 -20.37 18.91 -24.08
N PHE D 29 -19.44 19.00 -23.13
CA PHE D 29 -19.21 20.23 -22.32
C PHE D 29 -18.80 21.38 -23.26
N HIS D 30 -17.99 21.13 -24.28
CA HIS D 30 -17.40 22.18 -25.16
C HIS D 30 -18.35 22.55 -26.32
N PHE D 31 -19.61 22.08 -26.29
CA PHE D 31 -20.61 22.46 -27.31
C PHE D 31 -20.67 23.99 -27.41
N ASP D 32 -20.68 24.50 -28.64
CA ASP D 32 -20.90 25.93 -28.95
C ASP D 32 -22.29 26.04 -29.59
N ILE D 33 -23.11 27.01 -29.15
CA ILE D 33 -24.57 27.02 -29.44
C ILE D 33 -24.82 27.51 -30.88
N GLY D 34 -23.78 28.04 -31.55
CA GLY D 34 -23.85 28.48 -32.96
C GLY D 34 -24.17 29.97 -33.10
N PRO D 35 -24.11 30.53 -34.33
CA PRO D 35 -24.36 31.95 -34.56
C PRO D 35 -25.82 32.31 -34.84
N PHE D 36 -26.73 31.32 -34.85
CA PHE D 36 -28.17 31.45 -35.17
C PHE D 36 -28.98 31.85 -33.92
N GLU D 37 -28.96 33.13 -33.59
CA GLU D 37 -29.77 33.78 -32.50
C GLU D 37 -31.16 33.17 -32.36
N ASN D 38 -31.83 32.88 -33.48
CA ASN D 38 -33.24 32.39 -33.46
C ASN D 38 -33.30 30.95 -32.96
N MET D 39 -32.20 30.19 -32.99
CA MET D 39 -32.14 28.79 -32.53
C MET D 39 -31.94 28.70 -31.00
N TRP D 40 -31.50 29.78 -30.34
CA TRP D 40 -31.09 29.70 -28.91
C TRP D 40 -32.30 29.43 -28.01
N PRO D 41 -33.45 30.13 -28.16
CA PRO D 41 -34.64 29.83 -27.37
C PRO D 41 -34.97 28.33 -27.39
N GLY D 42 -35.14 27.76 -28.57
CA GLY D 42 -35.52 26.33 -28.73
C GLY D 42 -34.45 25.40 -28.17
N ILE D 43 -33.17 25.79 -28.24
CA ILE D 43 -32.04 25.00 -27.66
C ILE D 43 -32.20 24.99 -26.14
N PHE D 44 -32.58 26.12 -25.56
CA PHE D 44 -32.76 26.28 -24.09
C PHE D 44 -33.89 25.38 -23.60
N VAL D 45 -35.05 25.46 -24.27
CA VAL D 45 -36.28 24.66 -23.98
C VAL D 45 -35.89 23.17 -23.97
N TYR D 46 -35.25 22.69 -25.04
CA TYR D 46 -34.72 21.30 -25.19
C TYR D 46 -33.96 20.91 -23.92
N MET D 47 -33.04 21.78 -23.49
CA MET D 47 -32.14 21.54 -22.33
C MET D 47 -32.97 21.43 -21.06
N VAL D 48 -34.03 22.24 -20.93
CA VAL D 48 -34.91 22.31 -19.72
C VAL D 48 -35.75 21.03 -19.67
N HIS D 49 -36.17 20.55 -20.85
CA HIS D 49 -37.01 19.33 -21.04
C HIS D 49 -36.23 18.08 -20.63
N ARG D 50 -35.06 17.89 -21.25
CA ARG D 50 -34.15 16.75 -20.97
C ARG D 50 -33.53 16.91 -19.58
N SER D 51 -33.47 18.13 -19.03
CA SER D 51 -32.71 18.42 -17.78
C SER D 51 -33.56 18.19 -16.53
N CYS D 52 -34.86 18.50 -16.55
CA CYS D 52 -35.76 18.26 -15.39
C CYS D 52 -37.13 17.68 -15.82
N GLY D 53 -37.61 17.91 -17.05
CA GLY D 53 -38.81 17.23 -17.55
C GLY D 53 -39.68 18.10 -18.45
N THR D 54 -40.45 17.45 -19.33
CA THR D 54 -41.42 18.10 -20.27
C THR D 54 -42.47 18.85 -19.45
N SER D 55 -42.56 18.57 -18.15
CA SER D 55 -43.69 18.89 -17.25
C SER D 55 -43.34 19.99 -16.25
N CYS D 56 -42.06 20.19 -15.97
CA CYS D 56 -41.65 21.13 -14.88
CA CYS D 56 -41.52 21.18 -14.97
C CYS D 56 -42.19 22.54 -15.16
N PHE D 57 -42.33 22.96 -16.42
CA PHE D 57 -42.85 24.30 -16.82
C PHE D 57 -43.94 24.12 -17.87
N GLU D 58 -44.94 25.02 -17.84
CA GLU D 58 -45.99 25.19 -18.86
C GLU D 58 -45.36 25.92 -20.06
N LEU D 59 -45.43 25.34 -21.26
CA LEU D 59 -44.65 25.79 -22.42
C LEU D 59 -44.84 27.30 -22.62
N GLU D 60 -46.11 27.76 -22.62
CA GLU D 60 -46.52 29.11 -23.07
C GLU D 60 -45.91 30.18 -22.16
N LYS D 61 -45.86 29.95 -20.84
CA LYS D 61 -45.26 30.87 -19.85
C LYS D 61 -43.74 30.92 -20.07
N LEU D 62 -43.14 29.74 -20.22
CA LEU D 62 -41.68 29.55 -20.38
C LEU D 62 -41.26 30.32 -21.64
N CME D 63 -41.91 30.04 -22.78
CA CME D 63 -41.58 30.70 -24.06
CB CME D 63 -42.41 30.24 -25.25
SG CME D 63 -41.69 28.99 -26.36
SD CME D 63 -39.73 29.50 -26.62
CE CME D 63 -39.51 29.79 -28.41
CZ CME D 63 -39.09 28.57 -29.20
OH CME D 63 -39.80 28.47 -30.43
C CME D 63 -41.62 32.20 -23.81
O CME D 63 -40.60 32.88 -24.05
N ARG D 64 -42.70 32.72 -23.26
CA ARG D 64 -42.85 34.19 -23.09
C ARG D 64 -41.86 34.68 -22.01
N PHE D 65 -41.49 33.87 -21.01
CA PHE D 65 -40.42 34.19 -20.04
C PHE D 65 -39.07 34.34 -20.78
N ILE D 66 -38.73 33.36 -21.61
CA ILE D 66 -37.47 33.33 -22.43
C ILE D 66 -37.38 34.61 -23.27
N MET D 67 -38.48 35.03 -23.90
CA MET D 67 -38.47 36.17 -24.87
C MET D 67 -38.36 37.53 -24.15
N SER D 68 -38.86 37.61 -22.92
CA SER D 68 -38.70 38.76 -21.99
C SER D 68 -37.27 38.84 -21.46
N VAL D 69 -36.71 37.71 -21.02
CA VAL D 69 -35.28 37.62 -20.61
C VAL D 69 -34.43 38.12 -21.77
N LYS D 70 -34.58 37.51 -22.95
CA LYS D 70 -33.86 37.92 -24.18
C LYS D 70 -33.94 39.45 -24.33
N LYS D 71 -35.15 39.98 -24.27
CA LYS D 71 -35.42 41.40 -24.60
C LYS D 71 -34.69 42.31 -23.60
N ASN D 72 -34.27 41.80 -22.42
CA ASN D 72 -33.68 42.59 -21.29
C ASN D 72 -32.17 42.31 -21.17
N TYR D 73 -31.61 41.57 -22.12
CA TYR D 73 -30.16 41.53 -22.41
C TYR D 73 -29.87 42.58 -23.46
N ARG D 74 -28.72 43.24 -23.36
CA ARG D 74 -28.33 44.34 -24.26
C ARG D 74 -27.37 43.81 -25.31
N ARG D 75 -27.23 44.56 -26.41
CA ARG D 75 -26.34 44.24 -27.56
C ARG D 75 -24.95 44.80 -27.28
N VAL D 76 -24.35 44.30 -26.19
CA VAL D 76 -22.96 44.58 -25.75
C VAL D 76 -22.11 43.44 -26.31
N PRO D 77 -20.79 43.65 -26.49
CA PRO D 77 -19.94 42.65 -27.14
C PRO D 77 -19.89 41.26 -26.48
N TYR D 78 -20.00 41.19 -25.16
CA TYR D 78 -19.78 39.92 -24.43
C TYR D 78 -20.97 39.59 -23.53
N HIS D 79 -21.34 40.50 -22.60
CA HIS D 79 -22.38 40.23 -21.55
C HIS D 79 -23.80 40.28 -22.14
N ASN D 80 -24.06 39.44 -23.14
CA ASN D 80 -25.24 39.52 -24.04
C ASN D 80 -25.99 38.20 -24.00
N TRP D 81 -27.09 38.13 -24.75
CA TRP D 81 -28.00 36.96 -24.84
C TRP D 81 -27.20 35.68 -25.10
N LYS D 82 -26.18 35.76 -25.97
CA LYS D 82 -25.41 34.59 -26.43
C LYS D 82 -24.65 33.97 -25.24
N HIS D 83 -24.03 34.82 -24.42
CA HIS D 83 -23.37 34.45 -23.14
C HIS D 83 -24.40 33.78 -22.21
N ALA D 84 -25.57 34.39 -22.04
CA ALA D 84 -26.65 33.86 -21.17
C ALA D 84 -26.84 32.37 -21.49
N VAL D 85 -27.05 32.05 -22.78
CA VAL D 85 -27.48 30.70 -23.23
C VAL D 85 -26.27 29.77 -23.16
N THR D 86 -25.07 30.33 -23.31
CA THR D 86 -23.80 29.59 -23.24
C THR D 86 -23.66 29.07 -21.82
N VAL D 87 -23.76 29.98 -20.86
CA VAL D 87 -23.63 29.65 -19.43
C VAL D 87 -24.71 28.61 -19.07
N ALA D 88 -25.94 28.78 -19.55
CA ALA D 88 -27.04 27.80 -19.34
C ALA D 88 -26.61 26.41 -19.81
N HIS D 89 -26.03 26.30 -21.01
CA HIS D 89 -25.65 25.00 -21.60
C HIS D 89 -24.59 24.28 -20.75
N CYS D 90 -23.59 24.99 -20.26
CA CYS D 90 -22.55 24.45 -19.35
C CYS D 90 -23.24 23.83 -18.12
N MET D 91 -24.18 24.55 -17.53
CA MET D 91 -24.93 24.09 -16.34
C MET D 91 -25.72 22.83 -16.75
N TYR D 92 -26.22 22.79 -17.98
CA TYR D 92 -27.00 21.63 -18.50
C TYR D 92 -26.12 20.38 -18.51
N ALA D 93 -24.96 20.45 -19.19
CA ALA D 93 -23.93 19.39 -19.22
C ALA D 93 -23.64 18.91 -17.79
N ILE D 94 -23.36 19.81 -16.84
CA ILE D 94 -23.04 19.47 -15.42
C ILE D 94 -24.19 18.69 -14.78
N LEU D 95 -25.42 19.22 -14.88
CA LEU D 95 -26.64 18.59 -14.32
C LEU D 95 -26.83 17.19 -14.91
N GLN D 96 -26.70 17.03 -16.24
CA GLN D 96 -26.90 15.72 -16.94
C GLN D 96 -25.87 14.70 -16.46
N ASN D 97 -24.64 15.14 -16.22
CA ASN D 97 -23.47 14.28 -15.92
C ASN D 97 -23.36 14.06 -14.39
N ASN D 98 -24.27 14.64 -13.61
CA ASN D 98 -24.30 14.51 -12.12
C ASN D 98 -25.77 14.40 -11.70
N HIS D 99 -26.58 13.66 -12.46
CA HIS D 99 -28.07 13.80 -12.45
C HIS D 99 -28.64 13.32 -11.10
N THR D 100 -27.94 12.41 -10.41
CA THR D 100 -28.42 11.79 -9.16
C THR D 100 -28.09 12.69 -7.96
N LEU D 101 -27.32 13.76 -8.16
CA LEU D 101 -26.81 14.62 -7.05
C LEU D 101 -27.79 15.72 -6.69
N PHE D 102 -28.63 16.16 -7.63
CA PHE D 102 -29.40 17.44 -7.58
C PHE D 102 -30.90 17.21 -7.46
N THR D 103 -31.53 17.98 -6.57
CA THR D 103 -32.99 17.93 -6.28
C THR D 103 -33.74 18.38 -7.54
N ASP D 104 -35.08 18.37 -7.48
CA ASP D 104 -35.98 18.73 -8.61
C ASP D 104 -36.01 20.26 -8.75
N LEU D 105 -35.94 20.99 -7.62
CA LEU D 105 -35.95 22.47 -7.54
C LEU D 105 -34.62 23.04 -8.04
N GLU D 106 -33.51 22.36 -7.72
CA GLU D 106 -32.15 22.79 -8.17
C GLU D 106 -32.09 22.74 -9.69
N ARG D 107 -32.63 21.68 -10.30
CA ARG D 107 -32.61 21.47 -11.78
C ARG D 107 -33.33 22.64 -12.47
N LYS D 108 -34.58 22.91 -12.06
CA LYS D 108 -35.39 24.05 -12.57
C LYS D 108 -34.63 25.35 -12.30
N GLY D 109 -34.33 25.60 -11.03
CA GLY D 109 -33.76 26.86 -10.50
C GLY D 109 -32.43 27.28 -11.13
N LEU D 110 -31.58 26.34 -11.54
CA LEU D 110 -30.17 26.65 -11.91
C LEU D 110 -30.02 26.98 -13.39
N LEU D 111 -30.78 26.33 -14.29
CA LEU D 111 -30.78 26.69 -15.73
C LEU D 111 -31.35 28.11 -15.86
N ILE D 112 -32.44 28.37 -15.14
CA ILE D 112 -33.11 29.71 -15.10
C ILE D 112 -32.04 30.69 -14.58
N ALA D 113 -31.37 30.32 -13.49
CA ALA D 113 -30.35 31.16 -12.81
C ALA D 113 -29.30 31.56 -13.84
N CYS D 114 -28.81 30.58 -14.61
CA CYS D 114 -27.76 30.80 -15.64
C CYS D 114 -28.31 31.71 -16.73
N LEU D 115 -29.55 31.49 -17.15
CA LEU D 115 -30.19 32.27 -18.27
C LEU D 115 -30.27 33.75 -17.91
N CYS D 116 -30.45 34.07 -16.62
CA CYS D 116 -30.79 35.42 -16.10
C CYS D 116 -29.58 36.01 -15.36
N HIS D 117 -28.48 35.29 -15.28
CA HIS D 117 -27.40 35.60 -14.30
C HIS D 117 -26.73 36.93 -14.66
N ASP D 118 -26.81 37.38 -15.93
CA ASP D 118 -26.25 38.68 -16.36
C ASP D 118 -27.31 39.65 -16.92
N LEU D 119 -28.57 39.51 -16.48
CA LEU D 119 -29.72 40.31 -17.04
C LEU D 119 -29.41 41.81 -16.95
N ASP D 120 -29.52 42.53 -18.07
CA ASP D 120 -29.47 44.02 -18.15
C ASP D 120 -28.04 44.50 -17.83
N HIS D 121 -27.04 43.67 -18.14
CA HIS D 121 -25.60 44.06 -18.12
C HIS D 121 -25.38 45.18 -19.13
N ARG D 122 -24.60 46.19 -18.74
CA ARG D 122 -24.30 47.39 -19.57
C ARG D 122 -22.95 47.20 -20.26
N GLY D 123 -22.21 46.16 -19.88
CA GLY D 123 -20.87 45.86 -20.40
C GLY D 123 -19.81 46.53 -19.55
N PHE D 124 -20.15 46.83 -18.30
CA PHE D 124 -19.28 47.54 -17.33
C PHE D 124 -19.27 46.81 -16.00
N SER D 125 -18.07 46.66 -15.43
CA SER D 125 -17.80 46.04 -14.12
C SER D 125 -18.43 46.88 -13.01
N ASN D 126 -18.75 46.21 -11.90
CA ASN D 126 -19.15 46.82 -10.58
C ASN D 126 -18.18 47.96 -10.21
N SER D 127 -16.88 47.71 -10.39
CA SER D 127 -15.79 48.64 -10.01
C SER D 127 -16.04 49.97 -10.72
N TYR D 128 -16.41 49.92 -12.00
CA TYR D 128 -16.57 51.12 -12.87
C TYR D 128 -17.88 51.84 -12.49
N LEU D 129 -18.98 51.11 -12.30
CA LEU D 129 -20.27 51.65 -11.76
C LEU D 129 -19.99 52.40 -10.45
N GLN D 130 -19.04 51.90 -9.66
CA GLN D 130 -18.69 52.43 -8.32
C GLN D 130 -17.90 53.72 -8.54
N LYS D 131 -17.00 53.74 -9.52
CA LYS D 131 -16.10 54.90 -9.77
C LYS D 131 -16.90 55.97 -10.50
N PHE D 132 -17.85 55.58 -11.34
CA PHE D 132 -18.79 56.48 -12.04
C PHE D 132 -19.80 57.08 -11.05
N ASP D 133 -20.09 56.39 -9.94
CA ASP D 133 -21.09 56.83 -8.94
C ASP D 133 -22.47 56.50 -9.53
N HIS D 134 -22.60 55.37 -10.22
CA HIS D 134 -23.86 55.00 -10.93
C HIS D 134 -24.97 54.78 -9.91
N PRO D 135 -26.22 55.25 -10.16
CA PRO D 135 -27.36 54.98 -9.27
C PRO D 135 -27.43 53.55 -8.70
N LEU D 136 -27.18 52.55 -9.55
CA LEU D 136 -27.13 51.14 -9.11
C LEU D 136 -26.13 50.99 -7.94
N ALA D 137 -24.97 51.65 -8.01
CA ALA D 137 -23.91 51.60 -6.97
C ALA D 137 -24.43 52.09 -5.61
N ALA D 138 -25.34 53.06 -5.60
CA ALA D 138 -25.95 53.65 -4.39
C ALA D 138 -26.94 52.66 -3.79
N LEU D 139 -27.60 51.93 -4.64
CA LEU D 139 -28.70 51.01 -4.27
C LEU D 139 -28.12 49.69 -3.76
N TYR D 140 -27.03 49.21 -4.36
CA TYR D 140 -26.35 47.93 -4.06
C TYR D 140 -24.87 48.21 -3.88
N SER D 141 -24.39 48.28 -2.65
CA SER D 141 -22.99 48.70 -2.33
C SER D 141 -22.01 47.55 -2.62
N THR D 142 -22.47 46.30 -2.63
CA THR D 142 -21.65 45.10 -2.94
C THR D 142 -22.34 44.29 -4.05
N SER D 143 -21.54 43.52 -4.81
CA SER D 143 -22.03 42.66 -5.92
C SER D 143 -23.15 43.39 -6.64
N THR D 144 -22.85 44.63 -7.07
CA THR D 144 -23.81 45.64 -7.57
C THR D 144 -24.60 45.04 -8.74
N MET D 145 -23.94 44.82 -9.89
CA MET D 145 -24.59 44.27 -11.10
C MET D 145 -25.34 43.02 -10.69
N GLU D 146 -24.72 42.18 -9.86
CA GLU D 146 -25.22 40.82 -9.56
C GLU D 146 -26.58 40.92 -8.85
N GLN D 147 -26.76 41.87 -7.93
CA GLN D 147 -28.07 42.07 -7.25
C GLN D 147 -29.08 42.68 -8.22
N HIS D 148 -28.61 43.53 -9.13
CA HIS D 148 -29.46 44.12 -10.21
C HIS D 148 -30.01 42.97 -11.07
N HIS D 149 -29.17 41.98 -11.39
CA HIS D 149 -29.51 40.88 -12.33
C HIS D 149 -30.66 40.09 -11.72
N PHE D 150 -30.57 39.82 -10.41
CA PHE D 150 -31.55 39.03 -9.61
C PHE D 150 -32.83 39.84 -9.40
N SER D 151 -32.69 41.15 -9.32
CA SER D 151 -33.82 42.12 -9.29
C SER D 151 -34.57 42.05 -10.63
N GLN D 152 -33.85 42.17 -11.76
CA GLN D 152 -34.44 42.07 -13.12
C GLN D 152 -35.19 40.74 -13.27
N THR D 153 -34.56 39.62 -12.85
CA THR D 153 -35.11 38.24 -12.95
C THR D 153 -36.52 38.21 -12.31
N VAL D 154 -36.64 38.72 -11.08
CA VAL D 154 -37.91 38.78 -10.27
C VAL D 154 -38.94 39.67 -10.99
N SER D 155 -38.56 40.89 -11.38
CA SER D 155 -39.38 41.79 -12.25
C SER D 155 -40.07 41.03 -13.39
N ILE D 156 -39.36 40.10 -14.06
CA ILE D 156 -39.89 39.43 -15.28
C ILE D 156 -40.87 38.33 -14.85
N LEU D 157 -40.54 37.58 -13.78
CA LEU D 157 -41.44 36.51 -13.22
C LEU D 157 -42.80 37.13 -12.83
N GLN D 158 -42.80 38.39 -12.41
CA GLN D 158 -43.99 39.12 -11.90
C GLN D 158 -44.75 39.78 -13.05
N LEU D 159 -44.26 39.63 -14.27
CA LEU D 159 -44.98 40.01 -15.51
C LEU D 159 -46.17 39.06 -15.64
N GLU D 160 -47.30 39.60 -16.14
CA GLU D 160 -48.52 38.83 -16.45
C GLU D 160 -48.15 37.66 -17.38
N GLY D 161 -48.45 36.43 -16.95
CA GLY D 161 -48.33 35.20 -17.75
C GLY D 161 -46.90 34.69 -17.89
N HIS D 162 -45.97 35.17 -17.05
CA HIS D 162 -44.51 34.86 -17.13
C HIS D 162 -44.08 33.96 -15.98
N ASN D 163 -44.87 33.86 -14.92
CA ASN D 163 -44.45 33.06 -13.74
C ASN D 163 -44.44 31.58 -14.12
N ILE D 164 -43.25 31.08 -14.47
CA ILE D 164 -42.93 29.66 -14.80
C ILE D 164 -42.96 28.82 -13.50
N PHE D 165 -42.92 29.47 -12.34
CA PHE D 165 -42.93 28.80 -11.01
C PHE D 165 -44.34 28.79 -10.39
N SER D 166 -45.37 29.17 -11.17
CA SER D 166 -46.82 29.20 -10.80
C SER D 166 -47.30 27.89 -10.17
N THR D 167 -46.65 26.77 -10.50
CA THR D 167 -47.08 25.39 -10.14
C THR D 167 -46.28 24.86 -8.95
N LEU D 168 -45.57 25.72 -8.20
CA LEU D 168 -44.86 25.33 -6.95
C LEU D 168 -45.67 25.87 -5.77
N SER D 169 -45.68 25.15 -4.64
CA SER D 169 -46.16 25.65 -3.33
C SER D 169 -45.38 26.91 -2.92
N SER D 170 -45.91 27.67 -1.95
CA SER D 170 -45.37 28.98 -1.47
C SER D 170 -44.02 28.78 -0.78
N SER D 171 -43.79 27.54 -0.33
CA SER D 171 -42.53 27.06 0.31
C SER D 171 -41.49 26.71 -0.75
N GLU D 172 -41.88 25.86 -1.72
CA GLU D 172 -41.03 25.44 -2.87
C GLU D 172 -40.69 26.65 -3.73
N TYR D 173 -41.67 27.53 -3.93
CA TYR D 173 -41.50 28.75 -4.76
C TYR D 173 -40.43 29.62 -4.14
N GLU D 174 -40.55 29.86 -2.83
CA GLU D 174 -39.62 30.73 -2.09
C GLU D 174 -38.24 30.07 -2.09
N GLN D 175 -38.24 28.75 -2.15
CA GLN D 175 -37.04 27.88 -2.17
C GLN D 175 -36.28 28.14 -3.46
N VAL D 176 -36.90 27.86 -4.62
CA VAL D 176 -36.26 27.97 -5.96
C VAL D 176 -35.71 29.39 -6.16
N LEU D 177 -36.43 30.41 -5.68
CA LEU D 177 -36.06 31.86 -5.80
C LEU D 177 -34.80 32.13 -4.98
N GLU D 178 -34.64 31.41 -3.89
CA GLU D 178 -33.45 31.51 -3.00
C GLU D 178 -32.21 30.86 -3.66
N ILE D 179 -32.39 29.68 -4.27
CA ILE D 179 -31.39 28.98 -5.15
C ILE D 179 -30.89 29.96 -6.21
N ILE D 180 -31.83 30.58 -6.96
CA ILE D 180 -31.57 31.49 -8.11
C ILE D 180 -30.79 32.73 -7.61
N ARG D 181 -31.14 33.25 -6.45
CA ARG D 181 -30.53 34.47 -5.89
C ARG D 181 -29.07 34.18 -5.49
N LYS D 182 -28.85 33.06 -4.81
CA LYS D 182 -27.52 32.68 -4.30
C LYS D 182 -26.61 32.43 -5.51
N ALA D 183 -27.13 31.65 -6.46
CA ALA D 183 -26.46 31.26 -7.72
C ALA D 183 -26.06 32.51 -8.52
N ILE D 184 -26.98 33.46 -8.71
CA ILE D 184 -26.69 34.71 -9.49
C ILE D 184 -25.66 35.58 -8.76
N ILE D 185 -25.72 35.68 -7.43
CA ILE D 185 -24.78 36.52 -6.64
C ILE D 185 -23.37 35.89 -6.68
N ALA D 186 -23.30 34.57 -6.83
CA ALA D 186 -22.04 33.77 -6.86
C ALA D 186 -21.22 34.17 -8.09
N THR D 187 -21.88 34.63 -9.16
CA THR D 187 -21.23 35.05 -10.43
C THR D 187 -20.42 36.33 -10.20
N ASP D 188 -20.50 36.94 -9.01
CA ASP D 188 -19.52 37.96 -8.54
C ASP D 188 -18.19 37.25 -8.29
N LEU D 189 -17.22 37.41 -9.17
CA LEU D 189 -15.91 36.71 -9.09
C LEU D 189 -15.21 37.12 -7.79
N ALA D 190 -15.34 38.37 -7.37
CA ALA D 190 -14.85 38.87 -6.07
C ALA D 190 -15.16 37.85 -4.95
N LEU D 191 -16.27 37.13 -5.05
CA LEU D 191 -16.75 36.18 -3.99
C LEU D 191 -16.21 34.77 -4.25
N TYR D 192 -15.84 34.47 -5.50
CA TYR D 192 -15.44 33.11 -5.97
C TYR D 192 -14.26 32.61 -5.13
N PHE D 193 -13.29 33.50 -4.91
CA PHE D 193 -11.95 33.23 -4.29
C PHE D 193 -12.16 32.69 -2.87
N GLY D 194 -12.97 33.41 -2.07
CA GLY D 194 -13.39 32.96 -0.72
C GLY D 194 -14.11 31.62 -0.77
N ASN D 195 -15.04 31.45 -1.71
CA ASN D 195 -15.86 30.21 -1.81
C ASN D 195 -14.96 29.02 -2.15
N ARG D 196 -14.05 29.15 -3.12
CA ARG D 196 -13.19 28.03 -3.58
C ARG D 196 -12.18 27.60 -2.49
N LYS D 197 -11.57 28.56 -1.78
CA LYS D 197 -10.61 28.28 -0.67
C LYS D 197 -11.32 27.52 0.45
N GLN D 198 -12.62 27.74 0.64
CA GLN D 198 -13.45 27.01 1.63
C GLN D 198 -13.65 25.57 1.19
N LEU D 199 -14.21 25.39 -0.01
CA LEU D 199 -14.54 24.07 -0.60
C LEU D 199 -13.28 23.21 -0.60
N GLU D 200 -12.19 23.74 -1.18
CA GLU D 200 -10.84 23.14 -1.22
C GLU D 200 -10.59 22.43 0.12
N GLU D 201 -10.64 23.21 1.20
CA GLU D 201 -10.33 22.78 2.59
C GLU D 201 -11.30 21.70 3.06
N MET D 202 -12.60 21.94 2.91
CA MET D 202 -13.69 20.98 3.24
C MET D 202 -13.52 19.67 2.47
N TYR D 203 -13.28 19.72 1.14
CA TYR D 203 -13.15 18.52 0.27
C TYR D 203 -11.93 17.67 0.68
N GLN D 204 -10.80 18.33 0.94
CA GLN D 204 -9.47 17.69 1.16
C GLN D 204 -9.44 17.06 2.56
N THR D 205 -9.91 17.79 3.57
CA THR D 205 -9.95 17.34 4.99
C THR D 205 -11.19 16.45 5.24
N GLY D 206 -12.00 16.18 4.22
CA GLY D 206 -13.13 15.22 4.25
C GLY D 206 -14.27 15.68 5.15
N SER D 207 -14.44 16.99 5.32
CA SER D 207 -15.56 17.62 6.09
C SER D 207 -16.68 18.11 5.15
N LEU D 208 -16.52 18.02 3.81
CA LEU D 208 -17.59 18.39 2.85
C LEU D 208 -18.76 17.41 3.01
N ASN D 209 -19.98 17.94 2.95
CA ASN D 209 -21.25 17.22 3.25
C ASN D 209 -22.38 17.86 2.45
N LEU D 210 -22.81 17.23 1.35
CA LEU D 210 -23.89 17.75 0.47
C LEU D 210 -25.26 17.63 1.15
N ASN D 211 -25.38 16.89 2.26
CA ASN D 211 -26.59 16.87 3.14
C ASN D 211 -26.59 18.13 4.00
N ASN D 212 -25.60 19.00 3.81
CA ASN D 212 -25.50 20.34 4.45
C ASN D 212 -25.87 21.35 3.37
N GLN D 213 -26.98 22.08 3.55
CA GLN D 213 -27.47 23.12 2.59
C GLN D 213 -26.36 24.13 2.31
N SER D 214 -25.73 24.62 3.38
CA SER D 214 -24.63 25.63 3.40
C SER D 214 -23.48 25.16 2.49
N HIS D 215 -23.13 23.89 2.58
CA HIS D 215 -22.12 23.21 1.72
C HIS D 215 -22.60 23.19 0.26
N ARG D 216 -23.87 22.84 0.03
CA ARG D 216 -24.50 22.77 -1.31
C ARG D 216 -24.41 24.12 -2.00
N ASP D 217 -24.77 25.20 -1.30
CA ASP D 217 -24.78 26.57 -1.85
C ASP D 217 -23.37 26.93 -2.31
N ARG D 218 -22.35 26.63 -1.50
CA ARG D 218 -20.94 26.87 -1.89
C ARG D 218 -20.61 26.13 -3.18
N VAL D 219 -20.95 24.84 -3.25
CA VAL D 219 -20.71 23.98 -4.44
C VAL D 219 -21.40 24.64 -5.64
N ILE D 220 -22.71 24.89 -5.53
CA ILE D 220 -23.54 25.61 -6.55
C ILE D 220 -22.83 26.93 -6.91
N GLY D 221 -22.42 27.71 -5.90
CA GLY D 221 -21.57 28.91 -6.11
C GLY D 221 -20.44 28.65 -7.09
N LEU D 222 -19.65 27.59 -6.85
CA LEU D 222 -18.46 27.24 -7.67
C LEU D 222 -18.90 26.80 -9.07
N MET D 223 -19.96 26.01 -9.14
CA MET D 223 -20.55 25.54 -10.43
C MET D 223 -20.92 26.77 -11.27
N MET D 224 -21.45 27.79 -10.61
CA MET D 224 -21.86 29.04 -11.29
C MET D 224 -20.60 29.70 -11.85
N THR D 225 -19.53 29.87 -11.06
CA THR D 225 -18.30 30.52 -11.60
C THR D 225 -17.81 29.70 -12.80
N ALA D 226 -17.74 28.36 -12.66
CA ALA D 226 -17.27 27.40 -13.66
C ALA D 226 -18.02 27.59 -14.98
N CYS D 227 -19.36 27.59 -14.90
CA CYS D 227 -20.28 27.80 -16.05
C CYS D 227 -20.05 29.17 -16.69
N ASP D 228 -19.76 30.14 -15.84
CA ASP D 228 -19.63 31.56 -16.20
C ASP D 228 -18.30 31.78 -16.95
N LEU D 229 -17.24 31.06 -16.58
CA LEU D 229 -15.89 31.23 -17.17
C LEU D 229 -15.71 30.21 -18.31
N CYS D 230 -16.79 29.54 -18.73
CA CYS D 230 -16.77 28.33 -19.61
C CYS D 230 -16.31 28.62 -21.05
N SER D 231 -16.08 29.87 -21.44
CA SER D 231 -15.44 30.19 -22.74
C SER D 231 -14.05 29.52 -22.80
N VAL D 232 -13.40 29.33 -21.65
CA VAL D 232 -12.00 28.81 -21.51
C VAL D 232 -11.97 27.27 -21.59
N THR D 233 -13.11 26.61 -21.69
CA THR D 233 -13.25 25.13 -21.82
C THR D 233 -13.82 24.78 -23.19
N LYS D 234 -13.84 25.74 -24.10
CA LYS D 234 -14.29 25.52 -25.50
C LYS D 234 -13.07 25.22 -26.34
N LEU D 235 -13.33 24.75 -27.55
CA LEU D 235 -12.27 24.49 -28.55
C LEU D 235 -11.56 25.81 -28.83
N TRP D 236 -10.24 25.74 -28.98
CA TRP D 236 -9.29 26.88 -29.01
C TRP D 236 -9.80 28.05 -29.85
N PRO D 237 -10.36 27.80 -31.07
CA PRO D 237 -10.87 28.87 -31.93
C PRO D 237 -12.04 29.64 -31.28
N VAL D 238 -12.96 28.94 -30.59
CA VAL D 238 -14.10 29.54 -29.82
C VAL D 238 -13.54 30.38 -28.67
N THR D 239 -12.59 29.82 -27.91
CA THR D 239 -11.93 30.46 -26.74
C THR D 239 -11.24 31.77 -27.17
N LYS D 240 -10.48 31.71 -28.27
CA LYS D 240 -9.68 32.83 -28.81
C LYS D 240 -10.61 33.93 -29.36
N LEU D 241 -11.68 33.54 -30.07
CA LEU D 241 -12.63 34.52 -30.68
C LEU D 241 -13.54 35.15 -29.62
N THR D 242 -13.90 34.41 -28.57
CA THR D 242 -14.65 34.94 -27.39
C THR D 242 -13.78 35.97 -26.66
N ALA D 243 -12.47 35.69 -26.61
CA ALA D 243 -11.48 36.54 -25.91
C ALA D 243 -11.58 37.96 -26.47
N ASN D 244 -11.85 38.05 -27.78
CA ASN D 244 -11.94 39.31 -28.57
C ASN D 244 -13.12 40.16 -28.04
N ASP D 245 -14.33 39.57 -28.04
CA ASP D 245 -15.55 40.14 -27.39
C ASP D 245 -15.23 40.58 -25.95
N ILE D 246 -14.50 39.75 -25.20
CA ILE D 246 -14.22 40.05 -23.78
C ILE D 246 -13.41 41.35 -23.74
N TYR D 247 -12.40 41.47 -24.59
CA TYR D 247 -11.47 42.63 -24.61
C TYR D 247 -12.16 43.86 -25.20
N ALA D 248 -13.09 43.70 -26.15
CA ALA D 248 -13.91 44.81 -26.66
C ALA D 248 -14.54 45.52 -25.46
N GLU D 249 -15.16 44.77 -24.55
CA GLU D 249 -15.80 45.39 -23.36
C GLU D 249 -14.73 45.99 -22.45
N PHE D 250 -13.71 45.20 -22.10
CA PHE D 250 -12.72 45.58 -21.07
C PHE D 250 -12.06 46.90 -21.44
N TRP D 251 -11.74 47.10 -22.72
CA TRP D 251 -10.95 48.25 -23.22
C TRP D 251 -11.85 49.48 -23.30
N ALA D 252 -13.10 49.32 -23.74
CA ALA D 252 -14.15 50.39 -23.65
C ALA D 252 -14.19 50.88 -22.21
N GLU D 253 -14.23 49.95 -21.25
CA GLU D 253 -14.31 50.27 -19.81
C GLU D 253 -13.01 50.99 -19.41
N GLY D 254 -11.87 50.49 -19.87
CA GLY D 254 -10.58 51.17 -19.65
C GLY D 254 -10.68 52.60 -20.13
N ASP D 255 -11.10 52.79 -21.38
CA ASP D 255 -11.35 54.12 -22.00
C ASP D 255 -12.21 55.00 -21.08
N GLU D 256 -13.30 54.46 -20.55
CA GLU D 256 -14.24 55.23 -19.68
C GLU D 256 -13.50 55.65 -18.38
N MET D 257 -12.67 54.75 -17.85
CA MET D 257 -11.81 54.98 -16.66
C MET D 257 -10.87 56.16 -16.95
N LYS D 258 -10.25 56.18 -18.14
CA LYS D 258 -9.33 57.24 -18.60
C LYS D 258 -10.09 58.57 -18.69
N LYS D 259 -11.34 58.51 -19.18
CA LYS D 259 -12.24 59.68 -19.23
C LYS D 259 -12.57 60.17 -17.81
N LEU D 260 -12.65 59.26 -16.83
CA LEU D 260 -12.92 59.64 -15.41
C LEU D 260 -11.67 60.22 -14.74
N GLY D 261 -10.53 60.33 -15.44
CA GLY D 261 -9.24 60.78 -14.85
C GLY D 261 -8.46 59.64 -14.22
N ILE D 262 -8.87 58.39 -14.46
CA ILE D 262 -8.35 57.18 -13.76
C ILE D 262 -7.61 56.26 -14.76
N GLN D 263 -6.32 56.03 -14.51
CA GLN D 263 -5.52 55.01 -15.23
C GLN D 263 -6.12 53.65 -14.89
N PRO D 264 -6.65 52.87 -15.85
CA PRO D 264 -7.26 51.58 -15.51
C PRO D 264 -6.19 50.51 -15.27
N ILE D 265 -6.58 49.39 -14.66
CA ILE D 265 -5.76 48.13 -14.59
C ILE D 265 -5.43 47.66 -16.01
N PRO D 266 -4.21 47.11 -16.23
CA PRO D 266 -3.67 46.86 -17.57
C PRO D 266 -4.55 45.99 -18.48
N MET D 267 -5.22 45.03 -17.85
CA MET D 267 -6.17 44.11 -18.52
C MET D 267 -7.18 44.92 -19.35
N MET D 268 -7.62 46.07 -18.81
CA MET D 268 -8.67 46.93 -19.39
C MET D 268 -8.06 48.13 -20.13
N ASP D 269 -6.76 48.09 -20.42
CA ASP D 269 -6.06 49.13 -21.22
C ASP D 269 -5.78 48.56 -22.62
N ARG D 270 -6.27 49.23 -23.68
CA ARG D 270 -6.09 48.81 -25.10
C ARG D 270 -4.67 49.14 -25.56
N ASP D 271 -3.97 50.04 -24.86
CA ASP D 271 -2.55 50.38 -25.14
C ASP D 271 -1.63 49.23 -24.70
N LYS D 272 -2.09 48.33 -23.81
CA LYS D 272 -1.32 47.14 -23.34
C LYS D 272 -1.87 45.84 -23.96
N LYS D 273 -2.43 45.97 -25.17
CA LYS D 273 -2.89 44.89 -26.11
C LYS D 273 -1.83 43.80 -26.27
N ASP D 274 -0.58 44.22 -26.47
CA ASP D 274 0.61 43.34 -26.71
C ASP D 274 0.70 42.28 -25.61
N GLU D 275 0.37 42.64 -24.36
CA GLU D 275 0.58 41.80 -23.14
C GLU D 275 -0.57 40.80 -22.94
N VAL D 276 -1.46 40.64 -23.92
CA VAL D 276 -2.74 39.86 -23.77
C VAL D 276 -2.44 38.38 -23.49
N PRO D 277 -1.66 37.68 -24.33
CA PRO D 277 -1.35 36.27 -24.10
C PRO D 277 -0.85 35.99 -22.67
N GLN D 278 0.06 36.83 -22.17
CA GLN D 278 0.60 36.85 -20.78
C GLN D 278 -0.54 37.00 -19.76
N GLY D 279 -1.45 37.96 -19.97
CA GLY D 279 -2.63 38.17 -19.10
C GLY D 279 -3.48 36.93 -18.96
N GLN D 280 -3.82 36.29 -20.09
CA GLN D 280 -4.60 35.02 -20.14
C GLN D 280 -3.86 33.95 -19.32
N LEU D 281 -2.56 33.82 -19.57
CA LEU D 281 -1.65 32.91 -18.83
C LEU D 281 -1.89 33.11 -17.34
N GLY D 282 -1.88 34.38 -16.91
CA GLY D 282 -2.13 34.78 -15.52
C GLY D 282 -3.49 34.27 -15.04
N PHE D 283 -4.54 34.47 -15.86
CA PHE D 283 -5.95 34.23 -15.47
C PHE D 283 -6.21 32.72 -15.30
N TYR D 284 -5.67 31.90 -16.21
CA TYR D 284 -5.83 30.41 -16.16
C TYR D 284 -5.17 29.85 -14.89
N ASN D 285 -3.95 30.34 -14.60
CA ASN D 285 -3.13 29.99 -13.42
C ASN D 285 -3.81 30.51 -12.14
N ALA D 286 -4.17 31.80 -12.08
CA ALA D 286 -4.72 32.43 -10.85
C ALA D 286 -6.22 32.15 -10.65
N VAL D 287 -6.97 31.66 -11.66
CA VAL D 287 -8.47 31.59 -11.54
C VAL D 287 -9.02 30.32 -12.20
N ALA D 288 -8.93 30.22 -13.52
CA ALA D 288 -9.63 29.19 -14.33
C ALA D 288 -9.23 27.78 -13.87
N ILE D 289 -7.92 27.47 -13.81
CA ILE D 289 -7.43 26.10 -13.46
C ILE D 289 -7.85 25.78 -12.02
N PRO D 290 -7.57 26.62 -10.98
CA PRO D 290 -8.06 26.33 -9.63
C PRO D 290 -9.60 26.13 -9.56
N CYS D 291 -10.32 26.94 -10.33
CA CYS D 291 -11.80 26.84 -10.46
C CYS D 291 -12.20 25.40 -10.83
N TYR D 292 -11.72 24.91 -11.98
CA TYR D 292 -12.17 23.64 -12.63
C TYR D 292 -11.50 22.43 -11.97
N THR D 293 -10.37 22.66 -11.31
CA THR D 293 -9.67 21.66 -10.46
C THR D 293 -10.56 21.32 -9.27
N THR D 294 -10.82 22.31 -8.42
CA THR D 294 -11.67 22.12 -7.23
C THR D 294 -13.03 21.55 -7.64
N LEU D 295 -13.51 21.89 -8.84
CA LEU D 295 -14.88 21.47 -9.27
C LEU D 295 -14.84 20.00 -9.68
N THR D 296 -13.86 19.61 -10.50
CA THR D 296 -13.61 18.19 -10.92
C THR D 296 -13.38 17.32 -9.67
N GLN D 297 -12.65 17.83 -8.68
CA GLN D 297 -12.45 17.16 -7.37
C GLN D 297 -13.81 16.77 -6.80
N ILE D 298 -14.73 17.74 -6.64
CA ILE D 298 -16.04 17.57 -5.93
C ILE D 298 -17.08 16.87 -6.83
N LEU D 299 -17.00 17.04 -8.16
CA LEU D 299 -17.93 16.43 -9.17
C LEU D 299 -17.07 15.86 -10.30
N PRO D 300 -16.50 14.65 -10.13
CA PRO D 300 -15.60 14.03 -11.11
C PRO D 300 -16.01 14.06 -12.58
N PRO D 301 -17.32 13.95 -12.95
CA PRO D 301 -17.74 14.00 -14.35
C PRO D 301 -17.61 15.38 -15.05
N THR D 302 -17.19 16.43 -14.30
CA THR D 302 -16.91 17.80 -14.80
C THR D 302 -15.45 17.93 -15.26
N GLU D 303 -14.73 16.80 -15.30
CA GLU D 303 -13.28 16.71 -15.66
C GLU D 303 -13.04 17.25 -17.07
N PRO D 304 -13.90 17.02 -18.10
CA PRO D 304 -13.66 17.60 -19.43
C PRO D 304 -13.50 19.12 -19.43
N LEU D 305 -14.13 19.85 -18.49
CA LEU D 305 -13.92 21.31 -18.27
C LEU D 305 -12.45 21.58 -17.93
N LEU D 306 -11.92 20.86 -16.92
CA LEU D 306 -10.51 20.97 -16.48
C LEU D 306 -9.57 20.58 -17.64
N LYS D 307 -9.87 19.48 -18.33
CA LYS D 307 -9.08 19.04 -19.51
C LYS D 307 -9.04 20.20 -20.51
N ALA D 308 -10.22 20.65 -20.95
CA ALA D 308 -10.39 21.70 -21.98
C ALA D 308 -9.61 22.96 -21.58
N CYS D 309 -9.68 23.34 -20.30
CA CYS D 309 -9.00 24.54 -19.72
C CYS D 309 -7.48 24.40 -19.89
N ARG D 310 -6.93 23.27 -19.48
CA ARG D 310 -5.47 23.00 -19.51
C ARG D 310 -4.98 23.03 -20.97
N ASP D 311 -5.75 22.45 -21.91
CA ASP D 311 -5.42 22.50 -23.36
C ASP D 311 -5.32 23.95 -23.80
N ASN D 312 -6.26 24.79 -23.37
CA ASN D 312 -6.35 26.21 -23.81
C ASN D 312 -5.21 26.99 -23.14
N LEU D 313 -4.83 26.67 -21.91
CA LEU D 313 -3.63 27.28 -21.27
C LEU D 313 -2.40 27.05 -22.17
N SER D 314 -2.29 25.85 -22.75
CA SER D 314 -1.11 25.39 -23.54
C SER D 314 -1.19 26.03 -24.94
N GLN D 315 -2.38 26.43 -25.38
CA GLN D 315 -2.57 27.25 -26.60
C GLN D 315 -1.97 28.65 -26.37
N TRP D 316 -2.36 29.34 -25.30
CA TRP D 316 -1.88 30.70 -24.92
C TRP D 316 -0.36 30.68 -24.71
N GLU D 317 0.18 29.61 -24.11
CA GLU D 317 1.65 29.38 -23.95
C GLU D 317 2.35 29.28 -25.33
N LYS D 318 1.73 28.62 -26.31
CA LYS D 318 2.24 28.61 -27.71
C LYS D 318 2.32 30.04 -28.24
N VAL D 319 1.18 30.76 -28.19
CA VAL D 319 1.02 32.16 -28.68
C VAL D 319 2.18 33.01 -28.13
N ILE D 320 2.50 32.87 -26.84
CA ILE D 320 3.48 33.71 -26.10
C ILE D 320 4.87 33.62 -26.75
N ARG D 321 5.07 32.65 -27.66
CA ARG D 321 6.27 32.55 -28.55
C ARG D 321 5.83 32.36 -30.01
N GLY D 322 5.24 31.18 -30.29
CA GLY D 322 4.90 30.70 -31.63
C GLY D 322 4.76 29.19 -31.63
N3 K63 E . 13.92 -15.28 29.63
C4 K63 E . 14.80 -16.29 29.76
C5 K63 E . 12.77 -16.10 31.55
C7 K63 E . 12.93 -15.16 30.50
C8 K63 E . 15.62 -18.31 30.84
C10 K63 E . 13.57 -19.03 34.57
C13 K63 E . 18.79 -16.74 25.67
C15 K63 E . 17.74 -16.60 26.70
C17 K63 E . 18.82 -17.86 24.83
C20 K63 E . 17.23 -16.38 29.08
C21 K63 E . 16.37 -16.65 26.38
C22 K63 E . 18.14 -16.49 28.04
C28 K63 E . 19.76 -15.78 25.60
C1 K63 E . 14.71 -17.24 30.75
C2 K63 E . 13.68 -17.12 31.67
N6 K63 E . 13.45 -18.02 32.64
N9 K63 E . 16.37 -19.15 30.84
C11 K63 E . 14.34 -18.04 33.75
C12 K63 E . 15.87 -16.42 28.77
C14 K63 E . 11.73 -16.02 32.45
O16 K63 E . 12.43 -18.82 35.04
C18 K63 E . 12.01 -14.12 30.41
C19 K63 E . 15.46 -16.54 27.43
C23 K63 E . 10.85 -15.00 32.30
O24 K63 E . 14.20 -20.21 34.70
C25 K63 E . 10.97 -14.06 31.30
F26 K63 E . 9.82 -14.89 33.16
O27 K63 E . 17.82 -18.82 24.95
C29 K63 E . 15.55 -18.74 33.18
C30 K63 E . 19.87 -17.97 23.93
C31 K63 E . 18.12 -20.22 24.87
C32 K63 E . 17.36 -20.92 26.02
C33 K63 E . 20.78 -15.89 24.69
C34 K63 E . 20.79 -16.97 23.86
ZN ZN F . 21.18 -22.60 16.86
MG MG G . 18.93 -25.55 17.47
CL CL H . 6.32 -23.54 9.75
C1 GOL I . 21.81 -7.88 0.96
O1 GOL I . 23.13 -7.44 0.68
C2 GOL I . 20.87 -6.75 1.33
O2 GOL I . 21.59 -5.55 1.61
C3 GOL I . 20.01 -7.05 2.51
O3 GOL I . 19.46 -5.84 2.99
N3 K63 J . 13.65 13.17 12.46
C4 K63 J . 14.12 13.86 11.42
C5 K63 J . 15.21 14.14 13.92
C7 K63 J . 14.16 13.26 13.66
C8 K63 J . 15.58 15.48 10.48
C10 K63 J . 16.24 18.27 13.56
C13 K63 J . 11.95 13.02 6.10
C15 K63 J . 12.49 13.20 7.47
C17 K63 J . 12.73 12.45 5.09
C20 K63 J . 13.03 14.73 9.28
C21 K63 J . 13.03 12.14 8.21
C22 K63 J . 12.51 14.49 8.02
C28 K63 J . 10.66 13.41 5.88
C1 K63 J . 15.16 14.77 11.63
C2 K63 J . 15.74 14.92 12.90
N6 K63 J . 16.74 15.81 13.15
N9 K63 J . 15.84 15.98 9.52
C11 K63 J . 16.33 17.12 12.59
C12 K63 J . 13.54 13.69 10.05
C14 K63 J . 15.75 14.26 15.18
O16 K63 J . 15.78 18.23 14.69
C18 K63 J . 13.67 12.48 14.68
C19 K63 J . 13.55 12.40 9.48
C23 K63 J . 15.24 13.49 16.16
O24 K63 J . 16.67 19.45 13.13
C25 K63 J . 14.20 12.59 15.94
F26 K63 J . 15.76 13.59 17.37
O27 K63 J . 14.00 12.04 5.35
C29 K63 J . 17.38 17.53 11.56
C30 K63 J . 12.21 12.29 3.83
C31 K63 J . 14.99 12.47 4.43
C32 K63 J . 15.96 13.31 5.29
C33 K63 J . 10.14 13.28 4.61
C34 K63 J . 10.89 12.71 3.59
ZN ZN K . 14.40 8.07 -3.32
MG MG L . 18.15 7.47 -3.09
C1 GOL M . -2.51 -5.10 -2.32
O1 GOL M . -1.76 -5.19 -1.10
C2 GOL M . -1.91 -5.96 -3.40
O2 GOL M . -1.76 -7.23 -2.79
C3 GOL M . -2.78 -6.06 -4.65
O3 GOL M . -2.11 -5.82 -5.90
N3 K63 N . -14.57 -3.85 16.21
C4 K63 N . -15.59 -4.49 15.69
C5 K63 N . -15.76 -1.80 16.37
C7 K63 N . -14.60 -2.56 16.55
C8 K63 N . -17.82 -4.56 14.87
C10 K63 N . -20.03 -0.79 15.66
C13 K63 N . -14.80 -9.84 13.80
C15 K63 N . -14.97 -8.47 14.28
C17 K63 N . -15.03 -10.17 12.43
C20 K63 N . -16.31 -6.95 15.59
C21 K63 N . -14.11 -7.45 13.91
C22 K63 N . -16.06 -8.23 15.11
C28 K63 N . -14.48 -10.80 14.71
C1 K63 N . -16.78 -3.80 15.46
C2 K63 N . -16.90 -2.46 15.82
N6 K63 N . -18.07 -1.78 15.55
N9 K63 N . -18.60 -5.22 14.40
C11 K63 N . -19.25 -1.82 16.42
C12 K63 N . -15.45 -5.92 15.27
C14 K63 N . -15.77 -0.43 16.73
O16 K63 N . -19.71 0.41 15.70
C18 K63 N . -13.46 -1.95 17.11
C19 K63 N . -14.37 -6.19 14.39
C23 K63 N . -14.62 0.11 17.28
O24 K63 N . -21.01 -1.26 14.88
C25 K63 N . -13.47 -0.63 17.46
F26 K63 N . -14.57 1.40 17.64
O27 K63 N . -15.35 -9.19 11.55
C29 K63 N . -20.00 -3.16 16.37
C30 K63 N . -14.89 -11.50 12.00
C31 K63 N . -16.40 -9.37 10.56
C32 K63 N . -17.16 -8.03 10.32
C33 K63 N . -14.34 -12.11 14.28
C34 K63 N . -14.53 -12.46 12.96
ZN ZN O . -13.36 -15.66 4.60
MG MG P . -14.23 -13.21 1.84
N3 K63 Q . -5.85 40.24 -19.94
C4 K63 Q . -6.20 39.59 -18.84
C5 K63 Q . -4.06 41.29 -18.72
C7 K63 Q . -4.80 41.09 -19.92
C8 K63 Q . -5.99 39.00 -16.45
C10 K63 Q . -2.77 40.90 -14.29
C13 K63 Q . -10.88 36.28 -19.17
C15 K63 Q . -9.68 37.13 -19.08
C17 K63 Q . -12.01 36.62 -18.43
C20 K63 Q . -7.31 37.31 -18.74
C21 K63 Q . -9.77 38.51 -19.27
C22 K63 Q . -8.45 36.55 -18.81
C28 K63 Q . -10.89 35.13 -20.00
C1 K63 Q . -5.52 39.75 -17.59
C2 K63 Q . -4.39 40.61 -17.54
N6 K63 Q . -3.61 40.96 -16.44
N9 K63 Q . -6.41 38.38 -15.61
C11 K63 Q . -3.09 40.00 -15.46
C12 K63 Q . -7.37 38.69 -18.92
C14 K63 Q . -2.98 42.19 -18.67
O16 K63 Q . -2.04 41.87 -14.43
C18 K63 Q . -4.41 41.81 -21.07
C19 K63 Q . -8.62 39.29 -19.18
C23 K63 Q . -2.63 42.86 -19.82
O24 K63 Q . -3.36 40.64 -13.11
C25 K63 Q . -3.34 42.68 -21.00
F26 K63 Q . -1.59 43.71 -19.78
O27 K63 Q . -11.94 37.72 -17.65
C29 K63 Q . -4.12 38.95 -15.05
C30 K63 Q . -13.15 35.80 -18.49
C31 K63 Q . -12.37 37.60 -16.28
C32 K63 Q . -11.26 38.13 -15.34
C33 K63 Q . -12.02 34.34 -20.05
C34 K63 Q . -13.15 34.67 -19.31
ZN ZN R . -21.88 35.93 -17.02
MG MG S . -21.76 38.93 -14.40
#